data_2JN4
#
_entry.id   2JN4
#
_cell.length_a   1.000
_cell.length_b   1.000
_cell.length_c   1.000
_cell.angle_alpha   90.00
_cell.angle_beta   90.00
_cell.angle_gamma   90.00
#
_symmetry.space_group_name_H-M   'P 1'
#
_entity_poly.entity_id   1
_entity_poly.type   'polypeptide(L)'
_entity_poly.pdbx_seq_one_letter_code
;MGSSHHHHHHSSGRENLYFQGMKVMIRKTATGHSAYVAKKDLEELIVEMENPALWGGKVTLANGWQLELPAMAADTPLPI
TVEARKL
;
_entity_poly.pdbx_strand_id   A
#
# COMPACT_ATOMS: atom_id res chain seq x y z
N MET A 22 2.86 -13.06 -6.02
CA MET A 22 2.46 -12.59 -4.67
C MET A 22 1.25 -11.66 -4.77
N LYS A 23 0.52 -11.52 -3.66
CA LYS A 23 -0.75 -10.77 -3.66
C LYS A 23 -0.80 -9.75 -2.50
N VAL A 24 -1.15 -8.51 -2.84
CA VAL A 24 -1.39 -7.47 -1.84
C VAL A 24 -2.52 -6.56 -2.34
N MET A 25 -3.41 -6.18 -1.44
CA MET A 25 -4.55 -5.35 -1.80
C MET A 25 -4.43 -3.98 -1.13
N ILE A 26 -4.19 -2.95 -1.94
CA ILE A 26 -4.14 -1.58 -1.45
C ILE A 26 -5.55 -1.03 -1.39
N ARG A 27 -6.05 -0.81 -0.19
CA ARG A 27 -7.41 -0.31 0.01
C ARG A 27 -7.37 1.18 0.26
N LYS A 28 -8.26 1.91 -0.41
CA LYS A 28 -8.13 3.36 -0.49
C LYS A 28 -9.41 4.09 -0.11
N THR A 29 -9.20 5.27 0.43
CA THR A 29 -10.22 6.28 0.61
C THR A 29 -9.59 7.62 0.21
N ALA A 30 -10.37 8.70 0.16
CA ALA A 30 -9.82 10.01 -0.17
C ALA A 30 -8.69 10.39 0.78
N THR A 31 -8.95 10.27 2.08
CA THR A 31 -7.95 10.56 3.11
C THR A 31 -7.35 9.27 3.66
N GLY A 32 -8.16 8.21 3.68
CA GLY A 32 -7.73 6.94 4.23
C GLY A 32 -6.78 6.18 3.30
N HIS A 33 -5.73 5.63 3.88
CA HIS A 33 -4.77 4.81 3.13
C HIS A 33 -4.44 3.55 3.91
N SER A 34 -4.86 2.41 3.39
CA SER A 34 -4.64 1.12 4.04
C SER A 34 -4.05 0.10 3.06
N ALA A 35 -3.20 -0.78 3.57
CA ALA A 35 -2.60 -1.82 2.74
C ALA A 35 -2.82 -3.19 3.39
N TYR A 36 -3.38 -4.11 2.62
CA TYR A 36 -3.66 -5.46 3.09
C TYR A 36 -2.69 -6.46 2.45
N VAL A 37 -1.70 -6.89 3.24
CA VAL A 37 -0.78 -7.93 2.82
C VAL A 37 -1.44 -9.31 2.92
N ALA A 38 -1.94 -9.80 1.79
CA ALA A 38 -2.74 -11.03 1.75
C ALA A 38 -2.01 -12.21 2.37
N LYS A 39 -0.74 -12.39 2.00
CA LYS A 39 0.05 -13.55 2.43
C LYS A 39 0.23 -13.60 3.94
N LYS A 40 0.00 -12.47 4.61
CA LYS A 40 0.13 -12.41 6.06
C LYS A 40 -1.21 -12.08 6.70
N ASP A 41 -2.18 -11.71 5.86
CA ASP A 41 -3.50 -11.28 6.31
C ASP A 41 -3.36 -10.03 7.19
N LEU A 42 -2.33 -9.25 6.90
CA LEU A 42 -2.04 -8.03 7.66
C LEU A 42 -2.56 -6.80 6.93
N GLU A 43 -3.53 -6.14 7.52
CA GLU A 43 -4.02 -4.86 7.02
C GLU A 43 -3.60 -3.77 7.98
N GLU A 44 -2.80 -2.83 7.52
CA GLU A 44 -2.27 -1.77 8.38
C GLU A 44 -2.40 -0.41 7.71
N LEU A 45 -2.39 0.63 8.53
CA LEU A 45 -2.50 2.00 8.05
C LEU A 45 -1.17 2.47 7.46
N ILE A 46 -1.26 3.23 6.37
CA ILE A 46 -0.10 3.80 5.72
C ILE A 46 0.33 5.09 6.42
N VAL A 47 1.47 5.04 7.10
CA VAL A 47 1.97 6.19 7.84
C VAL A 47 3.12 6.89 7.10
N GLU A 48 3.79 6.15 6.22
CA GLU A 48 4.91 6.67 5.45
C GLU A 48 4.78 6.27 3.99
N MET A 49 4.98 7.23 3.08
CA MET A 49 4.77 7.00 1.65
C MET A 49 5.99 7.44 0.86
N GLU A 50 6.20 6.84 -0.30
CA GLU A 50 7.21 7.32 -1.25
C GLU A 50 6.77 8.68 -1.78
N ASN A 51 5.54 8.72 -2.26
CA ASN A 51 4.92 9.92 -2.79
C ASN A 51 3.75 10.31 -1.89
N PRO A 52 3.62 11.61 -1.54
CA PRO A 52 2.54 12.13 -0.68
C PRO A 52 1.18 11.46 -0.94
N ALA A 53 0.94 11.05 -2.17
CA ALA A 53 -0.26 10.30 -2.51
C ALA A 53 -0.16 8.88 -1.96
N LEU A 54 0.74 8.08 -2.55
CA LEU A 54 0.96 6.70 -2.13
C LEU A 54 1.99 6.04 -3.04
N TRP A 55 1.57 5.77 -4.27
CA TRP A 55 2.38 5.01 -5.24
C TRP A 55 3.61 5.81 -5.67
N GLY A 56 4.60 5.09 -6.20
CA GLY A 56 5.81 5.71 -6.69
C GLY A 56 7.02 4.83 -6.49
N GLY A 57 7.13 4.26 -5.30
CA GLY A 57 8.24 3.36 -4.99
C GLY A 57 7.93 2.45 -3.83
N LYS A 58 8.16 2.91 -2.61
CA LYS A 58 7.90 2.11 -1.42
C LYS A 58 6.89 2.78 -0.49
N VAL A 59 6.25 1.97 0.33
CA VAL A 59 5.33 2.45 1.36
C VAL A 59 5.62 1.71 2.66
N THR A 60 5.40 2.37 3.78
CA THR A 60 5.63 1.75 5.09
C THR A 60 4.39 1.84 5.95
N LEU A 61 3.95 0.69 6.45
CA LEU A 61 2.77 0.60 7.29
C LEU A 61 3.11 0.95 8.73
N ALA A 62 2.07 1.17 9.54
CA ALA A 62 2.24 1.53 10.95
C ALA A 62 2.85 0.37 11.74
N ASN A 63 2.94 -0.80 11.10
CA ASN A 63 3.52 -1.98 11.72
C ASN A 63 5.03 -2.06 11.48
N GLY A 64 5.51 -1.24 10.55
CA GLY A 64 6.94 -1.21 10.24
C GLY A 64 7.27 -1.94 8.95
N TRP A 65 6.30 -2.71 8.45
CA TRP A 65 6.47 -3.43 7.19
C TRP A 65 6.49 -2.46 6.01
N GLN A 66 7.34 -2.75 5.03
CA GLN A 66 7.44 -1.94 3.82
C GLN A 66 6.96 -2.75 2.62
N LEU A 67 6.15 -2.13 1.77
CA LEU A 67 5.62 -2.77 0.57
C LEU A 67 5.93 -1.89 -0.65
N GLU A 68 6.36 -2.52 -1.74
CA GLU A 68 6.72 -1.77 -2.95
C GLU A 68 5.52 -1.60 -3.87
N LEU A 69 5.39 -0.40 -4.43
CA LEU A 69 4.32 -0.09 -5.38
C LEU A 69 4.91 0.03 -6.79
N PRO A 70 4.40 -0.77 -7.76
CA PRO A 70 4.82 -0.69 -9.17
C PRO A 70 4.59 0.69 -9.81
N ALA A 71 3.95 1.59 -9.05
CA ALA A 71 3.69 2.96 -9.49
C ALA A 71 2.62 3.03 -10.58
N MET A 72 1.37 3.15 -10.16
CA MET A 72 0.25 3.35 -11.07
C MET A 72 -0.95 3.89 -10.28
N ALA A 73 -1.51 5.00 -10.75
CA ALA A 73 -2.56 5.71 -10.02
C ALA A 73 -2.07 6.08 -8.61
N ALA A 74 -1.27 7.15 -8.55
CA ALA A 74 -0.56 7.55 -7.32
C ALA A 74 -1.47 7.53 -6.10
N ASP A 75 -2.70 8.00 -6.26
CA ASP A 75 -3.72 7.84 -5.23
C ASP A 75 -4.93 7.15 -5.84
N THR A 76 -4.97 5.83 -5.70
CA THR A 76 -6.05 5.02 -6.25
C THR A 76 -7.39 5.39 -5.60
N PRO A 77 -8.45 5.61 -6.40
CA PRO A 77 -9.78 5.97 -5.87
C PRO A 77 -10.59 4.75 -5.44
N LEU A 78 -10.01 3.56 -5.59
CA LEU A 78 -10.68 2.31 -5.26
C LEU A 78 -9.67 1.29 -4.72
N PRO A 79 -10.16 0.23 -4.02
CA PRO A 79 -9.28 -0.85 -3.55
C PRO A 79 -8.70 -1.64 -4.72
N ILE A 80 -7.40 -1.54 -4.91
CA ILE A 80 -6.71 -2.19 -6.01
C ILE A 80 -5.85 -3.35 -5.51
N THR A 81 -5.82 -4.44 -6.27
CA THR A 81 -5.03 -5.61 -5.90
C THR A 81 -3.84 -5.75 -6.85
N VAL A 82 -2.64 -5.62 -6.29
CA VAL A 82 -1.40 -5.76 -7.05
C VAL A 82 -0.49 -6.79 -6.40
N GLU A 83 0.67 -7.05 -7.00
CA GLU A 83 1.59 -8.04 -6.46
C GLU A 83 2.29 -7.50 -5.20
N ALA A 84 2.57 -8.39 -4.27
CA ALA A 84 3.26 -8.02 -3.03
C ALA A 84 4.77 -8.16 -3.20
N ARG A 85 5.49 -7.11 -2.84
CA ARG A 85 6.95 -7.14 -2.83
C ARG A 85 7.43 -6.28 -1.67
N LYS A 86 7.78 -6.93 -0.57
CA LYS A 86 8.13 -6.22 0.66
C LYS A 86 9.61 -5.88 0.69
N LEU A 87 9.95 -4.84 1.44
CA LEU A 87 11.34 -4.40 1.59
C LEU A 87 11.84 -4.79 2.99
N MET A 22 2.84 -13.30 -3.44
CA MET A 22 3.29 -12.18 -4.30
C MET A 22 2.10 -11.26 -4.66
N LYS A 23 1.10 -11.21 -3.79
CA LYS A 23 -0.06 -10.35 -3.98
C LYS A 23 -0.32 -9.53 -2.71
N VAL A 24 -0.74 -8.28 -2.89
CA VAL A 24 -1.11 -7.40 -1.78
C VAL A 24 -2.16 -6.39 -2.25
N MET A 25 -3.17 -6.14 -1.41
CA MET A 25 -4.26 -5.24 -1.78
C MET A 25 -4.11 -3.89 -1.08
N ILE A 26 -4.04 -2.83 -1.87
CA ILE A 26 -3.91 -1.47 -1.33
C ILE A 26 -5.29 -0.81 -1.24
N ARG A 27 -5.61 -0.27 -0.07
CA ARG A 27 -6.92 0.33 0.17
C ARG A 27 -6.86 1.85 -0.01
N LYS A 28 -7.70 2.37 -0.90
CA LYS A 28 -7.76 3.79 -1.19
C LYS A 28 -8.86 4.47 -0.37
N THR A 29 -8.44 5.38 0.50
CA THR A 29 -9.35 6.14 1.35
C THR A 29 -8.65 7.42 1.83
N ALA A 30 -9.42 8.51 1.94
CA ALA A 30 -8.85 9.82 2.30
C ALA A 30 -8.58 9.92 3.79
N THR A 31 -9.34 9.16 4.58
CA THR A 31 -9.20 9.18 6.03
C THR A 31 -7.84 8.66 6.47
N GLY A 32 -7.25 7.79 5.66
CA GLY A 32 -5.95 7.24 5.97
C GLY A 32 -5.60 6.06 5.07
N HIS A 33 -4.58 6.26 4.22
CA HIS A 33 -4.15 5.21 3.30
C HIS A 33 -3.84 3.92 4.06
N SER A 34 -4.28 2.80 3.50
CA SER A 34 -4.13 1.50 4.17
C SER A 34 -3.71 0.43 3.16
N ALA A 35 -3.21 -0.69 3.69
CA ALA A 35 -2.79 -1.82 2.87
C ALA A 35 -3.08 -3.12 3.61
N TYR A 36 -3.56 -4.12 2.87
CA TYR A 36 -3.94 -5.39 3.45
C TYR A 36 -3.04 -6.52 2.93
N VAL A 37 -2.19 -7.03 3.81
CA VAL A 37 -1.35 -8.18 3.54
C VAL A 37 -2.15 -9.46 3.79
N ALA A 38 -2.71 -10.02 2.74
CA ALA A 38 -3.67 -11.14 2.83
C ALA A 38 -3.13 -12.31 3.64
N LYS A 39 -1.98 -12.85 3.25
CA LYS A 39 -1.41 -14.04 3.90
C LYS A 39 -1.25 -13.83 5.40
N LYS A 40 -0.98 -12.59 5.80
CA LYS A 40 -0.72 -12.25 7.19
C LYS A 40 -1.99 -11.73 7.86
N ASP A 41 -3.02 -11.47 7.04
CA ASP A 41 -4.28 -10.89 7.51
C ASP A 41 -4.01 -9.53 8.16
N LEU A 42 -2.95 -8.89 7.72
CA LEU A 42 -2.53 -7.60 8.27
C LEU A 42 -3.15 -6.45 7.50
N GLU A 43 -4.07 -5.75 8.13
CA GLU A 43 -4.60 -4.50 7.58
C GLU A 43 -4.08 -3.35 8.44
N GLU A 44 -3.18 -2.57 7.89
CA GLU A 44 -2.49 -1.55 8.66
C GLU A 44 -2.48 -0.21 7.94
N LEU A 45 -2.26 0.86 8.70
CA LEU A 45 -2.22 2.21 8.17
C LEU A 45 -0.85 2.53 7.58
N ILE A 46 -0.86 3.17 6.42
CA ILE A 46 0.36 3.61 5.76
C ILE A 46 0.88 4.90 6.42
N VAL A 47 1.90 4.75 7.27
CA VAL A 47 2.51 5.88 7.96
C VAL A 47 3.77 6.34 7.24
N GLU A 48 4.20 5.54 6.27
CA GLU A 48 5.38 5.81 5.47
C GLU A 48 5.11 5.47 4.02
N MET A 49 5.27 6.44 3.14
CA MET A 49 5.10 6.23 1.70
C MET A 49 5.97 7.22 0.94
N GLU A 50 6.58 6.74 -0.13
CA GLU A 50 7.49 7.54 -0.94
C GLU A 50 6.79 8.78 -1.52
N ASN A 51 5.69 8.54 -2.21
CA ASN A 51 4.97 9.61 -2.91
C ASN A 51 4.01 10.32 -1.97
N PRO A 52 3.94 11.67 -2.05
CA PRO A 52 3.02 12.48 -1.23
C PRO A 52 1.57 11.99 -1.30
N ALA A 53 1.17 11.54 -2.48
CA ALA A 53 -0.18 11.00 -2.66
C ALA A 53 -0.25 9.57 -2.14
N LEU A 54 0.54 8.69 -2.76
CA LEU A 54 0.56 7.28 -2.39
C LEU A 54 1.49 6.50 -3.32
N TRP A 55 1.01 6.23 -4.54
CA TRP A 55 1.74 5.40 -5.49
C TRP A 55 2.95 6.15 -6.06
N GLY A 56 4.13 5.54 -5.94
CA GLY A 56 5.35 6.18 -6.39
C GLY A 56 6.57 5.31 -6.16
N GLY A 57 6.75 4.88 -4.91
CA GLY A 57 7.91 4.08 -4.54
C GLY A 57 7.65 3.23 -3.32
N LYS A 58 8.63 3.18 -2.42
CA LYS A 58 8.53 2.34 -1.22
C LYS A 58 7.47 2.84 -0.26
N VAL A 59 6.96 1.93 0.55
CA VAL A 59 5.92 2.20 1.53
C VAL A 59 6.13 1.32 2.76
N THR A 60 5.70 1.78 3.92
CA THR A 60 5.80 1.00 5.15
C THR A 60 4.57 1.20 6.03
N LEU A 61 4.02 0.10 6.52
CA LEU A 61 2.85 0.13 7.38
C LEU A 61 3.25 0.45 8.81
N ALA A 62 2.28 0.85 9.62
CA ALA A 62 2.54 1.18 11.02
C ALA A 62 3.07 -0.03 11.79
N ASN A 63 2.78 -1.21 11.26
CA ASN A 63 3.19 -2.48 11.87
C ASN A 63 4.69 -2.71 11.67
N GLY A 64 5.26 -2.00 10.70
CA GLY A 64 6.67 -2.14 10.39
C GLY A 64 6.91 -2.82 9.05
N TRP A 65 5.87 -3.46 8.53
CA TRP A 65 5.96 -4.16 7.25
C TRP A 65 6.38 -3.20 6.15
N GLN A 66 7.55 -3.45 5.54
CA GLN A 66 8.03 -2.67 4.42
C GLN A 66 7.58 -3.31 3.11
N LEU A 67 7.07 -2.48 2.21
CA LEU A 67 6.54 -2.93 0.94
C LEU A 67 6.90 -1.89 -0.13
N GLU A 68 6.77 -2.25 -1.40
CA GLU A 68 7.01 -1.33 -2.50
C GLU A 68 5.70 -1.02 -3.19
N LEU A 69 5.53 0.23 -3.59
CA LEU A 69 4.28 0.69 -4.17
C LEU A 69 4.52 1.28 -5.57
N PRO A 70 4.33 0.47 -6.62
CA PRO A 70 4.64 0.87 -8.01
C PRO A 70 3.81 2.07 -8.46
N ALA A 71 4.49 3.06 -9.05
CA ALA A 71 3.84 4.25 -9.53
C ALA A 71 2.99 3.96 -10.76
N MET A 72 1.77 3.46 -10.53
CA MET A 72 0.83 3.18 -11.61
C MET A 72 -0.17 4.32 -11.74
N ALA A 73 -1.07 4.42 -10.77
CA ALA A 73 -2.11 5.44 -10.77
C ALA A 73 -2.60 5.67 -9.35
N ALA A 74 -2.62 6.93 -8.93
CA ALA A 74 -3.08 7.30 -7.59
C ALA A 74 -4.56 7.71 -7.61
N ASP A 75 -5.08 7.91 -8.82
CA ASP A 75 -6.46 8.33 -9.01
C ASP A 75 -7.44 7.18 -8.86
N THR A 76 -6.92 5.95 -8.82
CA THR A 76 -7.75 4.76 -8.68
C THR A 76 -8.55 4.79 -7.38
N PRO A 77 -9.90 4.77 -7.47
CA PRO A 77 -10.78 4.90 -6.31
C PRO A 77 -11.15 3.56 -5.69
N LEU A 78 -10.49 2.50 -6.14
CA LEU A 78 -10.82 1.15 -5.71
C LEU A 78 -9.60 0.46 -5.09
N PRO A 79 -9.83 -0.47 -4.14
CA PRO A 79 -8.76 -1.26 -3.54
C PRO A 79 -8.20 -2.30 -4.52
N ILE A 80 -7.10 -1.97 -5.17
CA ILE A 80 -6.50 -2.84 -6.19
C ILE A 80 -5.40 -3.71 -5.58
N THR A 81 -5.37 -4.97 -6.00
CA THR A 81 -4.33 -5.90 -5.60
C THR A 81 -3.17 -5.87 -6.60
N VAL A 82 -1.97 -5.56 -6.11
CA VAL A 82 -0.78 -5.52 -6.95
C VAL A 82 0.23 -6.59 -6.50
N GLU A 83 1.28 -6.79 -7.29
CA GLU A 83 2.31 -7.77 -6.98
C GLU A 83 3.12 -7.29 -5.77
N ALA A 84 3.10 -8.10 -4.70
CA ALA A 84 3.76 -7.75 -3.46
C ALA A 84 5.28 -7.80 -3.59
N ARG A 85 5.90 -6.63 -3.58
CA ARG A 85 7.35 -6.48 -3.59
C ARG A 85 7.78 -5.74 -2.34
N LYS A 86 8.37 -6.44 -1.39
CA LYS A 86 8.79 -5.81 -0.15
C LYS A 86 10.28 -5.50 -0.17
N LEU A 87 10.68 -4.55 0.69
CA LEU A 87 12.09 -4.21 0.86
C LEU A 87 12.67 -5.07 1.99
N MET A 22 2.65 -13.00 -3.00
CA MET A 22 2.93 -11.76 -3.76
C MET A 22 1.64 -10.97 -3.98
N LYS A 23 0.61 -11.25 -3.18
CA LYS A 23 -0.69 -10.62 -3.34
C LYS A 23 -0.90 -9.56 -2.26
N VAL A 24 -1.10 -8.32 -2.67
CA VAL A 24 -1.41 -7.23 -1.75
C VAL A 24 -2.49 -6.32 -2.33
N MET A 25 -3.53 -6.09 -1.55
CA MET A 25 -4.63 -5.24 -1.96
C MET A 25 -4.50 -3.87 -1.28
N ILE A 26 -4.19 -2.85 -2.07
CA ILE A 26 -4.05 -1.50 -1.53
C ILE A 26 -5.41 -0.83 -1.48
N ARG A 27 -5.90 -0.61 -0.26
CA ARG A 27 -7.22 -0.05 -0.05
C ARG A 27 -7.14 1.42 0.33
N LYS A 28 -8.05 2.22 -0.22
CA LYS A 28 -8.13 3.64 0.12
C LYS A 28 -9.30 3.89 1.05
N THR A 29 -9.24 4.98 1.80
CA THR A 29 -10.31 5.36 2.71
C THR A 29 -10.52 6.88 2.66
N ALA A 30 -11.70 7.34 3.07
CA ALA A 30 -12.02 8.77 3.09
C ALA A 30 -10.87 9.58 3.66
N THR A 31 -10.38 9.16 4.83
CA THR A 31 -9.22 9.77 5.45
C THR A 31 -8.21 8.69 5.83
N GLY A 32 -7.23 8.47 4.96
CA GLY A 32 -6.18 7.49 5.24
C GLY A 32 -6.02 6.48 4.13
N HIS A 33 -5.01 5.62 4.29
CA HIS A 33 -4.72 4.54 3.34
C HIS A 33 -4.32 3.29 4.12
N SER A 34 -4.80 2.13 3.70
CA SER A 34 -4.48 0.88 4.37
C SER A 34 -4.11 -0.21 3.35
N ALA A 35 -3.03 -0.92 3.62
CA ALA A 35 -2.55 -1.96 2.72
C ALA A 35 -2.85 -3.35 3.28
N TYR A 36 -3.57 -4.15 2.51
CA TYR A 36 -3.95 -5.50 2.91
C TYR A 36 -2.94 -6.52 2.38
N VAL A 37 -2.07 -6.99 3.29
CA VAL A 37 -1.08 -8.00 2.94
C VAL A 37 -1.68 -9.41 3.08
N ALA A 38 -1.84 -10.09 1.95
CA ALA A 38 -2.53 -11.38 1.91
C ALA A 38 -1.86 -12.44 2.79
N LYS A 39 -0.54 -12.56 2.71
CA LYS A 39 0.20 -13.65 3.37
C LYS A 39 0.00 -13.65 4.90
N LYS A 40 -0.57 -12.58 5.44
CA LYS A 40 -0.84 -12.50 6.87
C LYS A 40 -2.15 -11.75 7.13
N ASP A 41 -2.95 -11.59 6.07
CA ASP A 41 -4.23 -10.85 6.11
C ASP A 41 -4.10 -9.56 6.93
N LEU A 42 -2.89 -9.00 6.92
CA LEU A 42 -2.55 -7.86 7.76
C LEU A 42 -2.88 -6.56 7.05
N GLU A 43 -3.79 -5.78 7.62
CA GLU A 43 -4.12 -4.45 7.12
C GLU A 43 -3.67 -3.40 8.14
N GLU A 44 -2.62 -2.66 7.79
CA GLU A 44 -2.08 -1.61 8.66
C GLU A 44 -2.20 -0.25 7.99
N LEU A 45 -2.07 0.80 8.79
CA LEU A 45 -2.16 2.17 8.29
C LEU A 45 -0.88 2.55 7.55
N ILE A 46 -1.05 3.06 6.34
CA ILE A 46 0.08 3.53 5.54
C ILE A 46 0.55 4.91 6.04
N VAL A 47 1.59 4.90 6.85
CA VAL A 47 2.12 6.13 7.44
C VAL A 47 3.21 6.74 6.58
N GLU A 48 4.14 5.91 6.11
CA GLU A 48 5.31 6.37 5.37
C GLU A 48 5.24 5.87 3.93
N MET A 49 4.96 6.78 2.99
CA MET A 49 4.91 6.43 1.57
C MET A 49 5.88 7.30 0.78
N GLU A 50 6.51 6.70 -0.23
CA GLU A 50 7.48 7.43 -1.06
C GLU A 50 6.81 8.58 -1.80
N ASN A 51 5.61 8.33 -2.29
CA ASN A 51 4.83 9.35 -3.00
C ASN A 51 3.93 10.09 -2.01
N PRO A 52 3.79 11.42 -2.16
CA PRO A 52 2.93 12.26 -1.30
C PRO A 52 1.52 11.68 -1.12
N ALA A 53 0.99 11.11 -2.20
CA ALA A 53 -0.33 10.49 -2.16
C ALA A 53 -0.21 9.03 -1.77
N LEU A 54 0.48 8.24 -2.60
CA LEU A 54 0.61 6.81 -2.36
C LEU A 54 1.55 6.14 -3.37
N TRP A 55 1.09 6.01 -4.61
CA TRP A 55 1.79 5.21 -5.63
C TRP A 55 2.98 5.95 -6.23
N GLY A 56 4.08 5.23 -6.37
CA GLY A 56 5.29 5.80 -6.94
C GLY A 56 6.49 4.92 -6.67
N GLY A 57 6.61 4.46 -5.43
CA GLY A 57 7.74 3.64 -5.02
C GLY A 57 7.43 2.83 -3.78
N LYS A 58 8.37 2.81 -2.84
CA LYS A 58 8.24 1.99 -1.64
C LYS A 58 7.35 2.65 -0.59
N VAL A 59 6.95 1.87 0.40
CA VAL A 59 6.07 2.32 1.47
C VAL A 59 6.42 1.59 2.77
N THR A 60 5.90 2.07 3.88
CA THR A 60 6.09 1.42 5.17
C THR A 60 4.80 1.52 6.00
N LEU A 61 4.30 0.37 6.42
CA LEU A 61 3.12 0.30 7.29
C LEU A 61 3.49 0.75 8.70
N ALA A 62 2.49 1.14 9.48
CA ALA A 62 2.73 1.60 10.85
C ALA A 62 3.35 0.49 11.70
N ASN A 63 3.24 -0.75 11.22
CA ASN A 63 3.80 -1.91 11.90
C ASN A 63 5.32 -1.96 11.73
N GLY A 64 5.81 -1.46 10.59
CA GLY A 64 7.23 -1.49 10.29
C GLY A 64 7.54 -2.15 8.96
N TRP A 65 6.60 -2.95 8.46
CA TRP A 65 6.76 -3.65 7.19
C TRP A 65 6.93 -2.65 6.03
N GLN A 66 7.92 -2.91 5.18
CA GLN A 66 8.16 -2.10 3.98
C GLN A 66 7.69 -2.86 2.74
N LEU A 67 7.03 -2.15 1.84
CA LEU A 67 6.49 -2.76 0.62
C LEU A 67 6.82 -1.89 -0.59
N GLU A 68 7.14 -2.52 -1.71
CA GLU A 68 7.47 -1.80 -2.95
C GLU A 68 6.26 -1.70 -3.87
N LEU A 69 5.72 -0.49 -4.01
CA LEU A 69 4.62 -0.23 -4.93
C LEU A 69 5.15 0.23 -6.29
N PRO A 70 4.48 -0.17 -7.39
CA PRO A 70 4.81 0.32 -8.73
C PRO A 70 4.41 1.79 -8.89
N ALA A 71 5.03 2.47 -9.85
CA ALA A 71 4.71 3.87 -10.10
C ALA A 71 3.39 3.99 -10.87
N MET A 72 2.29 3.74 -10.15
CA MET A 72 0.94 3.79 -10.72
C MET A 72 0.32 5.16 -10.46
N ALA A 73 -0.98 5.27 -10.72
CA ALA A 73 -1.71 6.50 -10.43
C ALA A 73 -1.75 6.73 -8.91
N ALA A 74 -1.11 7.82 -8.48
CA ALA A 74 -0.95 8.12 -7.05
C ALA A 74 -2.28 7.99 -6.31
N ASP A 75 -3.36 8.37 -6.96
CA ASP A 75 -4.70 8.09 -6.46
C ASP A 75 -5.46 7.24 -7.45
N THR A 76 -5.27 5.92 -7.34
CA THR A 76 -6.01 4.96 -8.14
C THR A 76 -7.50 5.03 -7.77
N PRO A 77 -8.40 5.15 -8.78
CA PRO A 77 -9.85 5.32 -8.54
C PRO A 77 -10.42 4.27 -7.58
N LEU A 78 -9.89 3.06 -7.63
CA LEU A 78 -10.40 1.95 -6.82
C LEU A 78 -9.27 1.21 -6.11
N PRO A 79 -9.58 0.48 -5.01
CA PRO A 79 -8.60 -0.35 -4.31
C PRO A 79 -8.14 -1.52 -5.18
N ILE A 80 -6.93 -1.41 -5.71
CA ILE A 80 -6.41 -2.40 -6.66
C ILE A 80 -5.39 -3.32 -5.98
N THR A 81 -5.39 -4.58 -6.42
CA THR A 81 -4.40 -5.55 -5.98
C THR A 81 -3.19 -5.52 -6.93
N VAL A 82 -1.99 -5.48 -6.36
CA VAL A 82 -0.76 -5.40 -7.16
C VAL A 82 0.30 -6.36 -6.63
N GLU A 83 1.43 -6.42 -7.34
CA GLU A 83 2.54 -7.31 -6.95
C GLU A 83 3.15 -6.84 -5.62
N ALA A 84 3.16 -7.74 -4.64
CA ALA A 84 3.70 -7.44 -3.32
C ALA A 84 5.19 -7.80 -3.23
N ARG A 85 6.04 -6.78 -3.15
CA ARG A 85 7.47 -6.97 -2.90
C ARG A 85 7.82 -6.40 -1.53
N LYS A 86 7.94 -7.26 -0.52
CA LYS A 86 8.25 -6.84 0.83
C LYS A 86 9.75 -6.62 0.99
N LEU A 87 10.14 -5.39 1.30
CA LEU A 87 11.54 -5.04 1.45
C LEU A 87 12.04 -5.41 2.85
N MET A 22 4.58 -10.27 -3.60
CA MET A 22 3.66 -10.68 -4.68
C MET A 22 2.35 -9.89 -4.60
N LYS A 23 1.22 -10.57 -4.74
CA LYS A 23 -0.07 -9.90 -4.82
C LYS A 23 -0.44 -9.33 -3.46
N VAL A 24 -0.89 -8.08 -3.45
CA VAL A 24 -1.25 -7.39 -2.23
C VAL A 24 -2.33 -6.35 -2.51
N MET A 25 -3.21 -6.11 -1.54
CA MET A 25 -4.34 -5.20 -1.73
C MET A 25 -4.07 -3.85 -1.06
N ILE A 26 -4.16 -2.78 -1.84
CA ILE A 26 -3.98 -1.42 -1.33
C ILE A 26 -5.32 -0.69 -1.32
N ARG A 27 -5.67 -0.10 -0.18
CA ARG A 27 -6.96 0.57 -0.01
C ARG A 27 -6.81 2.09 -0.15
N LYS A 28 -7.50 2.64 -1.14
CA LYS A 28 -7.62 4.09 -1.29
C LYS A 28 -9.03 4.52 -0.93
N THR A 29 -9.15 5.33 0.12
CA THR A 29 -10.44 5.90 0.51
C THR A 29 -10.25 7.35 0.94
N ALA A 30 -10.02 8.21 -0.05
CA ALA A 30 -9.75 9.63 0.18
C ALA A 30 -8.57 9.81 1.14
N THR A 31 -8.86 9.95 2.43
CA THR A 31 -7.83 10.13 3.44
C THR A 31 -7.46 8.79 4.07
N GLY A 32 -8.41 7.86 4.04
CA GLY A 32 -8.17 6.52 4.54
C GLY A 32 -7.24 5.75 3.64
N HIS A 33 -6.04 5.45 4.14
CA HIS A 33 -5.04 4.70 3.39
C HIS A 33 -4.58 3.50 4.20
N SER A 34 -4.79 2.31 3.69
CA SER A 34 -4.39 1.09 4.38
C SER A 34 -3.98 0.03 3.37
N ALA A 35 -3.28 -1.00 3.84
CA ALA A 35 -2.84 -2.10 2.98
C ALA A 35 -3.01 -3.43 3.70
N TYR A 36 -3.42 -4.44 2.96
CA TYR A 36 -3.60 -5.79 3.51
C TYR A 36 -2.60 -6.76 2.88
N VAL A 37 -1.56 -7.09 3.64
CA VAL A 37 -0.57 -8.06 3.21
C VAL A 37 -1.14 -9.47 3.31
N ALA A 38 -1.81 -9.90 2.25
CA ALA A 38 -2.43 -11.23 2.20
C ALA A 38 -1.42 -12.33 2.53
N LYS A 39 -0.15 -12.07 2.22
CA LYS A 39 0.93 -13.02 2.50
C LYS A 39 1.00 -13.35 3.99
N LYS A 40 0.77 -12.36 4.85
CA LYS A 40 0.92 -12.54 6.29
C LYS A 40 -0.41 -12.35 7.02
N ASP A 41 -1.48 -12.02 6.28
CA ASP A 41 -2.78 -11.69 6.88
C ASP A 41 -2.64 -10.41 7.72
N LEU A 42 -1.64 -9.61 7.37
CA LEU A 42 -1.36 -8.36 8.08
C LEU A 42 -2.16 -7.22 7.47
N GLU A 43 -2.93 -6.52 8.29
CA GLU A 43 -3.68 -5.36 7.85
C GLU A 43 -3.32 -4.16 8.73
N GLU A 44 -2.90 -3.07 8.10
CA GLU A 44 -2.47 -1.90 8.85
C GLU A 44 -2.64 -0.63 8.01
N LEU A 45 -2.63 0.52 8.69
CA LEU A 45 -2.76 1.81 8.04
C LEU A 45 -1.44 2.25 7.43
N ILE A 46 -1.52 2.93 6.28
CA ILE A 46 -0.35 3.46 5.60
C ILE A 46 0.08 4.77 6.25
N VAL A 47 1.26 4.79 6.86
CA VAL A 47 1.77 5.97 7.53
C VAL A 47 2.88 6.64 6.73
N GLU A 48 3.56 5.86 5.90
CA GLU A 48 4.69 6.34 5.13
C GLU A 48 4.58 5.89 3.68
N MET A 49 4.41 6.84 2.78
CA MET A 49 4.31 6.56 1.35
C MET A 49 5.56 7.04 0.63
N GLU A 50 5.85 6.46 -0.53
CA GLU A 50 6.91 6.97 -1.40
C GLU A 50 6.46 8.29 -2.04
N ASN A 51 5.26 8.25 -2.59
CA ASN A 51 4.69 9.38 -3.32
C ASN A 51 3.79 10.20 -2.41
N PRO A 52 3.87 11.54 -2.49
CA PRO A 52 2.96 12.44 -1.75
C PRO A 52 1.49 12.05 -1.94
N ALA A 53 1.19 11.49 -3.12
CA ALA A 53 -0.14 10.94 -3.40
C ALA A 53 -0.30 9.60 -2.70
N LEU A 54 0.43 8.58 -3.18
CA LEU A 54 0.40 7.24 -2.58
C LEU A 54 1.36 6.30 -3.31
N TRP A 55 0.99 5.90 -4.53
CA TRP A 55 1.73 4.90 -5.31
C TRP A 55 2.97 5.52 -5.95
N GLY A 56 4.06 4.76 -6.04
CA GLY A 56 5.28 5.26 -6.65
C GLY A 56 6.43 4.27 -6.58
N GLY A 57 6.80 3.86 -5.37
CA GLY A 57 7.97 3.01 -5.18
C GLY A 57 7.80 2.03 -4.05
N LYS A 58 7.85 2.53 -2.82
CA LYS A 58 7.63 1.70 -1.65
C LYS A 58 6.66 2.38 -0.67
N VAL A 59 6.19 1.61 0.30
CA VAL A 59 5.26 2.09 1.30
C VAL A 59 5.52 1.38 2.62
N THR A 60 5.17 2.01 3.73
CA THR A 60 5.35 1.42 5.05
C THR A 60 4.10 1.59 5.91
N LEU A 61 3.70 0.51 6.57
CA LEU A 61 2.52 0.51 7.42
C LEU A 61 2.88 0.98 8.83
N ALA A 62 1.85 1.23 9.65
CA ALA A 62 2.03 1.65 11.04
C ALA A 62 2.66 0.52 11.87
N ASN A 63 2.67 -0.68 11.30
CA ASN A 63 3.27 -1.86 11.92
C ASN A 63 4.79 -1.87 11.74
N GLY A 64 5.26 -1.12 10.73
CA GLY A 64 6.67 -1.12 10.39
C GLY A 64 6.95 -2.01 9.19
N TRP A 65 5.95 -2.78 8.79
CA TRP A 65 6.04 -3.65 7.62
C TRP A 65 6.24 -2.79 6.36
N GLN A 66 7.19 -3.19 5.52
CA GLN A 66 7.49 -2.46 4.30
C GLN A 66 7.00 -3.24 3.08
N LEU A 67 6.42 -2.51 2.12
CA LEU A 67 5.87 -3.12 0.92
C LEU A 67 6.22 -2.24 -0.29
N GLU A 68 6.71 -2.86 -1.36
CA GLU A 68 7.11 -2.13 -2.56
C GLU A 68 5.88 -1.90 -3.44
N LEU A 69 5.50 -0.64 -3.58
CA LEU A 69 4.27 -0.27 -4.28
C LEU A 69 4.59 0.32 -5.64
N PRO A 70 4.16 -0.33 -6.74
CA PRO A 70 4.43 0.14 -8.10
C PRO A 70 3.57 1.35 -8.46
N ALA A 71 4.05 2.17 -9.39
CA ALA A 71 3.30 3.34 -9.84
C ALA A 71 2.22 2.91 -10.82
N MET A 72 1.16 2.30 -10.28
CA MET A 72 0.06 1.81 -11.10
C MET A 72 -1.01 2.90 -11.23
N ALA A 73 -1.48 3.39 -10.09
CA ALA A 73 -2.49 4.44 -10.06
C ALA A 73 -2.53 5.09 -8.67
N ALA A 74 -1.82 6.20 -8.52
CA ALA A 74 -1.79 6.92 -7.26
C ALA A 74 -3.12 7.63 -7.04
N ASP A 75 -3.75 8.06 -8.13
CA ASP A 75 -4.98 8.83 -8.10
C ASP A 75 -6.14 8.02 -7.50
N THR A 76 -6.36 6.83 -8.07
CA THR A 76 -7.56 6.00 -7.80
C THR A 76 -8.16 6.23 -6.41
N PRO A 77 -9.44 6.65 -6.34
CA PRO A 77 -10.15 6.89 -5.08
C PRO A 77 -10.77 5.62 -4.52
N LEU A 78 -10.43 4.48 -5.11
CA LEU A 78 -10.96 3.18 -4.69
C LEU A 78 -9.83 2.16 -4.53
N PRO A 79 -10.02 1.15 -3.67
CA PRO A 79 -9.01 0.11 -3.41
C PRO A 79 -8.77 -0.77 -4.63
N ILE A 80 -7.54 -1.28 -4.75
CA ILE A 80 -7.15 -2.16 -5.86
C ILE A 80 -6.03 -3.09 -5.42
N THR A 81 -6.03 -4.31 -5.98
CA THR A 81 -5.02 -5.31 -5.65
C THR A 81 -3.98 -5.39 -6.77
N VAL A 82 -2.70 -5.30 -6.41
CA VAL A 82 -1.60 -5.30 -7.38
C VAL A 82 -0.49 -6.27 -6.98
N GLU A 83 0.50 -6.42 -7.85
CA GLU A 83 1.71 -7.16 -7.55
C GLU A 83 2.63 -6.29 -6.70
N ALA A 84 3.59 -6.92 -6.02
CA ALA A 84 4.46 -6.18 -5.10
C ALA A 84 5.68 -6.99 -4.67
N ARG A 85 6.70 -6.28 -4.19
CA ARG A 85 7.89 -6.88 -3.58
C ARG A 85 7.92 -6.52 -2.09
N LYS A 86 8.32 -7.45 -1.24
CA LYS A 86 8.40 -7.19 0.20
C LYS A 86 9.83 -6.79 0.57
N LEU A 87 9.97 -5.65 1.24
CA LEU A 87 11.28 -5.17 1.70
C LEU A 87 11.60 -5.83 3.05
N MET A 22 3.93 -11.81 -5.91
CA MET A 22 3.17 -11.68 -4.64
C MET A 22 2.12 -10.58 -4.79
N LYS A 23 0.92 -10.82 -4.28
CA LYS A 23 -0.19 -9.91 -4.46
C LYS A 23 -0.53 -9.19 -3.15
N VAL A 24 -0.94 -7.93 -3.27
CA VAL A 24 -1.32 -7.14 -2.11
C VAL A 24 -2.43 -6.16 -2.50
N MET A 25 -3.40 -5.96 -1.61
CA MET A 25 -4.51 -5.05 -1.89
C MET A 25 -4.30 -3.72 -1.17
N ILE A 26 -4.08 -2.67 -1.97
CA ILE A 26 -3.90 -1.33 -1.43
C ILE A 26 -5.23 -0.58 -1.46
N ARG A 27 -5.65 -0.08 -0.30
CA ARG A 27 -6.95 0.57 -0.17
C ARG A 27 -6.82 2.09 -0.27
N LYS A 28 -7.45 2.65 -1.29
CA LYS A 28 -7.48 4.09 -1.49
C LYS A 28 -8.78 4.66 -0.95
N THR A 29 -8.68 5.52 0.07
CA THR A 29 -9.83 6.19 0.64
C THR A 29 -9.53 7.68 0.83
N ALA A 30 -10.58 8.49 0.99
CA ALA A 30 -10.43 9.93 1.16
C ALA A 30 -9.55 10.25 2.37
N THR A 31 -8.37 10.81 2.11
CA THR A 31 -7.38 11.13 3.15
C THR A 31 -7.07 9.93 4.04
N GLY A 32 -7.31 8.73 3.51
CA GLY A 32 -7.05 7.51 4.23
C GLY A 32 -6.29 6.52 3.37
N HIS A 33 -5.26 5.91 3.94
CA HIS A 33 -4.42 4.98 3.20
C HIS A 33 -4.19 3.72 4.04
N SER A 34 -4.65 2.58 3.53
CA SER A 34 -4.48 1.30 4.21
C SER A 34 -4.05 0.23 3.21
N ALA A 35 -3.50 -0.87 3.72
CA ALA A 35 -3.02 -1.96 2.88
C ALA A 35 -3.23 -3.31 3.57
N TYR A 36 -3.51 -4.33 2.77
CA TYR A 36 -3.75 -5.67 3.30
C TYR A 36 -2.90 -6.71 2.56
N VAL A 37 -1.92 -7.26 3.26
CA VAL A 37 -1.13 -8.38 2.77
C VAL A 37 -1.82 -9.69 3.16
N ALA A 38 -2.59 -10.22 2.22
CA ALA A 38 -3.47 -11.35 2.48
C ALA A 38 -2.69 -12.60 2.92
N LYS A 39 -1.53 -12.81 2.32
CA LYS A 39 -0.74 -14.02 2.57
C LYS A 39 -0.31 -14.13 4.04
N LYS A 40 -0.27 -12.99 4.72
CA LYS A 40 0.16 -12.95 6.13
C LYS A 40 -0.96 -12.42 7.02
N ASP A 41 -2.08 -12.02 6.40
CA ASP A 41 -3.22 -11.43 7.10
C ASP A 41 -2.83 -10.10 7.75
N LEU A 42 -1.85 -9.43 7.14
CA LEU A 42 -1.39 -8.13 7.62
C LEU A 42 -2.28 -7.02 7.09
N GLU A 43 -3.04 -6.40 7.98
CA GLU A 43 -3.88 -5.26 7.61
C GLU A 43 -3.52 -4.07 8.48
N GLU A 44 -2.96 -3.04 7.88
CA GLU A 44 -2.43 -1.91 8.64
C GLU A 44 -2.57 -0.61 7.84
N LEU A 45 -2.47 0.51 8.55
CA LEU A 45 -2.52 1.82 7.93
C LEU A 45 -1.15 2.22 7.39
N ILE A 46 -1.16 3.03 6.33
CA ILE A 46 0.06 3.49 5.70
C ILE A 46 0.52 4.82 6.30
N VAL A 47 1.51 4.75 7.18
CA VAL A 47 2.07 5.94 7.84
C VAL A 47 3.11 6.60 6.95
N GLU A 48 3.90 5.78 6.25
CA GLU A 48 4.93 6.28 5.35
C GLU A 48 4.74 5.71 3.96
N MET A 49 4.95 6.53 2.95
CA MET A 49 4.76 6.13 1.56
C MET A 49 5.70 6.94 0.67
N GLU A 50 6.01 6.40 -0.51
CA GLU A 50 6.95 7.03 -1.43
C GLU A 50 6.39 8.34 -1.98
N ASN A 51 5.09 8.36 -2.23
CA ASN A 51 4.43 9.47 -2.90
C ASN A 51 3.39 10.10 -1.98
N PRO A 52 3.33 11.44 -1.93
CA PRO A 52 2.33 12.19 -1.16
C PRO A 52 0.91 11.65 -1.39
N ALA A 53 0.67 11.14 -2.60
CA ALA A 53 -0.57 10.46 -2.91
C ALA A 53 -0.55 9.06 -2.33
N LEU A 54 0.40 8.26 -2.80
CA LEU A 54 0.64 6.89 -2.28
C LEU A 54 1.67 6.16 -3.13
N TRP A 55 1.29 5.86 -4.37
CA TRP A 55 2.06 5.00 -5.26
C TRP A 55 3.30 5.73 -5.80
N GLY A 56 4.46 5.05 -5.76
CA GLY A 56 5.69 5.66 -6.23
C GLY A 56 6.86 4.69 -6.26
N GLY A 57 7.17 4.07 -5.12
CA GLY A 57 8.34 3.22 -5.03
C GLY A 57 8.23 2.22 -3.89
N LYS A 58 8.25 2.71 -2.65
CA LYS A 58 8.05 1.85 -1.49
C LYS A 58 7.09 2.47 -0.50
N VAL A 59 6.66 1.67 0.47
CA VAL A 59 5.69 2.08 1.47
C VAL A 59 6.00 1.38 2.80
N THR A 60 5.48 1.93 3.90
CA THR A 60 5.69 1.34 5.22
C THR A 60 4.40 1.39 6.04
N LEU A 61 4.00 0.23 6.55
CA LEU A 61 2.79 0.13 7.37
C LEU A 61 3.08 0.62 8.79
N ALA A 62 2.03 0.99 9.50
CA ALA A 62 2.16 1.46 10.88
C ALA A 62 2.67 0.35 11.80
N ASN A 63 2.67 -0.88 11.29
CA ASN A 63 3.15 -2.04 12.04
C ASN A 63 4.67 -2.19 11.90
N GLY A 64 5.28 -1.24 11.21
CA GLY A 64 6.74 -1.21 11.08
C GLY A 64 7.26 -2.02 9.90
N TRP A 65 6.39 -2.77 9.25
CA TRP A 65 6.79 -3.58 8.11
C TRP A 65 6.77 -2.78 6.80
N GLN A 66 7.75 -3.06 5.95
CA GLN A 66 7.94 -2.34 4.69
C GLN A 66 7.40 -3.15 3.51
N LEU A 67 7.13 -2.47 2.41
CA LEU A 67 6.53 -3.09 1.23
C LEU A 67 6.83 -2.21 0.01
N GLU A 68 7.20 -2.82 -1.12
CA GLU A 68 7.48 -2.06 -2.34
C GLU A 68 6.18 -1.77 -3.09
N LEU A 69 5.92 -0.49 -3.33
CA LEU A 69 4.66 -0.05 -3.92
C LEU A 69 4.93 0.59 -5.29
N PRO A 70 4.47 -0.04 -6.38
CA PRO A 70 4.76 0.44 -7.75
C PRO A 70 4.03 1.76 -8.05
N ALA A 71 4.55 2.51 -9.02
CA ALA A 71 3.91 3.76 -9.42
C ALA A 71 2.68 3.48 -10.28
N MET A 72 1.59 3.09 -9.63
CA MET A 72 0.33 2.80 -10.32
C MET A 72 -0.53 4.07 -10.36
N ALA A 73 -1.82 3.91 -10.67
CA ALA A 73 -2.73 5.04 -10.78
C ALA A 73 -3.27 5.45 -9.40
N ALA A 74 -2.82 6.60 -8.91
CA ALA A 74 -3.28 7.14 -7.63
C ALA A 74 -4.70 7.71 -7.77
N ASP A 75 -5.19 7.78 -9.01
CA ASP A 75 -6.52 8.28 -9.31
C ASP A 75 -7.59 7.42 -8.63
N THR A 76 -7.23 6.16 -8.37
CA THR A 76 -8.14 5.17 -7.79
C THR A 76 -8.70 5.65 -6.45
N PRO A 77 -10.03 5.83 -6.36
CA PRO A 77 -10.72 6.17 -5.11
C PRO A 77 -11.20 4.93 -4.37
N LEU A 78 -10.74 3.77 -4.83
CA LEU A 78 -11.15 2.48 -4.30
C LEU A 78 -9.94 1.53 -4.21
N PRO A 79 -10.03 0.46 -3.40
CA PRO A 79 -8.94 -0.51 -3.23
C PRO A 79 -8.60 -1.24 -4.53
N ILE A 80 -7.29 -1.36 -4.80
CA ILE A 80 -6.80 -2.07 -5.98
C ILE A 80 -5.71 -3.06 -5.58
N THR A 81 -5.72 -4.24 -6.19
CA THR A 81 -4.76 -5.28 -5.88
C THR A 81 -3.65 -5.33 -6.93
N VAL A 82 -2.42 -5.10 -6.49
CA VAL A 82 -1.25 -5.15 -7.37
C VAL A 82 -0.25 -6.18 -6.84
N GLU A 83 0.78 -6.47 -7.62
CA GLU A 83 1.88 -7.30 -7.12
C GLU A 83 2.85 -6.43 -6.35
N ALA A 84 3.62 -7.05 -5.46
CA ALA A 84 4.47 -6.31 -4.55
C ALA A 84 5.73 -7.10 -4.20
N ARG A 85 6.70 -6.38 -3.64
CA ARG A 85 7.94 -6.96 -3.14
C ARG A 85 8.01 -6.74 -1.63
N LYS A 86 8.20 -7.80 -0.86
CA LYS A 86 8.27 -7.67 0.59
C LYS A 86 9.67 -7.25 1.01
N LEU A 87 9.79 -6.01 1.46
CA LEU A 87 11.05 -5.47 1.94
C LEU A 87 11.25 -5.83 3.41
N MET A 22 2.31 -12.74 -5.43
CA MET A 22 2.23 -12.08 -4.11
C MET A 22 0.95 -11.26 -4.01
N LYS A 23 0.02 -11.74 -3.18
CA LYS A 23 -1.32 -11.16 -3.10
C LYS A 23 -1.38 -10.04 -2.07
N VAL A 24 -1.62 -8.82 -2.54
CA VAL A 24 -1.81 -7.67 -1.65
C VAL A 24 -2.81 -6.69 -2.26
N MET A 25 -3.66 -6.10 -1.44
CA MET A 25 -4.63 -5.10 -1.90
C MET A 25 -4.35 -3.76 -1.26
N ILE A 26 -4.08 -2.76 -2.09
CA ILE A 26 -3.86 -1.40 -1.61
C ILE A 26 -5.18 -0.65 -1.52
N ARG A 27 -5.55 -0.30 -0.29
CA ARG A 27 -6.82 0.37 -0.04
C ARG A 27 -6.57 1.80 0.40
N LYS A 28 -7.08 2.75 -0.37
CA LYS A 28 -6.91 4.17 -0.05
C LYS A 28 -8.26 4.88 -0.05
N THR A 29 -8.44 5.74 0.93
CA THR A 29 -9.66 6.51 1.10
C THR A 29 -9.31 7.88 1.70
N ALA A 30 -10.30 8.72 1.95
CA ALA A 30 -10.06 10.04 2.56
C ALA A 30 -9.19 9.91 3.81
N THR A 31 -7.93 10.34 3.69
CA THR A 31 -6.90 10.26 4.74
C THR A 31 -6.48 8.81 5.06
N GLY A 32 -7.45 7.89 5.10
CA GLY A 32 -7.16 6.51 5.46
C GLY A 32 -6.49 5.74 4.33
N HIS A 33 -5.21 5.41 4.53
CA HIS A 33 -4.47 4.59 3.58
C HIS A 33 -4.03 3.31 4.27
N SER A 34 -4.30 2.17 3.65
CA SER A 34 -3.97 0.87 4.22
C SER A 34 -3.55 -0.11 3.13
N ALA A 35 -2.76 -1.10 3.52
CA ALA A 35 -2.34 -2.15 2.60
C ALA A 35 -2.64 -3.51 3.23
N TYR A 36 -3.53 -4.27 2.60
CA TYR A 36 -3.96 -5.54 3.14
C TYR A 36 -3.08 -6.68 2.62
N VAL A 37 -2.19 -7.16 3.48
CA VAL A 37 -1.35 -8.30 3.16
C VAL A 37 -2.13 -9.59 3.35
N ALA A 38 -2.64 -10.14 2.25
CA ALA A 38 -3.56 -11.28 2.28
C ALA A 38 -3.01 -12.46 3.09
N LYS A 39 -1.81 -12.91 2.75
CA LYS A 39 -1.22 -14.11 3.38
C LYS A 39 -0.99 -13.91 4.88
N LYS A 40 -1.10 -12.67 5.36
CA LYS A 40 -0.86 -12.37 6.77
C LYS A 40 -2.14 -11.80 7.40
N ASP A 41 -3.14 -11.50 6.56
CA ASP A 41 -4.39 -10.89 7.02
C ASP A 41 -4.09 -9.57 7.72
N LEU A 42 -2.97 -8.96 7.33
CA LEU A 42 -2.49 -7.73 7.95
C LEU A 42 -3.12 -6.53 7.27
N GLU A 43 -3.78 -5.68 8.05
CA GLU A 43 -4.28 -4.41 7.57
C GLU A 43 -3.92 -3.31 8.57
N GLU A 44 -2.92 -2.52 8.20
CA GLU A 44 -2.46 -1.39 9.02
C GLU A 44 -2.46 -0.14 8.16
N LEU A 45 -2.37 1.02 8.79
CA LEU A 45 -2.33 2.29 8.08
C LEU A 45 -0.94 2.56 7.54
N ILE A 46 -0.87 2.95 6.27
CA ILE A 46 0.38 3.36 5.64
C ILE A 46 0.83 4.71 6.20
N VAL A 47 1.84 4.67 7.05
CA VAL A 47 2.36 5.87 7.71
C VAL A 47 3.31 6.64 6.79
N GLU A 48 4.26 5.93 6.21
CA GLU A 48 5.27 6.54 5.35
C GLU A 48 4.99 6.19 3.89
N MET A 49 5.18 7.15 3.00
CA MET A 49 4.93 6.94 1.58
C MET A 49 6.10 7.47 0.76
N GLU A 50 6.24 6.94 -0.46
CA GLU A 50 7.21 7.45 -1.42
C GLU A 50 6.84 8.88 -1.82
N ASN A 51 5.57 9.04 -2.16
CA ASN A 51 5.02 10.33 -2.55
C ASN A 51 3.76 10.61 -1.72
N PRO A 52 3.47 11.89 -1.42
CA PRO A 52 2.36 12.29 -0.51
C PRO A 52 1.02 11.65 -0.88
N ALA A 53 0.86 11.24 -2.13
CA ALA A 53 -0.34 10.55 -2.57
C ALA A 53 -0.39 9.14 -2.00
N LEU A 54 0.55 8.32 -2.45
CA LEU A 54 0.61 6.91 -2.07
C LEU A 54 1.63 6.17 -2.94
N TRP A 55 1.30 6.00 -4.21
CA TRP A 55 2.13 5.26 -5.16
C TRP A 55 3.34 6.10 -5.60
N GLY A 56 4.42 5.43 -5.99
CA GLY A 56 5.60 6.12 -6.44
C GLY A 56 6.84 5.26 -6.37
N GLY A 57 6.89 4.38 -5.37
CA GLY A 57 8.06 3.55 -5.16
C GLY A 57 7.85 2.59 -4.00
N LYS A 58 7.98 3.09 -2.78
CA LYS A 58 7.77 2.28 -1.59
C LYS A 58 6.81 2.97 -0.62
N VAL A 59 6.26 2.17 0.29
CA VAL A 59 5.45 2.70 1.40
C VAL A 59 5.79 1.90 2.65
N THR A 60 5.35 2.39 3.80
CA THR A 60 5.59 1.70 5.07
C THR A 60 4.33 1.69 5.92
N LEU A 61 3.92 0.49 6.35
CA LEU A 61 2.74 0.32 7.18
C LEU A 61 3.05 0.68 8.63
N ALA A 62 2.00 0.93 9.41
CA ALA A 62 2.13 1.19 10.84
C ALA A 62 2.75 -0.02 11.54
N ASN A 63 2.68 -1.18 10.88
CA ASN A 63 3.30 -2.40 11.36
C ASN A 63 4.82 -2.24 11.43
N GLY A 64 5.35 -1.30 10.64
CA GLY A 64 6.78 -1.11 10.55
C GLY A 64 7.39 -1.89 9.41
N TRP A 65 6.52 -2.42 8.54
CA TRP A 65 6.95 -3.23 7.41
C TRP A 65 6.81 -2.43 6.10
N GLN A 66 7.78 -2.57 5.21
CA GLN A 66 7.80 -1.83 3.95
C GLN A 66 7.17 -2.65 2.83
N LEU A 67 6.55 -1.96 1.87
CA LEU A 67 5.95 -2.60 0.70
C LEU A 67 6.18 -1.69 -0.51
N GLU A 68 6.66 -2.26 -1.61
CA GLU A 68 7.00 -1.48 -2.80
C GLU A 68 5.81 -1.33 -3.74
N LEU A 69 5.41 -0.08 -4.00
CA LEU A 69 4.31 0.24 -4.90
C LEU A 69 4.79 1.11 -6.05
N PRO A 70 4.79 0.59 -7.30
CA PRO A 70 5.24 1.36 -8.47
C PRO A 70 4.31 2.54 -8.76
N ALA A 71 4.86 3.59 -9.38
CA ALA A 71 4.06 4.76 -9.74
C ALA A 71 3.11 4.44 -10.89
N MET A 72 2.05 3.72 -10.56
CA MET A 72 1.06 3.31 -11.55
C MET A 72 -0.01 4.38 -11.72
N ALA A 73 -0.90 4.48 -10.73
CA ALA A 73 -1.98 5.46 -10.77
C ALA A 73 -2.53 5.71 -9.36
N ALA A 74 -2.26 6.88 -8.84
CA ALA A 74 -2.81 7.29 -7.54
C ALA A 74 -4.33 7.44 -7.65
N ASP A 75 -4.78 7.83 -8.85
CA ASP A 75 -6.19 7.99 -9.14
C ASP A 75 -6.86 6.64 -9.27
N THR A 76 -7.29 6.10 -8.14
CA THR A 76 -8.00 4.83 -8.10
C THR A 76 -9.16 4.92 -7.10
N PRO A 77 -10.40 4.93 -7.59
CA PRO A 77 -11.60 5.10 -6.75
C PRO A 77 -12.08 3.78 -6.12
N LEU A 78 -11.24 2.76 -6.16
CA LEU A 78 -11.57 1.46 -5.58
C LEU A 78 -10.33 0.80 -4.98
N PRO A 79 -10.51 -0.19 -4.08
CA PRO A 79 -9.39 -0.96 -3.51
C PRO A 79 -8.72 -1.82 -4.58
N ILE A 80 -7.53 -1.39 -5.00
CA ILE A 80 -6.80 -2.04 -6.10
C ILE A 80 -5.90 -3.16 -5.57
N THR A 81 -5.74 -4.21 -6.37
CA THR A 81 -4.89 -5.35 -6.00
C THR A 81 -3.65 -5.38 -6.90
N VAL A 82 -2.48 -5.55 -6.28
CA VAL A 82 -1.20 -5.58 -7.02
C VAL A 82 -0.28 -6.66 -6.44
N GLU A 83 0.88 -6.83 -7.05
CA GLU A 83 1.85 -7.81 -6.59
C GLU A 83 2.75 -7.19 -5.51
N ALA A 84 2.69 -7.77 -4.32
CA ALA A 84 3.48 -7.28 -3.19
C ALA A 84 4.96 -7.57 -3.40
N ARG A 85 5.75 -6.53 -3.64
CA ARG A 85 7.19 -6.68 -3.73
C ARG A 85 7.80 -6.40 -2.36
N LYS A 86 8.14 -7.47 -1.66
CA LYS A 86 8.68 -7.40 -0.30
C LYS A 86 10.11 -6.88 -0.30
N LEU A 87 10.36 -5.88 0.54
CA LEU A 87 11.71 -5.34 0.71
C LEU A 87 12.46 -6.15 1.76
N MET A 22 2.01 -12.82 -6.01
CA MET A 22 1.82 -12.35 -4.63
C MET A 22 0.71 -11.30 -4.58
N LYS A 23 -0.30 -11.53 -3.74
CA LYS A 23 -1.49 -10.69 -3.70
C LYS A 23 -1.44 -9.73 -2.53
N VAL A 24 -1.51 -8.44 -2.82
CA VAL A 24 -1.62 -7.42 -1.79
C VAL A 24 -2.64 -6.37 -2.22
N MET A 25 -3.59 -6.07 -1.33
CA MET A 25 -4.69 -5.16 -1.65
C MET A 25 -4.42 -3.79 -1.07
N ILE A 26 -4.25 -2.80 -1.94
CA ILE A 26 -4.07 -1.41 -1.54
C ILE A 26 -5.40 -0.68 -1.58
N ARG A 27 -5.87 -0.23 -0.42
CA ARG A 27 -7.15 0.46 -0.32
C ARG A 27 -6.95 1.98 -0.32
N LYS A 28 -7.63 2.64 -1.23
CA LYS A 28 -7.57 4.08 -1.39
C LYS A 28 -8.94 4.70 -1.18
N THR A 29 -9.07 5.51 -0.13
CA THR A 29 -10.31 6.23 0.13
C THR A 29 -9.99 7.68 0.52
N ALA A 30 -10.99 8.40 1.03
CA ALA A 30 -10.85 9.83 1.34
C ALA A 30 -9.57 10.14 2.11
N THR A 31 -9.54 9.79 3.39
CA THR A 31 -8.39 10.04 4.24
C THR A 31 -7.71 8.74 4.63
N GLY A 32 -8.50 7.67 4.69
CA GLY A 32 -7.97 6.37 5.05
C GLY A 32 -7.12 5.75 3.95
N HIS A 33 -6.00 5.15 4.35
CA HIS A 33 -5.13 4.44 3.42
C HIS A 33 -4.61 3.18 4.10
N SER A 34 -4.87 2.02 3.53
CA SER A 34 -4.46 0.76 4.14
C SER A 34 -3.95 -0.23 3.11
N ALA A 35 -3.17 -1.20 3.57
CA ALA A 35 -2.65 -2.26 2.71
C ALA A 35 -2.89 -3.61 3.36
N TYR A 36 -3.31 -4.59 2.55
CA TYR A 36 -3.65 -5.91 3.06
C TYR A 36 -2.75 -6.98 2.42
N VAL A 37 -1.79 -7.48 3.19
CA VAL A 37 -0.93 -8.57 2.78
C VAL A 37 -1.67 -9.90 2.96
N ALA A 38 -2.25 -10.39 1.87
CA ALA A 38 -3.14 -11.55 1.89
C ALA A 38 -2.47 -12.80 2.49
N LYS A 39 -1.20 -13.02 2.15
CA LYS A 39 -0.52 -14.27 2.51
C LYS A 39 -0.26 -14.37 4.02
N LYS A 40 -0.45 -13.26 4.74
CA LYS A 40 -0.19 -13.24 6.19
C LYS A 40 -1.35 -12.55 6.93
N ASP A 41 -2.36 -12.10 6.17
CA ASP A 41 -3.50 -11.38 6.74
C ASP A 41 -3.04 -10.09 7.44
N LEU A 42 -1.88 -9.59 7.03
CA LEU A 42 -1.30 -8.39 7.64
C LEU A 42 -1.92 -7.14 7.02
N GLU A 43 -2.76 -6.46 7.78
CA GLU A 43 -3.40 -5.24 7.31
C GLU A 43 -3.05 -4.09 8.25
N GLU A 44 -2.55 -3.00 7.69
CA GLU A 44 -2.08 -1.88 8.48
C GLU A 44 -2.31 -0.55 7.73
N LEU A 45 -2.27 0.54 8.47
CA LEU A 45 -2.45 1.87 7.88
C LEU A 45 -1.17 2.34 7.20
N ILE A 46 -1.33 2.97 6.04
CA ILE A 46 -0.22 3.54 5.31
C ILE A 46 0.13 4.92 5.88
N VAL A 47 1.22 4.99 6.63
CA VAL A 47 1.61 6.25 7.27
C VAL A 47 2.63 7.03 6.43
N GLU A 48 3.54 6.31 5.77
CA GLU A 48 4.59 6.95 4.99
C GLU A 48 4.62 6.38 3.58
N MET A 49 4.73 7.26 2.60
CA MET A 49 4.78 6.85 1.19
C MET A 49 6.05 7.39 0.55
N GLU A 50 6.44 6.80 -0.58
CA GLU A 50 7.57 7.30 -1.36
C GLU A 50 7.21 8.66 -1.94
N ASN A 51 6.04 8.75 -2.56
CA ASN A 51 5.49 10.01 -3.06
C ASN A 51 4.34 10.43 -2.15
N PRO A 52 4.19 11.75 -1.89
CA PRO A 52 3.19 12.27 -0.94
C PRO A 52 1.77 11.81 -1.25
N ALA A 53 1.52 11.42 -2.49
CA ALA A 53 0.22 10.90 -2.89
C ALA A 53 -0.05 9.54 -2.23
N LEU A 54 0.66 8.51 -2.69
CA LEU A 54 0.49 7.14 -2.19
C LEU A 54 1.45 6.21 -2.92
N TRP A 55 1.26 6.09 -4.23
CA TRP A 55 2.07 5.20 -5.06
C TRP A 55 3.37 5.88 -5.47
N GLY A 56 4.32 5.09 -5.97
CA GLY A 56 5.57 5.64 -6.43
C GLY A 56 6.69 4.62 -6.49
N GLY A 57 7.15 4.18 -5.32
CA GLY A 57 8.28 3.27 -5.25
C GLY A 57 8.18 2.32 -4.08
N LYS A 58 7.89 2.87 -2.90
CA LYS A 58 7.73 2.06 -1.70
C LYS A 58 6.66 2.67 -0.80
N VAL A 59 6.20 1.87 0.16
CA VAL A 59 5.17 2.29 1.11
C VAL A 59 5.48 1.69 2.48
N THR A 60 5.32 2.48 3.52
CA THR A 60 5.59 2.04 4.88
C THR A 60 4.30 1.96 5.69
N LEU A 61 3.95 0.75 6.13
CA LEU A 61 2.82 0.55 7.02
C LEU A 61 3.19 0.96 8.43
N ALA A 62 2.19 1.33 9.23
CA ALA A 62 2.40 1.81 10.59
C ALA A 62 3.07 0.75 11.46
N ASN A 63 3.03 -0.50 10.99
CA ASN A 63 3.57 -1.64 11.73
C ASN A 63 5.08 -1.76 11.50
N GLY A 64 5.64 -0.80 10.76
CA GLY A 64 7.07 -0.84 10.44
C GLY A 64 7.37 -1.81 9.33
N TRP A 65 6.40 -1.97 8.43
CA TRP A 65 6.51 -2.90 7.32
C TRP A 65 6.58 -2.12 6.02
N GLN A 66 7.71 -2.19 5.33
CA GLN A 66 7.88 -1.48 4.06
C GLN A 66 7.65 -2.42 2.89
N LEU A 67 6.69 -2.08 2.05
CA LEU A 67 6.35 -2.82 0.85
C LEU A 67 6.74 -2.00 -0.37
N GLU A 68 7.14 -2.68 -1.45
CA GLU A 68 7.52 -1.98 -2.68
C GLU A 68 6.27 -1.69 -3.51
N LEU A 69 5.98 -0.41 -3.70
CA LEU A 69 4.73 0.01 -4.31
C LEU A 69 4.99 0.65 -5.68
N PRO A 70 4.48 0.06 -6.78
CA PRO A 70 4.69 0.58 -8.13
C PRO A 70 4.07 1.97 -8.33
N ALA A 71 4.59 2.73 -9.28
CA ALA A 71 4.09 4.07 -9.56
C ALA A 71 2.81 4.01 -10.39
N MET A 72 1.69 3.74 -9.72
CA MET A 72 0.38 3.69 -10.38
C MET A 72 -0.36 5.01 -10.18
N ALA A 73 -1.65 5.03 -10.52
CA ALA A 73 -2.48 6.23 -10.36
C ALA A 73 -2.42 6.74 -8.91
N ALA A 74 -1.90 7.96 -8.76
CA ALA A 74 -1.71 8.59 -7.44
C ALA A 74 -2.96 8.46 -6.58
N ASP A 75 -4.11 8.77 -7.16
CA ASP A 75 -5.38 8.65 -6.46
C ASP A 75 -6.27 7.61 -7.12
N THR A 76 -5.98 6.35 -6.84
CA THR A 76 -6.80 5.25 -7.31
C THR A 76 -8.22 5.37 -6.75
N PRO A 77 -9.25 5.45 -7.61
CA PRO A 77 -10.64 5.68 -7.17
C PRO A 77 -11.29 4.44 -6.55
N LEU A 78 -10.52 3.35 -6.45
CA LEU A 78 -11.02 2.10 -5.88
C LEU A 78 -9.88 1.30 -5.25
N PRO A 79 -10.19 0.39 -4.30
CA PRO A 79 -9.20 -0.49 -3.70
C PRO A 79 -8.67 -1.49 -4.73
N ILE A 80 -7.41 -1.33 -5.12
CA ILE A 80 -6.81 -2.16 -6.17
C ILE A 80 -5.85 -3.18 -5.58
N THR A 81 -5.93 -4.41 -6.09
CA THR A 81 -5.04 -5.48 -5.67
C THR A 81 -3.85 -5.58 -6.63
N VAL A 82 -2.64 -5.39 -6.10
CA VAL A 82 -1.43 -5.41 -6.91
C VAL A 82 -0.47 -6.48 -6.41
N GLU A 83 0.66 -6.62 -7.10
CA GLU A 83 1.70 -7.57 -6.71
C GLU A 83 2.48 -7.05 -5.52
N ALA A 84 2.97 -7.96 -4.69
CA ALA A 84 3.70 -7.59 -3.47
C ALA A 84 5.20 -7.80 -3.64
N ARG A 85 5.97 -7.07 -2.83
CA ARG A 85 7.42 -7.22 -2.76
C ARG A 85 7.92 -6.60 -1.47
N LYS A 86 8.30 -7.44 -0.51
CA LYS A 86 8.74 -6.96 0.79
C LYS A 86 10.14 -6.35 0.71
N LEU A 87 10.34 -5.26 1.45
CA LEU A 87 11.65 -4.62 1.54
C LEU A 87 12.34 -5.07 2.82
N MET A 22 2.08 -13.39 -4.60
CA MET A 22 2.38 -11.95 -4.53
C MET A 22 1.10 -11.15 -4.31
N LYS A 23 0.31 -11.58 -3.32
CA LYS A 23 -1.04 -11.09 -3.13
C LYS A 23 -1.06 -9.94 -2.11
N VAL A 24 -1.34 -8.72 -2.60
CA VAL A 24 -1.51 -7.56 -1.73
C VAL A 24 -2.55 -6.61 -2.33
N MET A 25 -3.36 -6.01 -1.48
CA MET A 25 -4.43 -5.11 -1.93
C MET A 25 -4.31 -3.76 -1.23
N ILE A 26 -4.33 -2.69 -2.00
CA ILE A 26 -4.23 -1.34 -1.47
C ILE A 26 -5.63 -0.73 -1.33
N ARG A 27 -5.98 -0.30 -0.11
CA ARG A 27 -7.30 0.24 0.18
C ARG A 27 -7.28 1.77 0.18
N LYS A 28 -8.25 2.34 -0.52
CA LYS A 28 -8.44 3.79 -0.58
C LYS A 28 -9.43 4.23 0.49
N THR A 29 -9.00 5.09 1.40
CA THR A 29 -9.88 5.63 2.44
C THR A 29 -9.88 7.14 2.38
N ALA A 30 -11.03 7.74 2.69
CA ALA A 30 -11.17 9.20 2.69
C ALA A 30 -10.19 9.83 3.68
N THR A 31 -10.01 9.15 4.82
CA THR A 31 -9.12 9.64 5.86
C THR A 31 -7.88 8.76 5.98
N GLY A 32 -6.95 8.93 5.04
CA GLY A 32 -5.67 8.25 5.11
C GLY A 32 -5.52 7.18 4.05
N HIS A 33 -4.60 6.25 4.28
CA HIS A 33 -4.36 5.13 3.36
C HIS A 33 -4.14 3.85 4.16
N SER A 34 -4.58 2.73 3.62
CA SER A 34 -4.39 1.43 4.27
C SER A 34 -3.97 0.39 3.24
N ALA A 35 -3.09 -0.52 3.64
CA ALA A 35 -2.64 -1.60 2.76
C ALA A 35 -2.91 -2.95 3.43
N TYR A 36 -3.49 -3.86 2.67
CA TYR A 36 -3.78 -5.19 3.14
C TYR A 36 -2.80 -6.19 2.55
N VAL A 37 -1.82 -6.59 3.35
CA VAL A 37 -0.87 -7.62 2.98
C VAL A 37 -1.53 -8.99 3.08
N ALA A 38 -2.12 -9.44 1.98
CA ALA A 38 -2.93 -10.66 1.96
C ALA A 38 -2.11 -11.89 2.32
N LYS A 39 -0.84 -11.89 1.93
CA LYS A 39 0.04 -13.04 2.21
C LYS A 39 0.34 -13.16 3.71
N LYS A 40 -0.19 -12.23 4.50
CA LYS A 40 -0.06 -12.28 5.96
C LYS A 40 -1.40 -11.93 6.63
N ASP A 41 -2.41 -11.63 5.82
CA ASP A 41 -3.72 -11.19 6.31
C ASP A 41 -3.57 -9.95 7.20
N LEU A 42 -2.54 -9.14 6.91
CA LEU A 42 -2.24 -7.94 7.68
C LEU A 42 -2.81 -6.70 6.99
N GLU A 43 -3.74 -6.03 7.65
CA GLU A 43 -4.18 -4.72 7.20
C GLU A 43 -3.68 -3.66 8.17
N GLU A 44 -2.96 -2.67 7.66
CA GLU A 44 -2.39 -1.64 8.50
C GLU A 44 -2.42 -0.29 7.81
N LEU A 45 -2.31 0.77 8.61
CA LEU A 45 -2.32 2.13 8.09
C LEU A 45 -0.98 2.47 7.46
N ILE A 46 -1.02 3.09 6.29
CA ILE A 46 0.18 3.51 5.59
C ILE A 46 0.67 4.83 6.17
N VAL A 47 1.55 4.73 7.16
CA VAL A 47 2.09 5.91 7.84
C VAL A 47 3.19 6.56 7.00
N GLU A 48 3.93 5.74 6.26
CA GLU A 48 5.02 6.23 5.45
C GLU A 48 4.90 5.71 4.02
N MET A 49 5.23 6.56 3.06
CA MET A 49 5.15 6.20 1.65
C MET A 49 6.17 7.01 0.85
N GLU A 50 6.53 6.50 -0.32
CA GLU A 50 7.48 7.16 -1.21
C GLU A 50 6.92 8.48 -1.72
N ASN A 51 5.88 8.39 -2.53
CA ASN A 51 5.28 9.54 -3.18
C ASN A 51 4.17 10.11 -2.29
N PRO A 52 4.17 11.44 -2.06
CA PRO A 52 3.19 12.14 -1.20
C PRO A 52 1.76 11.63 -1.37
N ALA A 53 1.40 11.25 -2.60
CA ALA A 53 0.09 10.69 -2.88
C ALA A 53 -0.05 9.33 -2.22
N LEU A 54 0.75 8.38 -2.71
CA LEU A 54 0.69 6.99 -2.25
C LEU A 54 1.63 6.12 -3.08
N TRP A 55 1.27 5.94 -4.34
CA TRP A 55 2.01 5.09 -5.27
C TRP A 55 3.30 5.80 -5.71
N GLY A 56 4.42 5.09 -5.63
CA GLY A 56 5.70 5.68 -6.00
C GLY A 56 6.79 4.64 -6.12
N GLY A 57 7.02 3.90 -5.03
CA GLY A 57 8.08 2.90 -5.01
C GLY A 57 8.13 2.19 -3.67
N LYS A 58 8.51 2.91 -2.64
CA LYS A 58 8.59 2.36 -1.28
C LYS A 58 7.36 2.79 -0.47
N VAL A 59 6.91 1.92 0.43
CA VAL A 59 5.82 2.21 1.35
C VAL A 59 6.08 1.48 2.67
N THR A 60 5.55 2.00 3.78
CA THR A 60 5.74 1.37 5.07
C THR A 60 4.47 1.51 5.93
N LEU A 61 4.03 0.39 6.50
CA LEU A 61 2.85 0.35 7.35
C LEU A 61 3.22 0.70 8.80
N ALA A 62 2.21 0.99 9.61
CA ALA A 62 2.41 1.31 11.03
C ALA A 62 3.00 0.12 11.78
N ASN A 63 2.83 -1.07 11.21
CA ASN A 63 3.35 -2.31 11.79
C ASN A 63 4.85 -2.43 11.54
N GLY A 64 5.38 -1.54 10.70
CA GLY A 64 6.79 -1.59 10.36
C GLY A 64 7.03 -2.34 9.07
N TRP A 65 6.00 -3.01 8.57
CA TRP A 65 6.07 -3.79 7.34
C TRP A 65 6.32 -2.86 6.16
N GLN A 66 7.40 -3.12 5.42
CA GLN A 66 7.75 -2.30 4.26
C GLN A 66 7.28 -3.00 2.98
N LEU A 67 6.53 -2.25 2.17
CA LEU A 67 5.97 -2.77 0.93
C LEU A 67 6.41 -1.90 -0.24
N GLU A 68 6.75 -2.53 -1.35
CA GLU A 68 7.22 -1.81 -2.53
C GLU A 68 6.06 -1.55 -3.48
N LEU A 69 5.55 -0.33 -3.46
CA LEU A 69 4.35 0.03 -4.20
C LEU A 69 4.71 0.79 -5.49
N PRO A 70 4.63 0.11 -6.66
CA PRO A 70 5.04 0.71 -7.93
C PRO A 70 4.08 1.81 -8.38
N ALA A 71 4.63 2.92 -8.86
CA ALA A 71 3.82 4.07 -9.27
C ALA A 71 2.92 3.74 -10.47
N MET A 72 1.79 3.08 -10.19
CA MET A 72 0.84 2.70 -11.22
C MET A 72 -0.15 3.85 -11.47
N ALA A 73 -0.87 4.23 -10.42
CA ALA A 73 -1.83 5.32 -10.49
C ALA A 73 -1.95 5.99 -9.12
N ALA A 74 -1.57 7.27 -9.06
CA ALA A 74 -1.52 8.02 -7.80
C ALA A 74 -2.85 7.94 -7.04
N ASP A 75 -3.93 8.32 -7.73
CA ASP A 75 -5.27 8.25 -7.13
C ASP A 75 -6.04 7.07 -7.71
N THR A 76 -5.93 5.93 -7.04
CA THR A 76 -6.64 4.73 -7.43
C THR A 76 -8.13 4.85 -7.11
N PRO A 77 -9.02 4.59 -8.09
CA PRO A 77 -10.47 4.73 -7.89
C PRO A 77 -11.02 3.73 -6.85
N LEU A 78 -10.57 2.48 -6.94
CA LEU A 78 -11.04 1.42 -6.05
C LEU A 78 -9.86 0.62 -5.49
N PRO A 79 -10.08 -0.20 -4.45
CA PRO A 79 -9.02 -1.04 -3.88
C PRO A 79 -8.47 -2.04 -4.91
N ILE A 80 -7.23 -1.82 -5.32
CA ILE A 80 -6.60 -2.63 -6.36
C ILE A 80 -5.64 -3.65 -5.76
N THR A 81 -5.52 -4.80 -6.40
CA THR A 81 -4.58 -5.84 -5.99
C THR A 81 -3.35 -5.82 -6.89
N VAL A 82 -2.18 -5.61 -6.28
CA VAL A 82 -0.92 -5.52 -7.01
C VAL A 82 0.07 -6.59 -6.55
N GLU A 83 1.23 -6.61 -7.18
CA GLU A 83 2.30 -7.54 -6.83
C GLU A 83 2.91 -7.19 -5.47
N ALA A 84 2.89 -8.13 -4.54
CA ALA A 84 3.47 -7.93 -3.23
C ALA A 84 4.98 -8.10 -3.27
N ARG A 85 5.68 -6.99 -3.09
CA ARG A 85 7.13 -6.97 -3.04
C ARG A 85 7.57 -6.35 -1.71
N LYS A 86 8.04 -7.19 -0.79
CA LYS A 86 8.46 -6.71 0.54
C LYS A 86 9.89 -6.20 0.49
N LEU A 87 10.20 -5.24 1.37
CA LEU A 87 11.57 -4.75 1.52
C LEU A 87 12.25 -5.49 2.67
N MET A 22 3.32 -11.11 -4.88
CA MET A 22 2.07 -11.85 -4.64
C MET A 22 0.88 -10.89 -4.67
N LYS A 23 -0.32 -11.45 -4.60
CA LYS A 23 -1.56 -10.69 -4.66
C LYS A 23 -1.77 -9.90 -3.37
N VAL A 24 -1.76 -8.58 -3.48
CA VAL A 24 -1.95 -7.70 -2.34
C VAL A 24 -2.95 -6.59 -2.69
N MET A 25 -3.88 -6.31 -1.79
CA MET A 25 -4.93 -5.32 -2.06
C MET A 25 -4.66 -4.00 -1.35
N ILE A 26 -4.46 -2.95 -2.13
CA ILE A 26 -4.29 -1.61 -1.58
C ILE A 26 -5.66 -0.93 -1.51
N ARG A 27 -6.10 -0.63 -0.30
CA ARG A 27 -7.45 -0.14 -0.06
C ARG A 27 -7.47 1.38 0.04
N LYS A 28 -8.20 2.01 -0.88
CA LYS A 28 -8.34 3.47 -0.92
C LYS A 28 -9.67 3.88 -0.29
N THR A 29 -9.60 4.62 0.81
CA THR A 29 -10.79 5.08 1.50
C THR A 29 -10.51 6.42 2.18
N ALA A 30 -11.52 6.94 2.90
CA ALA A 30 -11.42 8.24 3.55
C ALA A 30 -10.22 8.31 4.50
N THR A 31 -9.17 9.01 4.05
CA THR A 31 -7.93 9.26 4.81
C THR A 31 -7.09 7.99 5.05
N GLY A 32 -7.70 6.95 5.59
CA GLY A 32 -6.96 5.75 5.97
C GLY A 32 -6.52 4.93 4.76
N HIS A 33 -5.41 5.33 4.16
CA HIS A 33 -4.83 4.57 3.07
C HIS A 33 -4.24 3.27 3.63
N SER A 34 -4.86 2.15 3.30
CA SER A 34 -4.52 0.87 3.93
C SER A 34 -3.94 -0.11 2.92
N ALA A 35 -3.09 -1.00 3.41
CA ALA A 35 -2.51 -2.08 2.60
C ALA A 35 -2.82 -3.42 3.24
N TYR A 36 -3.54 -4.27 2.53
CA TYR A 36 -3.95 -5.58 3.04
C TYR A 36 -3.14 -6.69 2.37
N VAL A 37 -2.22 -7.27 3.14
CA VAL A 37 -1.42 -8.39 2.67
C VAL A 37 -2.08 -9.71 3.09
N ALA A 38 -2.84 -10.29 2.18
CA ALA A 38 -3.65 -11.48 2.47
C ALA A 38 -2.80 -12.65 2.98
N LYS A 39 -1.67 -12.92 2.32
CA LYS A 39 -0.82 -14.04 2.70
C LYS A 39 -0.25 -13.85 4.11
N LYS A 40 0.05 -12.61 4.46
CA LYS A 40 0.65 -12.30 5.75
C LYS A 40 -0.44 -12.04 6.78
N ASP A 41 -1.69 -11.93 6.29
CA ASP A 41 -2.86 -11.66 7.14
C ASP A 41 -2.74 -10.30 7.83
N LEU A 42 -1.90 -9.43 7.29
CA LEU A 42 -1.60 -8.14 7.90
C LEU A 42 -2.28 -7.02 7.12
N GLU A 43 -3.02 -6.18 7.83
CA GLU A 43 -3.67 -5.01 7.23
C GLU A 43 -3.36 -3.78 8.09
N GLU A 44 -2.62 -2.84 7.53
CA GLU A 44 -2.16 -1.67 8.29
C GLU A 44 -2.32 -0.40 7.46
N LEU A 45 -2.33 0.73 8.16
CA LEU A 45 -2.38 2.04 7.52
C LEU A 45 -0.99 2.43 7.03
N ILE A 46 -0.92 3.09 5.88
CA ILE A 46 0.34 3.55 5.33
C ILE A 46 0.66 4.96 5.84
N VAL A 47 1.82 5.12 6.48
CA VAL A 47 2.21 6.39 7.08
C VAL A 47 3.36 7.07 6.33
N GLU A 48 4.20 6.27 5.68
CA GLU A 48 5.39 6.78 4.99
C GLU A 48 5.46 6.25 3.56
N MET A 49 5.06 7.09 2.60
CA MET A 49 5.04 6.71 1.18
C MET A 49 6.27 7.27 0.47
N GLU A 50 6.67 6.63 -0.62
CA GLU A 50 7.69 7.16 -1.52
C GLU A 50 7.14 8.40 -2.21
N ASN A 51 5.98 8.24 -2.84
CA ASN A 51 5.31 9.33 -3.51
C ASN A 51 4.24 9.92 -2.59
N PRO A 52 4.21 11.25 -2.43
CA PRO A 52 3.26 11.96 -1.56
C PRO A 52 1.83 11.41 -1.65
N ALA A 53 1.41 11.07 -2.85
CA ALA A 53 0.08 10.49 -3.05
C ALA A 53 0.03 9.08 -2.47
N LEU A 54 0.79 8.15 -3.06
CA LEU A 54 0.88 6.77 -2.61
C LEU A 54 1.82 5.97 -3.53
N TRP A 55 1.33 5.70 -4.73
CA TRP A 55 2.03 4.83 -5.68
C TRP A 55 3.25 5.53 -6.26
N GLY A 56 4.34 4.77 -6.41
CA GLY A 56 5.58 5.33 -6.93
C GLY A 56 6.80 4.58 -6.44
N GLY A 57 6.66 3.92 -5.30
CA GLY A 57 7.77 3.18 -4.72
C GLY A 57 7.41 2.59 -3.37
N LYS A 58 8.32 2.68 -2.42
CA LYS A 58 8.13 2.08 -1.10
C LYS A 58 7.00 2.77 -0.32
N VAL A 59 6.30 1.98 0.47
CA VAL A 59 5.30 2.48 1.41
C VAL A 59 5.45 1.74 2.73
N THR A 60 5.39 2.46 3.83
CA THR A 60 5.61 1.88 5.14
C THR A 60 4.31 1.86 5.95
N LEU A 61 3.99 0.69 6.48
CA LEU A 61 2.83 0.52 7.34
C LEU A 61 3.09 1.17 8.70
N ALA A 62 2.01 1.52 9.40
CA ALA A 62 2.12 2.10 10.74
C ALA A 62 2.79 1.12 11.71
N ASN A 63 2.81 -0.15 11.32
CA ASN A 63 3.48 -1.20 12.08
C ASN A 63 5.00 -1.02 12.02
N GLY A 64 5.47 -0.42 10.94
CA GLY A 64 6.91 -0.28 10.72
C GLY A 64 7.37 -1.15 9.57
N TRP A 65 6.56 -2.14 9.23
CA TRP A 65 6.86 -3.04 8.12
C TRP A 65 6.70 -2.30 6.80
N GLN A 66 7.58 -2.58 5.84
CA GLN A 66 7.59 -1.86 4.57
C GLN A 66 7.23 -2.78 3.40
N LEU A 67 6.55 -2.19 2.40
CA LEU A 67 6.17 -2.88 1.18
C LEU A 67 6.47 -1.98 0.00
N GLU A 68 6.94 -2.55 -1.12
CA GLU A 68 7.30 -1.76 -2.29
C GLU A 68 6.10 -1.66 -3.24
N LEU A 69 5.48 -0.49 -3.25
CA LEU A 69 4.25 -0.25 -4.01
C LEU A 69 4.59 0.07 -5.47
N PRO A 70 3.99 -0.66 -6.43
CA PRO A 70 4.22 -0.44 -7.87
C PRO A 70 4.02 1.03 -8.30
N ALA A 71 4.83 1.46 -9.27
CA ALA A 71 4.77 2.82 -9.76
C ALA A 71 3.71 2.95 -10.86
N MET A 72 2.48 3.23 -10.46
CA MET A 72 1.37 3.42 -11.40
C MET A 72 0.55 4.65 -10.96
N ALA A 73 -0.74 4.67 -11.30
CA ALA A 73 -1.62 5.77 -10.90
C ALA A 73 -1.46 6.08 -9.41
N ALA A 74 -0.91 7.25 -9.11
CA ALA A 74 -0.56 7.63 -7.74
C ALA A 74 -1.78 7.73 -6.83
N ASP A 75 -2.94 8.03 -7.41
CA ASP A 75 -4.18 8.10 -6.66
C ASP A 75 -5.30 7.40 -7.41
N THR A 76 -5.50 6.12 -7.08
CA THR A 76 -6.62 5.36 -7.60
C THR A 76 -7.89 5.70 -6.82
N PRO A 77 -9.00 6.03 -7.54
CA PRO A 77 -10.26 6.41 -6.89
C PRO A 77 -10.93 5.23 -6.19
N LEU A 78 -10.38 4.03 -6.41
CA LEU A 78 -10.92 2.81 -5.86
C LEU A 78 -9.79 1.90 -5.37
N PRO A 79 -10.10 0.96 -4.44
CA PRO A 79 -9.13 -0.04 -3.98
C PRO A 79 -8.74 -0.99 -5.12
N ILE A 80 -7.45 -1.28 -5.23
CA ILE A 80 -6.94 -2.09 -6.34
C ILE A 80 -5.92 -3.11 -5.84
N THR A 81 -5.92 -4.28 -6.44
CA THR A 81 -5.00 -5.36 -6.09
C THR A 81 -3.81 -5.37 -7.06
N VAL A 82 -2.59 -5.41 -6.51
CA VAL A 82 -1.38 -5.32 -7.31
C VAL A 82 -0.30 -6.28 -6.81
N GLU A 83 0.84 -6.25 -7.50
CA GLU A 83 2.03 -7.04 -7.13
C GLU A 83 2.58 -6.62 -5.77
N ALA A 84 2.99 -7.60 -4.96
CA ALA A 84 3.58 -7.33 -3.65
C ALA A 84 5.08 -7.64 -3.66
N ARG A 85 5.89 -6.65 -3.32
CA ARG A 85 7.33 -6.81 -3.17
C ARG A 85 7.72 -6.40 -1.75
N LYS A 86 7.95 -7.38 -0.90
CA LYS A 86 8.26 -7.13 0.52
C LYS A 86 9.59 -6.40 0.65
N LEU A 87 9.69 -5.52 1.64
CA LEU A 87 10.94 -4.82 1.93
C LEU A 87 11.48 -5.28 3.29
N MET A 22 2.29 -13.55 -4.61
CA MET A 22 2.55 -12.20 -4.06
C MET A 22 1.29 -11.36 -4.13
N LYS A 23 0.46 -11.47 -3.10
CA LYS A 23 -0.85 -10.83 -3.09
C LYS A 23 -0.93 -9.74 -2.02
N VAL A 24 -1.09 -8.50 -2.45
CA VAL A 24 -1.30 -7.37 -1.54
C VAL A 24 -2.39 -6.44 -2.08
N MET A 25 -3.38 -6.15 -1.26
CA MET A 25 -4.50 -5.31 -1.65
C MET A 25 -4.33 -3.90 -1.10
N ILE A 26 -4.09 -2.94 -1.98
CA ILE A 26 -3.96 -1.54 -1.57
C ILE A 26 -5.35 -0.98 -1.29
N ARG A 27 -5.58 -0.59 -0.05
CA ARG A 27 -6.90 -0.19 0.40
C ARG A 27 -7.05 1.33 0.34
N LYS A 28 -8.00 1.78 -0.47
CA LYS A 28 -8.25 3.21 -0.64
C LYS A 28 -9.54 3.59 0.08
N THR A 29 -9.43 4.46 1.06
CA THR A 29 -10.57 4.96 1.82
C THR A 29 -10.38 6.45 2.12
N ALA A 30 -11.48 7.16 2.38
CA ALA A 30 -11.42 8.58 2.73
C ALA A 30 -10.36 8.82 3.81
N THR A 31 -9.24 9.43 3.39
CA THR A 31 -8.06 9.70 4.23
C THR A 31 -7.33 8.42 4.67
N GLY A 32 -8.08 7.39 5.04
CA GLY A 32 -7.49 6.15 5.51
C GLY A 32 -6.82 5.37 4.38
N HIS A 33 -5.49 5.40 4.36
CA HIS A 33 -4.72 4.61 3.41
C HIS A 33 -4.11 3.42 4.13
N SER A 34 -4.42 2.22 3.68
CA SER A 34 -3.88 1.02 4.28
C SER A 34 -3.48 0.01 3.20
N ALA A 35 -2.64 -0.94 3.55
CA ALA A 35 -2.22 -1.98 2.62
C ALA A 35 -2.42 -3.35 3.26
N TYR A 36 -3.30 -4.13 2.66
CA TYR A 36 -3.64 -5.45 3.16
C TYR A 36 -2.67 -6.50 2.60
N VAL A 37 -1.72 -6.92 3.42
CA VAL A 37 -0.80 -7.98 3.07
C VAL A 37 -1.53 -9.32 3.13
N ALA A 38 -2.12 -9.71 2.00
CA ALA A 38 -2.98 -10.87 1.93
C ALA A 38 -2.27 -12.15 2.36
N LYS A 39 -0.97 -12.24 2.05
CA LYS A 39 -0.19 -13.44 2.35
C LYS A 39 -0.02 -13.64 3.85
N LYS A 40 -0.36 -12.62 4.64
CA LYS A 40 -0.26 -12.71 6.10
C LYS A 40 -1.59 -12.31 6.75
N ASP A 41 -2.53 -11.81 5.95
CA ASP A 41 -3.81 -11.32 6.45
C ASP A 41 -3.62 -10.05 7.29
N LEU A 42 -2.47 -9.43 7.14
CA LEU A 42 -2.11 -8.23 7.89
C LEU A 42 -2.59 -6.99 7.16
N GLU A 43 -3.21 -6.05 7.89
CA GLU A 43 -3.59 -4.77 7.33
C GLU A 43 -3.20 -3.65 8.28
N GLU A 44 -2.21 -2.85 7.89
CA GLU A 44 -1.78 -1.71 8.67
C GLU A 44 -2.03 -0.41 7.92
N LEU A 45 -2.06 0.69 8.65
CA LEU A 45 -2.20 2.01 8.05
C LEU A 45 -0.88 2.46 7.45
N ILE A 46 -0.95 3.01 6.25
CA ILE A 46 0.21 3.58 5.59
C ILE A 46 0.62 4.88 6.27
N VAL A 47 1.73 4.84 6.99
CA VAL A 47 2.22 6.00 7.73
C VAL A 47 3.26 6.77 6.93
N GLU A 48 3.88 6.09 5.97
CA GLU A 48 4.91 6.70 5.12
C GLU A 48 4.79 6.17 3.70
N MET A 49 5.03 7.05 2.74
CA MET A 49 4.89 6.71 1.32
C MET A 49 6.20 7.00 0.58
N GLU A 50 6.22 6.67 -0.70
CA GLU A 50 7.30 7.09 -1.58
C GLU A 50 7.00 8.51 -2.08
N ASN A 51 5.84 8.63 -2.71
CA ASN A 51 5.34 9.91 -3.20
C ASN A 51 4.42 10.52 -2.16
N PRO A 52 4.53 11.85 -1.91
CA PRO A 52 3.66 12.57 -0.98
C PRO A 52 2.18 12.22 -1.11
N ALA A 53 1.80 11.71 -2.28
CA ALA A 53 0.45 11.20 -2.50
C ALA A 53 0.33 9.78 -1.95
N LEU A 54 1.01 8.82 -2.61
CA LEU A 54 0.97 7.42 -2.20
C LEU A 54 1.87 6.57 -3.10
N TRP A 55 1.40 6.30 -4.32
CA TRP A 55 2.11 5.44 -5.26
C TRP A 55 3.36 6.13 -5.81
N GLY A 56 4.46 5.40 -5.92
CA GLY A 56 5.70 5.99 -6.41
C GLY A 56 6.87 5.00 -6.46
N GLY A 57 6.97 4.16 -5.45
CA GLY A 57 8.08 3.23 -5.36
C GLY A 57 7.95 2.29 -4.17
N LYS A 58 8.14 2.82 -2.98
CA LYS A 58 7.96 2.04 -1.75
C LYS A 58 6.88 2.65 -0.85
N VAL A 59 6.42 1.87 0.11
CA VAL A 59 5.45 2.34 1.09
C VAL A 59 5.71 1.63 2.43
N THR A 60 5.47 2.32 3.55
CA THR A 60 5.73 1.76 4.87
C THR A 60 4.46 1.72 5.72
N LEU A 61 4.25 0.57 6.35
CA LEU A 61 3.07 0.34 7.19
C LEU A 61 3.36 0.70 8.64
N ALA A 62 2.30 1.01 9.38
CA ALA A 62 2.39 1.44 10.78
C ALA A 62 3.19 0.47 11.65
N ASN A 63 3.10 -0.81 11.35
CA ASN A 63 3.68 -1.84 12.23
C ASN A 63 5.12 -2.16 11.83
N GLY A 64 5.62 -1.52 10.77
CA GLY A 64 7.01 -1.67 10.39
C GLY A 64 7.20 -2.32 9.03
N TRP A 65 6.24 -3.15 8.62
CA TRP A 65 6.30 -3.83 7.31
C TRP A 65 6.36 -2.80 6.19
N GLN A 66 7.17 -3.10 5.17
CA GLN A 66 7.30 -2.22 4.01
C GLN A 66 6.95 -2.99 2.75
N LEU A 67 6.32 -2.29 1.81
CA LEU A 67 5.85 -2.89 0.56
C LEU A 67 6.25 -1.98 -0.60
N GLU A 68 6.68 -2.58 -1.71
CA GLU A 68 7.04 -1.80 -2.89
C GLU A 68 5.80 -1.42 -3.68
N LEU A 69 5.49 -0.12 -3.70
CA LEU A 69 4.28 0.40 -4.33
C LEU A 69 4.64 1.20 -5.59
N PRO A 70 4.61 0.57 -6.77
CA PRO A 70 5.03 1.20 -8.04
C PRO A 70 4.11 2.36 -8.43
N ALA A 71 4.66 3.34 -9.15
CA ALA A 71 3.91 4.50 -9.58
C ALA A 71 2.99 4.12 -10.74
N MET A 72 1.84 3.54 -10.41
CA MET A 72 0.83 3.16 -11.40
C MET A 72 -0.21 4.27 -11.53
N ALA A 73 -0.95 4.51 -10.46
CA ALA A 73 -1.97 5.54 -10.43
C ALA A 73 -2.03 6.19 -9.05
N ALA A 74 -1.64 7.46 -8.97
CA ALA A 74 -1.57 8.19 -7.71
C ALA A 74 -2.93 8.28 -7.04
N ASP A 75 -3.96 8.57 -7.83
CA ASP A 75 -5.31 8.76 -7.31
C ASP A 75 -5.92 7.43 -6.85
N THR A 76 -5.95 6.44 -7.74
CA THR A 76 -6.55 5.12 -7.46
C THR A 76 -7.88 5.25 -6.69
N PRO A 77 -9.00 5.38 -7.41
CA PRO A 77 -10.31 5.64 -6.81
C PRO A 77 -10.87 4.44 -6.05
N LEU A 78 -10.37 3.25 -6.36
CA LEU A 78 -10.83 2.02 -5.74
C LEU A 78 -9.67 1.24 -5.15
N PRO A 79 -9.92 0.40 -4.12
CA PRO A 79 -8.89 -0.44 -3.52
C PRO A 79 -8.41 -1.53 -4.47
N ILE A 80 -7.33 -1.25 -5.18
CA ILE A 80 -6.78 -2.16 -6.18
C ILE A 80 -5.78 -3.12 -5.55
N THR A 81 -5.77 -4.36 -6.03
CA THR A 81 -4.82 -5.37 -5.58
C THR A 81 -3.66 -5.47 -6.55
N VAL A 82 -2.43 -5.42 -6.02
CA VAL A 82 -1.23 -5.45 -6.85
C VAL A 82 -0.27 -6.57 -6.42
N GLU A 83 0.83 -6.71 -7.15
CA GLU A 83 1.82 -7.73 -6.88
C GLU A 83 2.71 -7.30 -5.71
N ALA A 84 2.79 -8.14 -4.69
CA ALA A 84 3.48 -7.81 -3.44
C ALA A 84 4.99 -7.99 -3.54
N ARG A 85 5.71 -6.91 -3.27
CA ARG A 85 7.16 -6.95 -3.07
C ARG A 85 7.48 -6.49 -1.66
N LYS A 86 7.73 -7.44 -0.76
CA LYS A 86 8.03 -7.09 0.63
C LYS A 86 9.44 -6.53 0.74
N LEU A 87 9.58 -5.41 1.43
CA LEU A 87 10.87 -4.79 1.64
C LEU A 87 11.34 -5.04 3.08
N MET A 22 2.56 -12.88 -3.81
CA MET A 22 2.83 -11.75 -4.74
C MET A 22 1.63 -10.81 -4.83
N LYS A 23 0.58 -11.09 -4.05
CA LYS A 23 -0.65 -10.31 -4.11
C LYS A 23 -0.82 -9.45 -2.87
N VAL A 24 -1.17 -8.18 -3.09
CA VAL A 24 -1.50 -7.25 -2.01
C VAL A 24 -2.62 -6.31 -2.47
N MET A 25 -3.62 -6.12 -1.62
CA MET A 25 -4.75 -5.26 -1.92
C MET A 25 -4.62 -3.93 -1.20
N ILE A 26 -4.44 -2.86 -1.96
CA ILE A 26 -4.30 -1.52 -1.38
C ILE A 26 -5.66 -0.85 -1.26
N ARG A 27 -6.06 -0.57 -0.02
CA ARG A 27 -7.38 -0.02 0.26
C ARG A 27 -7.32 1.50 0.33
N LYS A 28 -8.41 2.14 -0.08
CA LYS A 28 -8.46 3.60 -0.16
C LYS A 28 -9.60 4.13 0.72
N THR A 29 -9.43 5.35 1.21
CA THR A 29 -10.41 6.02 2.06
C THR A 29 -10.15 7.52 2.02
N ALA A 30 -11.12 8.32 2.46
CA ALA A 30 -11.02 9.78 2.50
C ALA A 30 -9.61 10.24 2.93
N THR A 31 -9.07 9.58 3.94
CA THR A 31 -7.70 9.86 4.41
C THR A 31 -7.04 8.58 4.93
N GLY A 32 -7.84 7.69 5.51
CA GLY A 32 -7.31 6.46 6.08
C GLY A 32 -6.86 5.46 5.04
N HIS A 33 -5.70 5.72 4.43
CA HIS A 33 -5.12 4.79 3.46
C HIS A 33 -4.66 3.52 4.19
N SER A 34 -4.91 2.36 3.61
CA SER A 34 -4.55 1.09 4.23
C SER A 34 -4.11 0.06 3.19
N ALA A 35 -3.44 -1.00 3.63
CA ALA A 35 -2.96 -2.05 2.73
C ALA A 35 -3.15 -3.42 3.37
N TYR A 36 -3.49 -4.41 2.54
CA TYR A 36 -3.72 -5.78 3.02
C TYR A 36 -2.87 -6.78 2.24
N VAL A 37 -1.91 -7.39 2.92
CA VAL A 37 -1.03 -8.40 2.32
C VAL A 37 -1.69 -9.78 2.38
N ALA A 38 -1.85 -10.41 1.22
CA ALA A 38 -2.59 -11.67 1.10
C ALA A 38 -2.02 -12.78 1.99
N LYS A 39 -0.83 -13.29 1.63
CA LYS A 39 -0.26 -14.47 2.31
C LYS A 39 0.03 -14.22 3.79
N LYS A 40 0.07 -12.95 4.18
CA LYS A 40 0.39 -12.58 5.56
C LYS A 40 -0.89 -12.25 6.34
N ASP A 41 -1.98 -12.02 5.61
CA ASP A 41 -3.27 -11.63 6.22
C ASP A 41 -3.10 -10.33 7.01
N LEU A 42 -2.10 -9.54 6.61
CA LEU A 42 -1.72 -8.33 7.32
C LEU A 42 -2.47 -7.13 6.76
N GLU A 43 -3.16 -6.41 7.62
CA GLU A 43 -3.87 -5.21 7.23
C GLU A 43 -3.49 -4.06 8.16
N GLU A 44 -2.74 -3.11 7.63
CA GLU A 44 -2.24 -1.98 8.42
C GLU A 44 -2.47 -0.67 7.66
N LEU A 45 -2.43 0.42 8.41
CA LEU A 45 -2.61 1.76 7.83
C LEU A 45 -1.33 2.21 7.13
N ILE A 46 -1.50 2.98 6.06
CA ILE A 46 -0.37 3.54 5.31
C ILE A 46 0.01 4.90 5.91
N VAL A 47 1.18 4.98 6.52
CA VAL A 47 1.63 6.23 7.16
C VAL A 47 2.64 6.97 6.27
N GLU A 48 3.50 6.24 5.59
CA GLU A 48 4.53 6.84 4.75
C GLU A 48 4.48 6.26 3.35
N MET A 49 4.24 7.12 2.36
CA MET A 49 4.23 6.71 0.96
C MET A 49 5.53 7.18 0.29
N GLU A 50 5.89 6.53 -0.81
CA GLU A 50 7.05 6.96 -1.59
C GLU A 50 6.85 8.39 -2.08
N ASN A 51 5.78 8.59 -2.84
CA ASN A 51 5.39 9.93 -3.32
C ASN A 51 4.33 10.50 -2.39
N PRO A 52 4.23 11.84 -2.29
CA PRO A 52 3.28 12.51 -1.39
C PRO A 52 1.82 12.12 -1.66
N ALA A 53 1.59 11.53 -2.83
CA ALA A 53 0.25 11.09 -3.23
C ALA A 53 -0.09 9.74 -2.60
N LEU A 54 0.58 8.68 -3.06
CA LEU A 54 0.32 7.32 -2.59
C LEU A 54 1.31 6.36 -3.22
N TRP A 55 1.18 6.17 -4.54
CA TRP A 55 2.01 5.23 -5.29
C TRP A 55 3.33 5.88 -5.70
N GLY A 56 4.33 5.08 -6.03
CA GLY A 56 5.60 5.63 -6.49
C GLY A 56 6.70 4.59 -6.57
N GLY A 57 6.99 3.93 -5.45
CA GLY A 57 8.09 2.98 -5.39
C GLY A 57 7.96 2.04 -4.20
N LYS A 58 8.03 2.59 -2.99
CA LYS A 58 7.81 1.80 -1.78
C LYS A 58 6.83 2.51 -0.85
N VAL A 59 6.38 1.78 0.17
CA VAL A 59 5.43 2.29 1.14
C VAL A 59 5.72 1.67 2.51
N THR A 60 5.39 2.38 3.58
CA THR A 60 5.60 1.89 4.93
C THR A 60 4.30 1.86 5.72
N LEU A 61 4.01 0.71 6.31
CA LEU A 61 2.81 0.52 7.11
C LEU A 61 3.00 1.11 8.51
N ALA A 62 1.89 1.38 9.19
CA ALA A 62 1.91 2.04 10.49
C ALA A 62 2.70 1.24 11.52
N ASN A 63 2.74 -0.07 11.35
CA ASN A 63 3.46 -0.94 12.29
C ASN A 63 4.97 -0.83 12.06
N GLY A 64 5.38 -0.58 10.82
CA GLY A 64 6.79 -0.42 10.51
C GLY A 64 7.26 -1.29 9.35
N TRP A 65 6.42 -2.22 8.91
CA TRP A 65 6.76 -3.07 7.78
C TRP A 65 6.79 -2.28 6.47
N GLN A 66 7.74 -2.61 5.61
CA GLN A 66 7.90 -1.96 4.31
C GLN A 66 7.37 -2.84 3.19
N LEU A 67 6.64 -2.24 2.26
CA LEU A 67 6.11 -2.93 1.10
C LEU A 67 6.47 -2.15 -0.16
N GLU A 68 6.78 -2.85 -1.24
CA GLU A 68 7.09 -2.20 -2.51
C GLU A 68 5.80 -1.83 -3.22
N LEU A 69 5.64 -0.55 -3.52
CA LEU A 69 4.41 -0.04 -4.10
C LEU A 69 4.68 0.47 -5.52
N PRO A 70 4.34 -0.33 -6.55
CA PRO A 70 4.66 -0.01 -7.95
C PRO A 70 4.06 1.32 -8.41
N ALA A 71 4.74 1.96 -9.35
CA ALA A 71 4.28 3.25 -9.87
C ALA A 71 3.02 3.06 -10.72
N MET A 72 1.88 3.16 -10.06
CA MET A 72 0.58 3.08 -10.72
C MET A 72 -0.13 4.42 -10.61
N ALA A 73 -1.39 4.47 -11.04
CA ALA A 73 -2.20 5.69 -10.95
C ALA A 73 -2.28 6.16 -9.50
N ALA A 74 -1.70 7.33 -9.23
CA ALA A 74 -1.69 7.88 -7.88
C ALA A 74 -3.11 8.08 -7.38
N ASP A 75 -3.92 8.74 -8.20
CA ASP A 75 -5.32 8.97 -7.87
C ASP A 75 -6.15 7.73 -8.17
N THR A 76 -6.05 6.75 -7.28
CA THR A 76 -6.87 5.55 -7.33
C THR A 76 -7.77 5.49 -6.08
N PRO A 77 -9.05 5.92 -6.22
CA PRO A 77 -9.99 5.92 -5.09
C PRO A 77 -10.55 4.53 -4.78
N LEU A 78 -10.22 3.57 -5.63
CA LEU A 78 -10.73 2.20 -5.50
C LEU A 78 -9.65 1.27 -4.90
N PRO A 79 -10.08 0.23 -4.15
CA PRO A 79 -9.16 -0.77 -3.61
C PRO A 79 -8.63 -1.68 -4.71
N ILE A 80 -7.47 -1.31 -5.26
CA ILE A 80 -6.85 -2.07 -6.34
C ILE A 80 -5.83 -3.07 -5.77
N THR A 81 -5.77 -4.24 -6.39
CA THR A 81 -4.85 -5.29 -6.00
C THR A 81 -3.64 -5.31 -6.93
N VAL A 82 -2.44 -5.17 -6.35
CA VAL A 82 -1.20 -5.14 -7.13
C VAL A 82 -0.20 -6.17 -6.61
N GLU A 83 0.96 -6.24 -7.26
CA GLU A 83 2.01 -7.16 -6.85
C GLU A 83 2.63 -6.69 -5.54
N ALA A 84 3.12 -7.65 -4.75
CA ALA A 84 3.67 -7.37 -3.43
C ALA A 84 5.13 -7.79 -3.36
N ARG A 85 5.97 -6.92 -2.84
CA ARG A 85 7.38 -7.23 -2.58
C ARG A 85 7.76 -6.73 -1.19
N LYS A 86 8.23 -7.63 -0.36
CA LYS A 86 8.59 -7.30 1.01
C LYS A 86 10.00 -6.71 1.09
N LEU A 87 10.11 -5.51 1.65
CA LEU A 87 11.41 -4.88 1.90
C LEU A 87 11.83 -5.17 3.34
N MET A 22 2.79 -13.14 -4.85
CA MET A 22 2.69 -12.18 -3.74
C MET A 22 1.54 -11.19 -4.01
N LYS A 23 0.50 -11.25 -3.19
CA LYS A 23 -0.71 -10.46 -3.41
C LYS A 23 -0.90 -9.41 -2.31
N VAL A 24 -1.28 -8.21 -2.70
CA VAL A 24 -1.60 -7.14 -1.75
C VAL A 24 -2.72 -6.25 -2.29
N MET A 25 -3.66 -5.88 -1.41
CA MET A 25 -4.79 -5.05 -1.80
C MET A 25 -4.66 -3.65 -1.17
N ILE A 26 -4.50 -2.64 -2.01
CA ILE A 26 -4.37 -1.27 -1.53
C ILE A 26 -5.75 -0.64 -1.34
N ARG A 27 -6.10 -0.35 -0.10
CA ARG A 27 -7.41 0.20 0.23
C ARG A 27 -7.30 1.69 0.56
N LYS A 28 -8.26 2.47 0.08
CA LYS A 28 -8.27 3.90 0.36
C LYS A 28 -9.69 4.37 0.66
N THR A 29 -9.82 5.19 1.69
CA THR A 29 -11.10 5.80 2.04
C THR A 29 -11.06 7.30 1.72
N ALA A 30 -10.04 7.96 2.26
CA ALA A 30 -9.78 9.37 2.01
C ALA A 30 -8.43 9.73 2.61
N THR A 31 -8.42 10.18 3.87
CA THR A 31 -7.16 10.30 4.60
C THR A 31 -6.72 8.91 5.06
N GLY A 32 -7.71 8.04 5.26
CA GLY A 32 -7.46 6.66 5.62
C GLY A 32 -6.90 5.87 4.46
N HIS A 33 -5.57 5.73 4.45
CA HIS A 33 -4.89 4.91 3.46
C HIS A 33 -4.40 3.63 4.12
N SER A 34 -4.83 2.48 3.63
CA SER A 34 -4.44 1.21 4.23
C SER A 34 -4.03 0.21 3.14
N ALA A 35 -3.31 -0.82 3.55
CA ALA A 35 -2.87 -1.87 2.62
C ALA A 35 -3.05 -3.24 3.26
N TYR A 36 -3.87 -4.06 2.63
CA TYR A 36 -4.08 -5.44 3.08
C TYR A 36 -3.08 -6.36 2.40
N VAL A 37 -2.05 -6.75 3.13
CA VAL A 37 -1.06 -7.69 2.64
C VAL A 37 -1.62 -9.10 2.70
N ALA A 38 -2.26 -9.53 1.61
CA ALA A 38 -2.90 -10.84 1.53
C ALA A 38 -1.93 -11.96 1.88
N LYS A 39 -0.66 -11.74 1.56
CA LYS A 39 0.41 -12.68 1.90
C LYS A 39 0.40 -13.02 3.39
N LYS A 40 0.44 -11.99 4.22
CA LYS A 40 0.52 -12.15 5.68
C LYS A 40 -0.89 -12.09 6.27
N ASP A 41 -1.88 -11.78 5.43
CA ASP A 41 -3.26 -11.56 5.87
C ASP A 41 -3.29 -10.38 6.85
N LEU A 42 -2.31 -9.49 6.68
CA LEU A 42 -2.10 -8.36 7.55
C LEU A 42 -2.55 -7.08 6.85
N GLU A 43 -3.54 -6.40 7.42
CA GLU A 43 -3.93 -5.09 6.93
C GLU A 43 -3.50 -4.03 7.92
N GLU A 44 -2.87 -2.97 7.43
CA GLU A 44 -2.35 -1.93 8.31
C GLU A 44 -2.48 -0.56 7.65
N LEU A 45 -2.40 0.49 8.46
CA LEU A 45 -2.47 1.85 7.97
C LEU A 45 -1.14 2.26 7.34
N ILE A 46 -1.21 2.98 6.23
CA ILE A 46 -0.03 3.48 5.54
C ILE A 46 0.42 4.80 6.17
N VAL A 47 1.67 4.84 6.62
CA VAL A 47 2.19 6.00 7.35
C VAL A 47 3.27 6.75 6.55
N GLU A 48 4.08 6.00 5.82
CA GLU A 48 5.20 6.58 5.07
C GLU A 48 5.15 6.10 3.62
N MET A 49 5.11 7.04 2.67
CA MET A 49 5.04 6.70 1.26
C MET A 49 6.20 7.36 0.51
N GLU A 50 6.77 6.63 -0.46
CA GLU A 50 7.83 7.18 -1.29
C GLU A 50 7.36 8.43 -2.02
N ASN A 51 6.09 8.41 -2.41
CA ASN A 51 5.47 9.51 -3.15
C ASN A 51 4.47 10.24 -2.25
N PRO A 52 4.42 11.59 -2.32
CA PRO A 52 3.48 12.40 -1.55
C PRO A 52 2.04 11.89 -1.65
N ALA A 53 1.67 11.37 -2.81
CA ALA A 53 0.34 10.80 -3.01
C ALA A 53 0.22 9.46 -2.32
N LEU A 54 0.95 8.46 -2.85
CA LEU A 54 0.91 7.10 -2.31
C LEU A 54 1.80 6.18 -3.12
N TRP A 55 1.39 5.92 -4.37
CA TRP A 55 2.10 5.00 -5.25
C TRP A 55 3.34 5.65 -5.84
N GLY A 56 4.45 4.93 -5.85
CA GLY A 56 5.70 5.49 -6.35
C GLY A 56 6.79 4.45 -6.45
N GLY A 57 6.98 3.68 -5.38
CA GLY A 57 8.04 2.70 -5.34
C GLY A 57 7.96 1.84 -4.10
N LYS A 58 8.29 2.41 -2.95
CA LYS A 58 8.17 1.71 -1.67
C LYS A 58 7.28 2.48 -0.70
N VAL A 59 6.69 1.75 0.25
CA VAL A 59 5.79 2.32 1.23
C VAL A 59 5.93 1.57 2.55
N THR A 60 5.56 2.22 3.65
CA THR A 60 5.69 1.61 4.98
C THR A 60 4.37 1.65 5.73
N LEU A 61 3.97 0.49 6.26
CA LEU A 61 2.78 0.37 7.10
C LEU A 61 3.09 0.81 8.53
N ALA A 62 2.05 1.07 9.31
CA ALA A 62 2.19 1.50 10.69
C ALA A 62 2.92 0.46 11.54
N ASN A 63 2.84 -0.80 11.09
CA ASN A 63 3.48 -1.91 11.79
C ASN A 63 4.96 -2.03 11.39
N GLY A 64 5.44 -1.07 10.60
CA GLY A 64 6.82 -1.07 10.16
C GLY A 64 7.07 -2.00 8.98
N TRP A 65 5.98 -2.52 8.41
CA TRP A 65 6.06 -3.41 7.26
C TRP A 65 6.32 -2.59 5.99
N GLN A 66 7.50 -2.76 5.41
CA GLN A 66 7.86 -2.06 4.18
C GLN A 66 7.43 -2.88 2.95
N LEU A 67 6.51 -2.30 2.19
CA LEU A 67 5.93 -2.96 1.02
C LEU A 67 6.25 -2.13 -0.22
N GLU A 68 6.64 -2.79 -1.32
CA GLU A 68 6.95 -2.08 -2.55
C GLU A 68 5.66 -1.74 -3.30
N LEU A 69 5.36 -0.44 -3.38
CA LEU A 69 4.14 0.05 -4.03
C LEU A 69 4.50 0.76 -5.34
N PRO A 70 4.35 0.07 -6.48
CA PRO A 70 4.79 0.61 -7.78
C PRO A 70 3.97 1.84 -8.19
N ALA A 71 4.57 2.71 -9.00
CA ALA A 71 3.89 3.90 -9.49
C ALA A 71 2.96 3.53 -10.65
N MET A 72 1.76 3.07 -10.31
CA MET A 72 0.75 2.71 -11.32
C MET A 72 -0.44 3.67 -11.27
N ALA A 73 -1.33 3.45 -10.31
CA ALA A 73 -2.51 4.30 -10.15
C ALA A 73 -2.61 4.80 -8.70
N ALA A 74 -2.21 6.04 -8.49
CA ALA A 74 -2.15 6.62 -7.15
C ALA A 74 -3.54 7.06 -6.68
N ASP A 75 -4.22 7.83 -7.52
CA ASP A 75 -5.50 8.45 -7.15
C ASP A 75 -6.69 7.60 -7.62
N THR A 76 -6.47 6.29 -7.74
CA THR A 76 -7.56 5.37 -8.09
C THR A 76 -8.59 5.35 -6.95
N PRO A 77 -9.90 5.42 -7.27
CA PRO A 77 -10.96 5.51 -6.27
C PRO A 77 -11.39 4.15 -5.71
N LEU A 78 -10.79 3.08 -6.21
CA LEU A 78 -11.19 1.72 -5.81
C LEU A 78 -10.00 0.96 -5.21
N PRO A 79 -10.28 0.04 -4.26
CA PRO A 79 -9.24 -0.80 -3.66
C PRO A 79 -8.68 -1.80 -4.68
N ILE A 80 -7.58 -1.42 -5.30
CA ILE A 80 -6.96 -2.23 -6.34
C ILE A 80 -5.97 -3.22 -5.74
N THR A 81 -5.93 -4.43 -6.30
CA THR A 81 -5.02 -5.48 -5.85
C THR A 81 -3.82 -5.60 -6.80
N VAL A 82 -2.61 -5.46 -6.24
CA VAL A 82 -1.38 -5.52 -7.02
C VAL A 82 -0.40 -6.52 -6.41
N GLU A 83 0.74 -6.68 -7.07
CA GLU A 83 1.81 -7.56 -6.60
C GLU A 83 2.46 -6.97 -5.34
N ALA A 84 2.95 -7.84 -4.47
CA ALA A 84 3.55 -7.42 -3.21
C ALA A 84 5.04 -7.77 -3.17
N ARG A 85 5.81 -6.98 -2.42
CA ARG A 85 7.24 -7.24 -2.22
C ARG A 85 7.67 -6.64 -0.89
N LYS A 86 8.19 -7.47 0.01
CA LYS A 86 8.65 -7.01 1.32
C LYS A 86 10.10 -6.56 1.25
N LEU A 87 10.33 -5.30 1.62
CA LEU A 87 11.68 -4.77 1.75
C LEU A 87 12.15 -5.02 3.19
N MET A 22 2.16 -12.40 -6.53
CA MET A 22 2.17 -11.64 -5.24
C MET A 22 0.85 -10.90 -5.07
N LYS A 23 0.29 -10.92 -3.86
CA LYS A 23 -1.07 -10.44 -3.63
C LYS A 23 -1.15 -9.47 -2.43
N VAL A 24 -1.43 -8.19 -2.71
CA VAL A 24 -1.70 -7.20 -1.67
C VAL A 24 -2.80 -6.25 -2.14
N MET A 25 -3.81 -6.04 -1.30
CA MET A 25 -4.91 -5.15 -1.63
C MET A 25 -4.73 -3.80 -0.94
N ILE A 26 -4.47 -2.77 -1.73
CA ILE A 26 -4.32 -1.42 -1.19
C ILE A 26 -5.70 -0.75 -1.10
N ARG A 27 -6.00 -0.20 0.07
CA ARG A 27 -7.29 0.46 0.28
C ARG A 27 -7.12 1.95 0.07
N LYS A 28 -8.02 2.54 -0.70
CA LYS A 28 -7.81 3.87 -1.23
C LYS A 28 -8.70 4.91 -0.55
N THR A 29 -8.05 5.85 0.14
CA THR A 29 -8.68 7.03 0.70
C THR A 29 -7.60 7.90 1.35
N ALA A 30 -7.63 9.19 1.03
CA ALA A 30 -6.60 10.12 1.51
C ALA A 30 -6.60 10.23 3.02
N THR A 31 -7.76 9.96 3.63
CA THR A 31 -7.91 10.10 5.07
C THR A 31 -7.89 8.73 5.77
N GLY A 32 -7.32 7.74 5.11
CA GLY A 32 -7.24 6.41 5.70
C GLY A 32 -6.47 5.42 4.84
N HIS A 33 -5.29 5.83 4.39
CA HIS A 33 -4.42 4.95 3.59
C HIS A 33 -4.13 3.68 4.38
N SER A 34 -4.45 2.53 3.81
CA SER A 34 -4.22 1.25 4.45
C SER A 34 -3.97 0.16 3.42
N ALA A 35 -3.40 -0.96 3.85
CA ALA A 35 -3.06 -2.05 2.94
C ALA A 35 -3.24 -3.40 3.61
N TYR A 36 -3.84 -4.33 2.87
CA TYR A 36 -3.98 -5.72 3.32
C TYR A 36 -2.98 -6.59 2.56
N VAL A 37 -1.89 -6.94 3.21
CA VAL A 37 -0.85 -7.78 2.61
C VAL A 37 -1.22 -9.25 2.76
N ALA A 38 -1.85 -9.81 1.73
CA ALA A 38 -2.34 -11.19 1.77
C ALA A 38 -1.20 -12.18 2.04
N LYS A 39 0.01 -11.80 1.66
CA LYS A 39 1.21 -12.60 1.92
C LYS A 39 1.31 -12.95 3.40
N LYS A 40 0.97 -11.99 4.24
CA LYS A 40 1.05 -12.16 5.70
C LYS A 40 -0.37 -12.07 6.29
N ASP A 41 -1.34 -11.74 5.44
CA ASP A 41 -2.70 -11.42 5.86
C ASP A 41 -2.68 -10.23 6.82
N LEU A 42 -1.65 -9.41 6.68
CA LEU A 42 -1.42 -8.27 7.54
C LEU A 42 -2.24 -7.08 7.05
N GLU A 43 -3.03 -6.51 7.94
CA GLU A 43 -3.80 -5.31 7.63
C GLU A 43 -3.33 -4.16 8.53
N GLU A 44 -2.86 -3.08 7.91
CA GLU A 44 -2.31 -1.96 8.68
C GLU A 44 -2.55 -0.64 7.96
N LEU A 45 -2.45 0.45 8.71
CA LEU A 45 -2.53 1.80 8.15
C LEU A 45 -1.17 2.20 7.57
N ILE A 46 -1.19 2.83 6.41
CA ILE A 46 0.02 3.31 5.76
C ILE A 46 0.40 4.67 6.35
N VAL A 47 1.44 4.68 7.17
CA VAL A 47 1.89 5.90 7.83
C VAL A 47 2.76 6.75 6.92
N GLU A 48 3.54 6.10 6.07
CA GLU A 48 4.46 6.78 5.17
C GLU A 48 4.34 6.22 3.76
N MET A 49 4.39 7.10 2.77
CA MET A 49 4.32 6.72 1.37
C MET A 49 5.52 7.29 0.60
N GLU A 50 5.82 6.71 -0.54
CA GLU A 50 6.88 7.23 -1.41
C GLU A 50 6.47 8.62 -1.91
N ASN A 51 5.21 8.75 -2.28
CA ASN A 51 4.66 10.02 -2.75
C ASN A 51 3.53 10.46 -1.80
N PRO A 52 3.29 11.78 -1.68
CA PRO A 52 2.27 12.32 -0.77
C PRO A 52 0.91 11.64 -0.89
N ALA A 53 0.56 11.21 -2.11
CA ALA A 53 -0.69 10.50 -2.35
C ALA A 53 -0.64 9.08 -1.78
N LEU A 54 0.18 8.23 -2.41
CA LEU A 54 0.31 6.84 -1.99
C LEU A 54 1.35 6.12 -2.86
N TRP A 55 0.99 5.87 -4.12
CA TRP A 55 1.80 5.06 -5.03
C TRP A 55 2.99 5.87 -5.56
N GLY A 56 4.03 5.14 -5.96
CA GLY A 56 5.23 5.77 -6.49
C GLY A 56 6.42 4.83 -6.48
N GLY A 57 6.55 4.10 -5.38
CA GLY A 57 7.66 3.16 -5.23
C GLY A 57 7.41 2.20 -4.08
N LYS A 58 7.39 2.73 -2.86
CA LYS A 58 7.12 1.92 -1.67
C LYS A 58 6.31 2.71 -0.65
N VAL A 59 5.80 2.00 0.36
CA VAL A 59 5.11 2.60 1.49
C VAL A 59 5.53 1.89 2.78
N THR A 60 5.09 2.42 3.91
CA THR A 60 5.42 1.85 5.21
C THR A 60 4.15 1.75 6.07
N LEU A 61 3.84 0.54 6.52
CA LEU A 61 2.71 0.30 7.41
C LEU A 61 3.07 0.69 8.84
N ALA A 62 2.06 1.01 9.65
CA ALA A 62 2.27 1.36 11.05
C ALA A 62 2.81 0.17 11.85
N ASN A 63 2.83 -0.99 11.22
CA ASN A 63 3.34 -2.22 11.85
C ASN A 63 4.85 -2.33 11.63
N GLY A 64 5.38 -1.50 10.74
CA GLY A 64 6.79 -1.56 10.38
C GLY A 64 7.01 -2.35 9.10
N TRP A 65 5.92 -2.87 8.54
CA TRP A 65 5.98 -3.63 7.30
C TRP A 65 6.05 -2.69 6.10
N GLN A 66 7.11 -2.81 5.32
CA GLN A 66 7.29 -2.00 4.12
C GLN A 66 6.76 -2.74 2.89
N LEU A 67 5.95 -2.07 2.09
CA LEU A 67 5.33 -2.68 0.92
C LEU A 67 5.71 -1.89 -0.35
N GLU A 68 6.14 -2.60 -1.39
CA GLU A 68 6.56 -1.96 -2.64
C GLU A 68 5.37 -1.83 -3.60
N LEU A 69 5.11 -0.59 -4.02
CA LEU A 69 4.07 -0.31 -5.01
C LEU A 69 4.74 0.12 -6.32
N PRO A 70 4.84 -0.80 -7.29
CA PRO A 70 5.59 -0.57 -8.55
C PRO A 70 4.96 0.53 -9.43
N ALA A 71 5.09 1.78 -8.98
CA ALA A 71 4.65 2.97 -9.71
C ALA A 71 3.36 2.77 -10.50
N MET A 72 2.23 3.02 -9.84
CA MET A 72 0.92 2.99 -10.49
C MET A 72 0.16 4.27 -10.16
N ALA A 73 -1.14 4.32 -10.49
CA ALA A 73 -1.96 5.50 -10.22
C ALA A 73 -1.86 5.91 -8.75
N ALA A 74 -1.18 7.03 -8.50
CA ALA A 74 -0.92 7.51 -7.13
C ALA A 74 -2.20 7.56 -6.30
N ASP A 75 -3.30 7.93 -6.94
CA ASP A 75 -4.61 7.92 -6.30
C ASP A 75 -5.59 7.14 -7.17
N THR A 76 -5.39 5.83 -7.21
CA THR A 76 -6.24 4.92 -7.99
C THR A 76 -7.71 5.04 -7.56
N PRO A 77 -8.65 5.01 -8.53
CA PRO A 77 -10.09 5.18 -8.24
C PRO A 77 -10.73 3.94 -7.63
N LEU A 78 -9.93 2.92 -7.32
CA LEU A 78 -10.45 1.70 -6.70
C LEU A 78 -9.37 1.02 -5.85
N PRO A 79 -9.77 0.35 -4.74
CA PRO A 79 -8.85 -0.45 -3.93
C PRO A 79 -8.35 -1.65 -4.71
N ILE A 80 -7.19 -1.50 -5.34
CA ILE A 80 -6.67 -2.50 -6.26
C ILE A 80 -5.67 -3.45 -5.57
N THR A 81 -5.61 -4.68 -6.08
CA THR A 81 -4.66 -5.67 -5.60
C THR A 81 -3.44 -5.74 -6.54
N VAL A 82 -2.25 -5.62 -5.99
CA VAL A 82 -1.02 -5.64 -6.77
C VAL A 82 0.02 -6.56 -6.15
N GLU A 83 1.18 -6.66 -6.80
CA GLU A 83 2.30 -7.47 -6.32
C GLU A 83 2.72 -7.10 -4.90
N ALA A 84 2.43 -7.98 -3.95
CA ALA A 84 2.89 -7.82 -2.57
C ALA A 84 4.39 -8.10 -2.49
N ARG A 85 5.17 -7.05 -2.25
CA ARG A 85 6.61 -7.15 -2.10
C ARG A 85 7.06 -6.37 -0.88
N LYS A 86 7.92 -6.96 -0.07
CA LYS A 86 8.39 -6.31 1.15
C LYS A 86 9.83 -5.86 1.02
N LEU A 87 10.16 -4.78 1.71
CA LEU A 87 11.53 -4.28 1.78
C LEU A 87 12.18 -4.76 3.09
N MET A 22 1.87 -13.27 -5.02
CA MET A 22 2.07 -12.03 -4.24
C MET A 22 0.87 -11.10 -4.37
N LYS A 23 -0.16 -11.37 -3.58
CA LYS A 23 -1.42 -10.63 -3.65
C LYS A 23 -1.49 -9.60 -2.52
N VAL A 24 -1.60 -8.33 -2.91
CA VAL A 24 -1.80 -7.25 -1.93
C VAL A 24 -2.83 -6.26 -2.46
N MET A 25 -3.79 -5.90 -1.62
CA MET A 25 -4.86 -4.98 -2.01
C MET A 25 -4.71 -3.67 -1.26
N ILE A 26 -4.49 -2.58 -2.00
CA ILE A 26 -4.40 -1.25 -1.40
C ILE A 26 -5.79 -0.65 -1.32
N ARG A 27 -6.25 -0.33 -0.11
CA ARG A 27 -7.57 0.23 0.09
C ARG A 27 -7.48 1.75 0.17
N LYS A 28 -8.25 2.43 -0.67
CA LYS A 28 -8.24 3.89 -0.72
C LYS A 28 -9.20 4.46 0.31
N THR A 29 -8.64 5.18 1.28
CA THR A 29 -9.39 5.86 2.31
C THR A 29 -8.50 6.96 2.89
N ALA A 30 -9.06 8.16 3.06
CA ALA A 30 -8.29 9.34 3.47
C ALA A 30 -7.43 9.07 4.70
N THR A 31 -8.06 8.99 5.86
CA THR A 31 -7.35 8.71 7.11
C THR A 31 -6.95 7.25 7.18
N GLY A 32 -7.74 6.39 6.55
CA GLY A 32 -7.53 4.96 6.66
C GLY A 32 -6.84 4.34 5.45
N HIS A 33 -5.83 5.03 4.90
CA HIS A 33 -5.01 4.44 3.85
C HIS A 33 -4.36 3.17 4.40
N SER A 34 -4.71 2.04 3.83
CA SER A 34 -4.26 0.75 4.34
C SER A 34 -3.85 -0.19 3.21
N ALA A 35 -2.92 -1.08 3.52
CA ALA A 35 -2.43 -2.07 2.57
C ALA A 35 -2.63 -3.47 3.12
N TYR A 36 -3.48 -4.26 2.46
CA TYR A 36 -3.76 -5.62 2.89
C TYR A 36 -2.90 -6.64 2.15
N VAL A 37 -1.87 -7.14 2.83
CA VAL A 37 -1.02 -8.19 2.30
C VAL A 37 -1.71 -9.55 2.47
N ALA A 38 -2.28 -10.06 1.38
CA ALA A 38 -3.09 -11.28 1.43
C ALA A 38 -2.26 -12.52 1.76
N LYS A 39 -1.04 -12.58 1.24
CA LYS A 39 -0.18 -13.76 1.42
C LYS A 39 0.27 -13.93 2.87
N LYS A 40 -0.10 -12.99 3.72
CA LYS A 40 0.20 -13.06 5.15
C LYS A 40 -1.06 -12.75 5.97
N ASP A 41 -2.06 -12.15 5.30
CA ASP A 41 -3.25 -11.62 5.98
C ASP A 41 -2.81 -10.56 6.98
N LEU A 42 -2.19 -9.51 6.47
CA LEU A 42 -1.68 -8.41 7.29
C LEU A 42 -2.10 -7.09 6.67
N GLU A 43 -2.87 -6.30 7.40
CA GLU A 43 -3.28 -4.98 6.95
C GLU A 43 -2.94 -3.95 8.01
N GLU A 44 -2.13 -2.97 7.64
CA GLU A 44 -1.75 -1.89 8.54
C GLU A 44 -1.96 -0.55 7.84
N LEU A 45 -2.01 0.52 8.62
CA LEU A 45 -2.20 1.86 8.09
C LEU A 45 -0.91 2.39 7.48
N ILE A 46 -1.02 2.95 6.28
CA ILE A 46 0.10 3.57 5.59
C ILE A 46 0.32 4.98 6.14
N VAL A 47 1.35 5.13 6.97
CA VAL A 47 1.64 6.41 7.61
C VAL A 47 2.85 7.09 6.97
N GLU A 48 3.43 6.42 5.97
CA GLU A 48 4.61 6.92 5.29
C GLU A 48 4.59 6.48 3.83
N MET A 49 4.96 7.39 2.93
CA MET A 49 4.92 7.13 1.49
C MET A 49 6.16 7.73 0.83
N GLU A 50 6.75 7.00 -0.11
CA GLU A 50 7.91 7.50 -0.84
C GLU A 50 7.50 8.70 -1.69
N ASN A 51 6.36 8.56 -2.39
CA ASN A 51 5.72 9.66 -3.10
C ASN A 51 4.53 10.17 -2.28
N PRO A 52 4.27 11.49 -2.28
CA PRO A 52 3.24 12.10 -1.42
C PRO A 52 1.83 11.55 -1.70
N ALA A 53 1.63 11.00 -2.88
CA ALA A 53 0.34 10.41 -3.25
C ALA A 53 0.15 9.08 -2.55
N LEU A 54 0.95 8.10 -2.97
CA LEU A 54 0.86 6.73 -2.46
C LEU A 54 1.76 5.83 -3.32
N TRP A 55 1.44 5.78 -4.60
CA TRP A 55 2.17 4.96 -5.56
C TRP A 55 3.39 5.71 -6.08
N GLY A 56 4.54 5.07 -6.01
CA GLY A 56 5.78 5.70 -6.43
C GLY A 56 6.97 5.21 -5.63
N GLY A 57 7.10 3.89 -5.54
CA GLY A 57 8.23 3.29 -4.87
C GLY A 57 7.80 2.38 -3.74
N LYS A 58 7.79 2.91 -2.53
CA LYS A 58 7.41 2.11 -1.36
C LYS A 58 6.64 2.96 -0.35
N VAL A 59 5.85 2.28 0.47
CA VAL A 59 5.16 2.91 1.59
C VAL A 59 5.51 2.14 2.87
N THR A 60 5.54 2.82 3.99
CA THR A 60 5.84 2.19 5.26
C THR A 60 4.60 2.12 6.14
N LEU A 61 4.22 0.91 6.51
CA LEU A 61 3.09 0.67 7.40
C LEU A 61 3.40 1.21 8.79
N ALA A 62 2.36 1.50 9.56
CA ALA A 62 2.49 2.17 10.85
C ALA A 62 3.47 1.47 11.81
N ASN A 63 3.62 0.15 11.68
CA ASN A 63 4.43 -0.63 12.62
C ASN A 63 5.87 -0.82 12.11
N GLY A 64 6.18 -0.26 10.95
CA GLY A 64 7.56 -0.32 10.45
C GLY A 64 7.71 -1.20 9.22
N TRP A 65 6.70 -2.02 8.93
CA TRP A 65 6.71 -2.83 7.72
C TRP A 65 6.73 -1.93 6.49
N GLN A 66 7.34 -2.38 5.40
CA GLN A 66 7.37 -1.61 4.16
C GLN A 66 6.85 -2.46 3.00
N LEU A 67 6.17 -1.80 2.07
CA LEU A 67 5.62 -2.45 0.89
C LEU A 67 5.97 -1.63 -0.35
N GLU A 68 6.32 -2.31 -1.43
CA GLU A 68 6.74 -1.64 -2.66
C GLU A 68 5.55 -1.45 -3.61
N LEU A 69 5.23 -0.19 -3.90
CA LEU A 69 4.14 0.15 -4.83
C LEU A 69 4.68 0.98 -5.99
N PRO A 70 4.78 0.39 -7.19
CA PRO A 70 5.27 1.08 -8.38
C PRO A 70 4.32 2.20 -8.79
N ALA A 71 4.83 3.19 -9.51
CA ALA A 71 4.01 4.31 -9.97
C ALA A 71 3.09 3.84 -11.10
N MET A 72 2.05 3.08 -10.73
CA MET A 72 1.11 2.52 -11.69
C MET A 72 -0.03 3.49 -11.93
N ALA A 73 -0.81 3.72 -10.88
CA ALA A 73 -1.93 4.65 -10.93
C ALA A 73 -2.24 5.16 -9.52
N ALA A 74 -1.81 6.37 -9.23
CA ALA A 74 -2.02 6.97 -7.91
C ALA A 74 -3.50 7.19 -7.64
N ASP A 75 -4.23 7.58 -8.69
CA ASP A 75 -5.65 7.87 -8.57
C ASP A 75 -6.42 6.67 -8.03
N THR A 76 -6.52 5.58 -8.83
CA THR A 76 -7.20 4.34 -8.44
C THR A 76 -8.32 4.55 -7.40
N PRO A 77 -9.54 4.84 -7.87
CA PRO A 77 -10.69 5.11 -6.98
C PRO A 77 -11.32 3.84 -6.40
N LEU A 78 -10.59 2.73 -6.52
CA LEU A 78 -11.05 1.44 -6.00
C LEU A 78 -9.87 0.68 -5.42
N PRO A 79 -10.13 -0.23 -4.45
CA PRO A 79 -9.08 -1.07 -3.84
C PRO A 79 -8.46 -2.01 -4.87
N ILE A 80 -7.33 -1.60 -5.42
CA ILE A 80 -6.64 -2.35 -6.47
C ILE A 80 -5.66 -3.36 -5.85
N THR A 81 -5.47 -4.48 -6.53
CA THR A 81 -4.56 -5.53 -6.07
C THR A 81 -3.34 -5.63 -7.00
N VAL A 82 -2.16 -5.44 -6.44
CA VAL A 82 -0.92 -5.43 -7.23
C VAL A 82 0.10 -6.44 -6.69
N GLU A 83 1.23 -6.53 -7.37
CA GLU A 83 2.34 -7.40 -7.01
C GLU A 83 2.89 -7.00 -5.62
N ALA A 84 2.63 -7.84 -4.63
CA ALA A 84 3.08 -7.60 -3.26
C ALA A 84 4.58 -7.83 -3.11
N ARG A 85 5.29 -6.82 -2.64
CA ARG A 85 6.72 -6.94 -2.36
C ARG A 85 7.05 -6.23 -1.05
N LYS A 86 7.23 -7.02 0.01
CA LYS A 86 7.54 -6.48 1.33
C LYS A 86 9.04 -6.18 1.42
N LEU A 87 9.37 -4.97 1.86
CA LEU A 87 10.76 -4.54 1.98
C LEU A 87 11.20 -4.57 3.45
N MET A 22 3.53 -12.78 -2.75
CA MET A 22 3.97 -11.58 -3.52
C MET A 22 2.75 -10.77 -4.00
N LYS A 23 1.62 -10.93 -3.33
CA LYS A 23 0.39 -10.23 -3.71
C LYS A 23 -0.15 -9.44 -2.51
N VAL A 24 -0.69 -8.26 -2.77
CA VAL A 24 -1.22 -7.39 -1.72
C VAL A 24 -2.42 -6.58 -2.22
N MET A 25 -3.37 -6.31 -1.34
CA MET A 25 -4.52 -5.48 -1.67
C MET A 25 -4.45 -4.16 -0.91
N ILE A 26 -4.27 -3.07 -1.66
CA ILE A 26 -4.15 -1.74 -1.07
C ILE A 26 -5.52 -1.07 -0.99
N ARG A 27 -5.87 -0.59 0.19
CA ARG A 27 -7.15 0.07 0.42
C ARG A 27 -6.99 1.59 0.32
N LYS A 28 -7.69 2.19 -0.64
CA LYS A 28 -7.59 3.62 -0.89
C LYS A 28 -8.95 4.31 -0.75
N THR A 29 -8.98 5.33 0.10
CA THR A 29 -10.13 6.23 0.19
C THR A 29 -9.62 7.68 0.24
N ALA A 30 -10.54 8.63 0.25
CA ALA A 30 -10.18 10.05 0.27
C ALA A 30 -9.39 10.40 1.53
N THR A 31 -9.71 9.72 2.63
CA THR A 31 -9.06 9.97 3.91
C THR A 31 -8.19 8.79 4.34
N GLY A 32 -8.80 7.61 4.42
CA GLY A 32 -8.12 6.43 4.93
C GLY A 32 -7.18 5.80 3.93
N HIS A 33 -6.00 5.41 4.40
CA HIS A 33 -5.02 4.69 3.60
C HIS A 33 -4.60 3.44 4.36
N SER A 34 -4.86 2.27 3.78
CA SER A 34 -4.57 1.01 4.45
C SER A 34 -4.04 -0.02 3.45
N ALA A 35 -3.42 -1.07 3.96
CA ALA A 35 -2.87 -2.12 3.12
C ALA A 35 -3.09 -3.48 3.76
N TYR A 36 -3.53 -4.44 2.96
CA TYR A 36 -3.79 -5.80 3.43
C TYR A 36 -2.89 -6.79 2.68
N VAL A 37 -1.89 -7.32 3.39
CA VAL A 37 -1.00 -8.33 2.83
C VAL A 37 -1.72 -9.67 2.79
N ALA A 38 -2.15 -10.08 1.59
CA ALA A 38 -3.02 -11.24 1.41
C ALA A 38 -2.53 -12.48 2.17
N LYS A 39 -1.40 -13.05 1.73
CA LYS A 39 -0.94 -14.33 2.26
C LYS A 39 -0.54 -14.25 3.74
N LYS A 40 -0.42 -13.03 4.27
CA LYS A 40 -0.04 -12.81 5.66
C LYS A 40 -1.27 -12.52 6.53
N ASP A 41 -2.36 -12.09 5.87
CA ASP A 41 -3.59 -11.68 6.58
C ASP A 41 -3.32 -10.49 7.50
N LEU A 42 -2.33 -9.68 7.12
CA LEU A 42 -1.96 -8.49 7.90
C LEU A 42 -2.55 -7.24 7.24
N GLU A 43 -3.39 -6.53 7.99
CA GLU A 43 -3.88 -5.24 7.55
C GLU A 43 -3.43 -4.16 8.52
N GLU A 44 -2.89 -3.07 7.98
CA GLU A 44 -2.38 -1.99 8.81
C GLU A 44 -2.59 -0.64 8.12
N LEU A 45 -2.45 0.44 8.87
CA LEU A 45 -2.63 1.78 8.38
C LEU A 45 -1.32 2.30 7.76
N ILE A 46 -1.45 3.02 6.65
CA ILE A 46 -0.30 3.63 5.97
C ILE A 46 0.11 4.93 6.66
N VAL A 47 1.29 4.94 7.26
CA VAL A 47 1.78 6.10 8.01
C VAL A 47 2.88 6.85 7.26
N GLU A 48 3.62 6.14 6.41
CA GLU A 48 4.74 6.72 5.68
C GLU A 48 4.72 6.20 4.24
N MET A 49 4.88 7.11 3.28
CA MET A 49 4.86 6.73 1.87
C MET A 49 5.87 7.54 1.06
N GLU A 50 6.42 6.91 0.02
CA GLU A 50 7.42 7.54 -0.83
C GLU A 50 6.77 8.67 -1.63
N ASN A 51 5.84 8.30 -2.50
CA ASN A 51 5.17 9.27 -3.37
C ASN A 51 4.15 10.08 -2.58
N PRO A 52 4.07 11.41 -2.82
CA PRO A 52 3.13 12.31 -2.13
C PRO A 52 1.71 11.75 -2.07
N ALA A 53 1.36 10.89 -3.02
CA ALA A 53 0.09 10.18 -3.01
C ALA A 53 0.27 8.83 -2.34
N LEU A 54 1.00 7.94 -3.02
CA LEU A 54 1.21 6.58 -2.56
C LEU A 54 1.97 5.76 -3.60
N TRP A 55 1.34 5.60 -4.76
CA TRP A 55 1.83 4.72 -5.82
C TRP A 55 3.02 5.35 -6.55
N GLY A 56 4.05 4.54 -6.76
CA GLY A 56 5.25 5.02 -7.44
C GLY A 56 6.51 4.60 -6.71
N GLY A 57 6.36 4.13 -5.47
CA GLY A 57 7.50 3.68 -4.71
C GLY A 57 7.10 2.94 -3.45
N LYS A 58 7.95 3.02 -2.43
CA LYS A 58 7.78 2.24 -1.20
C LYS A 58 6.86 2.93 -0.20
N VAL A 59 6.38 2.13 0.76
CA VAL A 59 5.47 2.60 1.79
C VAL A 59 5.75 1.83 3.09
N THR A 60 5.33 2.40 4.21
CA THR A 60 5.52 1.76 5.51
C THR A 60 4.22 1.82 6.31
N LEU A 61 3.81 0.66 6.80
CA LEU A 61 2.61 0.54 7.62
C LEU A 61 2.91 0.93 9.06
N ALA A 62 1.86 1.14 9.85
CA ALA A 62 2.01 1.54 11.25
C ALA A 62 2.71 0.45 12.06
N ASN A 63 2.72 -0.76 11.52
CA ASN A 63 3.33 -1.93 12.17
C ASN A 63 4.83 -1.97 11.88
N GLY A 64 5.29 -1.05 11.03
CA GLY A 64 6.69 -1.04 10.61
C GLY A 64 6.91 -1.90 9.39
N TRP A 65 5.83 -2.50 8.89
CA TRP A 65 5.88 -3.34 7.69
C TRP A 65 6.23 -2.48 6.48
N GLN A 66 7.32 -2.84 5.80
CA GLN A 66 7.78 -2.09 4.63
C GLN A 66 7.37 -2.81 3.36
N LEU A 67 6.59 -2.12 2.53
CA LEU A 67 6.10 -2.67 1.27
C LEU A 67 6.36 -1.70 0.14
N GLU A 68 6.86 -2.20 -0.99
CA GLU A 68 7.14 -1.35 -2.13
C GLU A 68 6.08 -1.53 -3.21
N LEU A 69 5.50 -0.41 -3.63
CA LEU A 69 4.50 -0.41 -4.70
C LEU A 69 5.19 -0.55 -6.05
N PRO A 70 4.66 -1.40 -6.94
CA PRO A 70 5.27 -1.67 -8.25
C PRO A 70 4.93 -0.59 -9.30
N ALA A 71 4.72 0.63 -8.82
CA ALA A 71 4.41 1.77 -9.68
C ALA A 71 3.08 1.56 -10.41
N MET A 72 2.05 2.25 -9.95
CA MET A 72 0.72 2.20 -10.56
C MET A 72 0.12 3.60 -10.60
N ALA A 73 -1.12 3.70 -11.06
CA ALA A 73 -1.82 4.98 -11.09
C ALA A 73 -1.95 5.55 -9.68
N ALA A 74 -1.43 6.76 -9.49
CA ALA A 74 -1.56 7.44 -8.21
C ALA A 74 -3.02 7.69 -7.89
N ASP A 75 -3.79 8.02 -8.93
CA ASP A 75 -5.22 8.24 -8.81
C ASP A 75 -5.92 6.91 -8.56
N THR A 76 -6.14 6.61 -7.28
CA THR A 76 -6.80 5.38 -6.86
C THR A 76 -7.90 5.69 -5.85
N PRO A 77 -9.13 5.93 -6.34
CA PRO A 77 -10.30 6.18 -5.49
C PRO A 77 -10.98 4.88 -5.04
N LEU A 78 -10.28 3.77 -5.25
CA LEU A 78 -10.81 2.45 -4.92
C LEU A 78 -9.67 1.53 -4.45
N PRO A 79 -9.98 0.50 -3.65
CA PRO A 79 -9.00 -0.50 -3.22
C PRO A 79 -8.62 -1.42 -4.37
N ILE A 80 -7.32 -1.52 -4.66
CA ILE A 80 -6.84 -2.32 -5.78
C ILE A 80 -5.78 -3.33 -5.32
N THR A 81 -5.88 -4.55 -5.82
CA THR A 81 -4.91 -5.60 -5.51
C THR A 81 -3.77 -5.60 -6.53
N VAL A 82 -2.55 -5.39 -6.05
CA VAL A 82 -1.38 -5.26 -6.91
C VAL A 82 -0.26 -6.21 -6.48
N GLU A 83 0.83 -6.21 -7.24
CA GLU A 83 2.02 -6.99 -6.92
C GLU A 83 2.72 -6.40 -5.70
N ALA A 84 3.38 -7.24 -4.91
CA ALA A 84 4.00 -6.81 -3.66
C ALA A 84 5.50 -7.06 -3.67
N ARG A 85 6.28 -5.99 -3.50
CA ARG A 85 7.74 -6.10 -3.35
C ARG A 85 8.12 -5.66 -1.94
N LYS A 86 8.38 -6.62 -1.06
CA LYS A 86 8.66 -6.29 0.34
C LYS A 86 10.11 -5.84 0.51
N LEU A 87 10.33 -4.94 1.48
CA LEU A 87 11.67 -4.48 1.84
C LEU A 87 12.20 -5.34 2.98
N MET A 22 2.98 -12.48 -5.27
CA MET A 22 2.39 -12.07 -3.97
C MET A 22 1.27 -11.06 -4.20
N LYS A 23 0.22 -11.14 -3.40
CA LYS A 23 -0.98 -10.33 -3.59
C LYS A 23 -1.09 -9.27 -2.49
N VAL A 24 -1.37 -8.03 -2.88
CA VAL A 24 -1.62 -6.95 -1.91
C VAL A 24 -2.70 -6.01 -2.44
N MET A 25 -3.69 -5.75 -1.60
CA MET A 25 -4.80 -4.86 -1.95
C MET A 25 -4.65 -3.53 -1.23
N ILE A 26 -4.57 -2.45 -1.99
CA ILE A 26 -4.49 -1.11 -1.42
C ILE A 26 -5.87 -0.49 -1.39
N ARG A 27 -6.34 -0.09 -0.21
CA ARG A 27 -7.68 0.48 -0.07
C ARG A 27 -7.60 2.00 -0.11
N LYS A 28 -8.66 2.62 -0.60
CA LYS A 28 -8.73 4.07 -0.73
C LYS A 28 -9.64 4.66 0.33
N THR A 29 -9.11 5.60 1.10
CA THR A 29 -9.82 6.24 2.19
C THR A 29 -9.17 7.58 2.51
N ALA A 30 -9.96 8.58 2.87
CA ALA A 30 -9.46 9.90 3.21
C ALA A 30 -8.39 9.80 4.31
N THR A 31 -7.12 9.87 3.90
CA THR A 31 -5.94 9.77 4.78
C THR A 31 -5.76 8.36 5.39
N GLY A 32 -6.86 7.66 5.65
CA GLY A 32 -6.77 6.34 6.25
C GLY A 32 -6.49 5.25 5.24
N HIS A 33 -5.42 5.42 4.47
CA HIS A 33 -5.04 4.46 3.44
C HIS A 33 -4.53 3.18 4.10
N SER A 34 -5.22 2.07 3.84
CA SER A 34 -4.86 0.78 4.42
C SER A 34 -4.33 -0.16 3.34
N ALA A 35 -3.44 -1.06 3.73
CA ALA A 35 -2.87 -2.03 2.81
C ALA A 35 -3.08 -3.45 3.34
N TYR A 36 -3.58 -4.33 2.47
CA TYR A 36 -3.87 -5.71 2.85
C TYR A 36 -2.89 -6.66 2.15
N VAL A 37 -1.91 -7.13 2.91
CA VAL A 37 -0.89 -8.05 2.40
C VAL A 37 -1.37 -9.49 2.54
N ALA A 38 -1.78 -10.10 1.42
CA ALA A 38 -2.42 -11.40 1.43
C ALA A 38 -1.50 -12.53 1.92
N LYS A 39 -0.19 -12.36 1.75
CA LYS A 39 0.77 -13.41 2.12
C LYS A 39 0.76 -13.67 3.62
N LYS A 40 0.26 -12.70 4.39
CA LYS A 40 0.24 -12.80 5.85
C LYS A 40 -1.14 -12.39 6.40
N ASP A 41 -2.02 -11.95 5.50
CA ASP A 41 -3.31 -11.38 5.90
C ASP A 41 -3.09 -10.14 6.77
N LEU A 42 -1.97 -9.47 6.51
CA LEU A 42 -1.57 -8.31 7.29
C LEU A 42 -2.31 -7.08 6.78
N GLU A 43 -3.07 -6.44 7.65
CA GLU A 43 -3.81 -5.25 7.30
C GLU A 43 -3.42 -4.12 8.24
N GLU A 44 -2.74 -3.11 7.70
CA GLU A 44 -2.24 -2.00 8.52
C GLU A 44 -2.48 -0.67 7.82
N LEU A 45 -2.38 0.41 8.58
CA LEU A 45 -2.52 1.76 8.04
C LEU A 45 -1.17 2.24 7.50
N ILE A 46 -1.21 2.97 6.40
CA ILE A 46 -0.01 3.50 5.76
C ILE A 46 0.33 4.87 6.36
N VAL A 47 1.48 4.95 7.02
CA VAL A 47 1.92 6.19 7.67
C VAL A 47 3.03 6.88 6.87
N GLU A 48 4.02 6.11 6.42
CA GLU A 48 5.13 6.65 5.66
C GLU A 48 5.03 6.25 4.20
N MET A 49 5.37 7.17 3.31
CA MET A 49 5.29 6.94 1.87
C MET A 49 6.58 7.35 1.18
N GLU A 50 6.98 6.59 0.16
CA GLU A 50 8.10 6.99 -0.69
C GLU A 50 7.69 8.23 -1.48
N ASN A 51 6.56 8.12 -2.16
CA ASN A 51 5.97 9.24 -2.89
C ASN A 51 4.85 9.85 -2.05
N PRO A 52 4.87 11.18 -1.85
CA PRO A 52 3.89 11.91 -1.02
C PRO A 52 2.44 11.50 -1.28
N ALA A 53 2.16 11.03 -2.49
CA ALA A 53 0.81 10.59 -2.84
C ALA A 53 0.48 9.27 -2.15
N LEU A 54 1.13 8.20 -2.59
CA LEU A 54 0.85 6.85 -2.11
C LEU A 54 1.64 5.86 -2.94
N TRP A 55 1.39 5.88 -4.24
CA TRP A 55 2.04 4.97 -5.19
C TRP A 55 3.30 5.61 -5.75
N GLY A 56 4.22 4.77 -6.23
CA GLY A 56 5.48 5.25 -6.79
C GLY A 56 6.63 4.47 -6.24
N GLY A 57 6.55 4.15 -4.95
CA GLY A 57 7.58 3.38 -4.30
C GLY A 57 7.04 2.65 -3.10
N LYS A 58 7.87 2.45 -2.09
CA LYS A 58 7.49 1.72 -0.89
C LYS A 58 6.64 2.58 0.05
N VAL A 59 5.76 1.92 0.77
CA VAL A 59 5.02 2.55 1.86
C VAL A 59 5.25 1.75 3.13
N THR A 60 5.42 2.43 4.24
CA THR A 60 5.66 1.76 5.52
C THR A 60 4.39 1.70 6.34
N LEU A 61 3.92 0.49 6.61
CA LEU A 61 2.78 0.27 7.48
C LEU A 61 3.11 0.69 8.90
N ALA A 62 2.10 1.08 9.66
CA ALA A 62 2.28 1.56 11.03
C ALA A 62 2.99 0.51 11.90
N ASN A 63 2.88 -0.76 11.51
CA ASN A 63 3.47 -1.86 12.28
C ASN A 63 4.97 -1.98 12.00
N GLY A 64 5.44 -1.30 10.97
CA GLY A 64 6.84 -1.41 10.56
C GLY A 64 7.02 -2.45 9.47
N TRP A 65 6.27 -2.28 8.39
CA TRP A 65 6.29 -3.21 7.27
C TRP A 65 6.31 -2.43 5.96
N GLN A 66 7.38 -2.56 5.20
CA GLN A 66 7.54 -1.84 3.94
C GLN A 66 7.06 -2.66 2.76
N LEU A 67 6.07 -2.13 2.05
CA LEU A 67 5.52 -2.78 0.86
C LEU A 67 5.78 -1.87 -0.34
N GLU A 68 6.40 -2.41 -1.40
CA GLU A 68 6.77 -1.62 -2.56
C GLU A 68 5.62 -1.55 -3.56
N LEU A 69 5.28 -0.33 -3.97
CA LEU A 69 4.26 -0.09 -4.99
C LEU A 69 4.94 0.19 -6.33
N PRO A 70 4.64 -0.60 -7.38
CA PRO A 70 5.26 -0.49 -8.71
C PRO A 70 4.77 0.73 -9.50
N ALA A 71 4.57 1.85 -8.82
CA ALA A 71 4.16 3.12 -9.45
C ALA A 71 2.93 2.95 -10.34
N MET A 72 1.79 2.67 -9.72
CA MET A 72 0.52 2.57 -10.45
C MET A 72 -0.31 3.82 -10.22
N ALA A 73 -1.46 3.90 -10.88
CA ALA A 73 -2.34 5.06 -10.77
C ALA A 73 -2.85 5.24 -9.34
N ALA A 74 -2.49 6.37 -8.73
CA ALA A 74 -2.92 6.69 -7.37
C ALA A 74 -4.38 7.11 -7.37
N ASP A 75 -4.83 7.67 -8.49
CA ASP A 75 -6.20 8.18 -8.64
C ASP A 75 -7.19 7.06 -8.98
N THR A 76 -6.78 5.82 -8.76
CA THR A 76 -7.66 4.67 -8.93
C THR A 76 -8.88 4.79 -8.00
N PRO A 77 -10.09 4.92 -8.57
CA PRO A 77 -11.32 5.19 -7.79
C PRO A 77 -11.83 3.97 -7.02
N LEU A 78 -11.02 2.91 -6.96
CA LEU A 78 -11.40 1.69 -6.28
C LEU A 78 -10.17 1.06 -5.60
N PRO A 79 -10.39 0.18 -4.60
CA PRO A 79 -9.29 -0.56 -3.96
C PRO A 79 -8.65 -1.55 -4.93
N ILE A 80 -7.53 -1.13 -5.52
CA ILE A 80 -6.85 -1.92 -6.55
C ILE A 80 -5.83 -2.86 -5.91
N THR A 81 -5.74 -4.06 -6.45
CA THR A 81 -4.81 -5.08 -5.96
C THR A 81 -3.67 -5.27 -6.94
N VAL A 82 -2.44 -5.16 -6.45
CA VAL A 82 -1.25 -5.30 -7.29
C VAL A 82 -0.30 -6.35 -6.70
N GLU A 83 0.80 -6.61 -7.39
CA GLU A 83 1.82 -7.53 -6.90
C GLU A 83 2.58 -6.89 -5.75
N ALA A 84 2.71 -7.63 -4.65
CA ALA A 84 3.41 -7.15 -3.46
C ALA A 84 4.90 -7.45 -3.57
N ARG A 85 5.71 -6.57 -3.00
CA ARG A 85 7.16 -6.77 -2.94
C ARG A 85 7.71 -6.19 -1.64
N LYS A 86 8.21 -7.07 -0.78
CA LYS A 86 8.68 -6.71 0.55
C LYS A 86 10.10 -6.14 0.50
N LEU A 87 10.33 -5.08 1.26
CA LEU A 87 11.68 -4.55 1.45
C LEU A 87 12.23 -5.08 2.77
N MET A 22 0.94 -14.37 -4.67
CA MET A 22 1.62 -13.06 -4.65
C MET A 22 0.58 -11.94 -4.77
N LYS A 23 -0.10 -11.64 -3.66
CA LYS A 23 -1.20 -10.68 -3.67
C LYS A 23 -1.03 -9.63 -2.56
N VAL A 24 -1.17 -8.37 -2.93
CA VAL A 24 -1.27 -7.28 -1.97
C VAL A 24 -2.36 -6.31 -2.42
N MET A 25 -3.37 -6.13 -1.58
CA MET A 25 -4.53 -5.33 -1.92
C MET A 25 -4.51 -4.01 -1.16
N ILE A 26 -4.29 -2.92 -1.88
CA ILE A 26 -4.21 -1.60 -1.27
C ILE A 26 -5.60 -1.00 -1.11
N ARG A 27 -5.92 -0.54 0.09
CA ARG A 27 -7.23 0.07 0.37
C ARG A 27 -7.11 1.59 0.27
N LYS A 28 -8.04 2.20 -0.46
CA LYS A 28 -7.98 3.63 -0.74
C LYS A 28 -9.24 4.33 -0.24
N THR A 29 -9.06 5.27 0.68
CA THR A 29 -10.15 6.09 1.18
C THR A 29 -9.71 7.55 1.21
N ALA A 30 -10.67 8.46 1.38
CA ALA A 30 -10.36 9.89 1.48
C ALA A 30 -9.89 10.22 2.90
N THR A 31 -10.30 9.39 3.86
CA THR A 31 -9.95 9.59 5.26
C THR A 31 -8.50 9.18 5.53
N GLY A 32 -8.00 8.18 4.79
CA GLY A 32 -6.64 7.73 4.97
C GLY A 32 -6.24 6.66 3.98
N HIS A 33 -5.09 6.03 4.23
CA HIS A 33 -4.57 4.99 3.37
C HIS A 33 -4.38 3.70 4.18
N SER A 34 -4.67 2.56 3.56
CA SER A 34 -4.53 1.26 4.23
C SER A 34 -4.03 0.23 3.22
N ALA A 35 -3.44 -0.86 3.72
CA ALA A 35 -2.94 -1.92 2.86
C ALA A 35 -3.22 -3.29 3.46
N TYR A 36 -3.65 -4.23 2.62
CA TYR A 36 -3.89 -5.60 3.04
C TYR A 36 -2.84 -6.52 2.42
N VAL A 37 -1.89 -6.93 3.23
CA VAL A 37 -0.81 -7.81 2.80
C VAL A 37 -1.23 -9.27 2.96
N ALA A 38 -1.71 -9.87 1.87
CA ALA A 38 -2.20 -11.25 1.89
C ALA A 38 -1.11 -12.22 2.36
N LYS A 39 0.14 -11.83 2.14
CA LYS A 39 1.30 -12.63 2.55
C LYS A 39 1.24 -12.94 4.05
N LYS A 40 0.59 -12.07 4.81
CA LYS A 40 0.42 -12.23 6.25
C LYS A 40 -1.04 -11.98 6.65
N ASP A 41 -1.89 -11.67 5.66
CA ASP A 41 -3.27 -11.26 5.91
C ASP A 41 -3.29 -10.02 6.80
N LEU A 42 -2.22 -9.24 6.72
CA LEU A 42 -2.01 -8.08 7.57
C LEU A 42 -2.70 -6.85 6.99
N GLU A 43 -3.62 -6.26 7.75
CA GLU A 43 -4.24 -5.00 7.37
C GLU A 43 -3.81 -3.92 8.36
N GLU A 44 -3.09 -2.92 7.86
CA GLU A 44 -2.60 -1.83 8.70
C GLU A 44 -2.73 -0.50 7.96
N LEU A 45 -2.69 0.58 8.72
CA LEU A 45 -2.78 1.93 8.16
C LEU A 45 -1.43 2.36 7.60
N ILE A 46 -1.46 3.06 6.48
CA ILE A 46 -0.24 3.57 5.85
C ILE A 46 0.14 4.91 6.48
N VAL A 47 1.34 4.98 7.05
CA VAL A 47 1.83 6.20 7.69
C VAL A 47 2.91 6.87 6.83
N GLU A 48 3.61 6.06 6.04
CA GLU A 48 4.69 6.56 5.19
C GLU A 48 4.55 5.97 3.79
N MET A 49 4.86 6.77 2.78
CA MET A 49 4.76 6.38 1.39
C MET A 49 5.85 7.06 0.56
N GLU A 50 6.19 6.48 -0.59
CA GLU A 50 7.24 7.02 -1.44
C GLU A 50 6.87 8.40 -1.97
N ASN A 51 5.60 8.57 -2.30
CA ASN A 51 5.10 9.86 -2.78
C ASN A 51 3.90 10.30 -1.93
N PRO A 52 3.70 11.63 -1.75
CA PRO A 52 2.68 12.19 -0.85
C PRO A 52 1.31 11.53 -0.98
N ALA A 53 0.98 11.07 -2.19
CA ALA A 53 -0.28 10.35 -2.41
C ALA A 53 -0.17 8.93 -1.83
N LEU A 54 0.65 8.11 -2.48
CA LEU A 54 0.86 6.72 -2.08
C LEU A 54 1.78 6.03 -3.08
N TRP A 55 1.26 5.87 -4.30
CA TRP A 55 1.95 5.14 -5.36
C TRP A 55 3.15 5.93 -5.87
N GLY A 56 4.12 5.20 -6.42
CA GLY A 56 5.35 5.82 -6.89
C GLY A 56 6.57 5.13 -6.34
N GLY A 57 6.35 4.08 -5.54
CA GLY A 57 7.45 3.33 -4.96
C GLY A 57 7.05 2.62 -3.67
N LYS A 58 7.96 2.62 -2.71
CA LYS A 58 7.78 1.89 -1.46
C LYS A 58 6.71 2.52 -0.56
N VAL A 59 6.30 1.77 0.46
CA VAL A 59 5.32 2.23 1.44
C VAL A 59 5.69 1.64 2.81
N THR A 60 5.13 2.20 3.87
CA THR A 60 5.33 1.67 5.22
C THR A 60 4.05 1.77 6.04
N LEU A 61 3.64 0.64 6.60
CA LEU A 61 2.47 0.57 7.46
C LEU A 61 2.80 1.08 8.85
N ALA A 62 1.76 1.29 9.66
CA ALA A 62 1.93 1.82 11.02
C ALA A 62 2.76 0.88 11.89
N ASN A 63 2.80 -0.39 11.51
CA ASN A 63 3.55 -1.41 12.25
C ASN A 63 5.03 -1.41 11.84
N GLY A 64 5.34 -0.73 10.73
CA GLY A 64 6.71 -0.69 10.23
C GLY A 64 6.94 -1.64 9.07
N TRP A 65 5.90 -2.42 8.74
CA TRP A 65 5.95 -3.34 7.60
C TRP A 65 6.02 -2.55 6.29
N GLN A 66 6.88 -2.98 5.36
CA GLN A 66 7.11 -2.23 4.12
C GLN A 66 6.82 -3.07 2.88
N LEU A 67 6.16 -2.44 1.90
CA LEU A 67 5.94 -3.03 0.58
C LEU A 67 6.49 -2.09 -0.48
N GLU A 68 6.87 -2.65 -1.62
CA GLU A 68 7.33 -1.86 -2.76
C GLU A 68 6.24 -1.84 -3.82
N LEU A 69 5.67 -0.68 -4.06
CA LEU A 69 4.59 -0.53 -5.03
C LEU A 69 5.15 -0.07 -6.37
N PRO A 70 4.70 -0.68 -7.47
CA PRO A 70 5.05 -0.23 -8.82
C PRO A 70 4.42 1.14 -9.12
N ALA A 71 5.01 1.87 -10.05
CA ALA A 71 4.50 3.19 -10.41
C ALA A 71 3.13 3.09 -11.08
N MET A 72 2.09 3.08 -10.25
CA MET A 72 0.70 3.07 -10.72
C MET A 72 0.08 4.44 -10.56
N ALA A 73 -1.19 4.57 -10.97
CA ALA A 73 -1.91 5.83 -10.82
C ALA A 73 -1.99 6.24 -9.35
N ALA A 74 -1.54 7.46 -9.07
CA ALA A 74 -1.44 7.96 -7.70
C ALA A 74 -2.80 8.16 -7.06
N ASP A 75 -3.83 8.36 -7.90
CA ASP A 75 -5.17 8.64 -7.40
C ASP A 75 -5.81 7.36 -6.84
N THR A 76 -5.89 6.32 -7.68
CA THR A 76 -6.50 5.04 -7.31
C THR A 76 -7.68 5.21 -6.34
N PRO A 77 -8.88 5.55 -6.87
CA PRO A 77 -10.07 5.79 -6.04
C PRO A 77 -10.69 4.49 -5.54
N LEU A 78 -10.11 3.37 -5.95
CA LEU A 78 -10.63 2.05 -5.60
C LEU A 78 -9.50 1.17 -5.02
N PRO A 79 -9.86 0.13 -4.23
CA PRO A 79 -8.88 -0.80 -3.69
C PRO A 79 -8.32 -1.73 -4.77
N ILE A 80 -7.15 -1.38 -5.29
CA ILE A 80 -6.51 -2.13 -6.37
C ILE A 80 -5.48 -3.11 -5.82
N THR A 81 -5.40 -4.27 -6.47
CA THR A 81 -4.41 -5.29 -6.13
C THR A 81 -3.24 -5.24 -7.11
N VAL A 82 -2.03 -5.33 -6.59
CA VAL A 82 -0.82 -5.31 -7.41
C VAL A 82 0.18 -6.36 -6.93
N GLU A 83 1.30 -6.47 -7.65
CA GLU A 83 2.37 -7.39 -7.29
C GLU A 83 2.98 -7.00 -5.93
N ALA A 84 3.20 -7.99 -5.07
CA ALA A 84 3.73 -7.75 -3.73
C ALA A 84 5.24 -7.95 -3.69
N ARG A 85 5.98 -6.87 -3.45
CA ARG A 85 7.42 -6.94 -3.22
C ARG A 85 7.71 -6.43 -1.81
N LYS A 86 8.41 -7.23 -1.01
CA LYS A 86 8.72 -6.84 0.37
C LYS A 86 10.11 -6.24 0.46
N LEU A 87 10.27 -5.29 1.37
CA LEU A 87 11.57 -4.69 1.65
C LEU A 87 12.26 -5.47 2.77
N MET A 22 2.13 -13.71 -3.56
CA MET A 22 2.44 -12.37 -3.00
C MET A 22 1.35 -11.37 -3.39
N LYS A 23 0.33 -11.25 -2.53
CA LYS A 23 -0.84 -10.45 -2.84
C LYS A 23 -1.01 -9.32 -1.82
N VAL A 24 -1.35 -8.12 -2.31
CA VAL A 24 -1.65 -6.99 -1.45
C VAL A 24 -2.67 -6.07 -2.11
N MET A 25 -3.74 -5.74 -1.39
CA MET A 25 -4.78 -4.85 -1.89
C MET A 25 -4.61 -3.46 -1.28
N ILE A 26 -4.21 -2.50 -2.11
CA ILE A 26 -4.01 -1.13 -1.65
C ILE A 26 -5.36 -0.42 -1.53
N ARG A 27 -5.76 -0.12 -0.29
CA ARG A 27 -7.06 0.48 -0.02
C ARG A 27 -6.93 1.97 0.26
N LYS A 28 -7.56 2.78 -0.58
CA LYS A 28 -7.68 4.21 -0.29
C LYS A 28 -8.91 4.44 0.57
N THR A 29 -8.73 5.14 1.67
CA THR A 29 -9.80 5.33 2.65
C THR A 29 -9.78 6.74 3.20
N ALA A 30 -10.88 7.15 3.84
CA ALA A 30 -10.97 8.46 4.49
C ALA A 30 -10.01 8.52 5.66
N THR A 31 -9.67 7.33 6.18
CA THR A 31 -8.68 7.21 7.25
C THR A 31 -7.28 7.60 6.74
N GLY A 32 -7.15 7.68 5.41
CA GLY A 32 -5.90 8.09 4.80
C GLY A 32 -5.39 7.08 3.81
N HIS A 33 -4.44 6.26 4.24
CA HIS A 33 -3.84 5.23 3.39
C HIS A 33 -3.84 3.90 4.14
N SER A 34 -4.35 2.85 3.51
CA SER A 34 -4.39 1.53 4.13
C SER A 34 -4.03 0.46 3.11
N ALA A 35 -3.45 -0.65 3.57
CA ALA A 35 -3.06 -1.73 2.69
C ALA A 35 -3.32 -3.09 3.35
N TYR A 36 -3.97 -3.99 2.60
CA TYR A 36 -4.19 -5.35 3.06
C TYR A 36 -3.15 -6.27 2.44
N VAL A 37 -2.16 -6.65 3.24
CA VAL A 37 -1.10 -7.54 2.79
C VAL A 37 -1.47 -9.00 3.09
N ALA A 38 -1.86 -9.73 2.05
CA ALA A 38 -2.26 -11.13 2.22
C ALA A 38 -1.11 -11.99 2.73
N LYS A 39 0.10 -11.61 2.37
CA LYS A 39 1.32 -12.30 2.83
C LYS A 39 1.36 -12.39 4.36
N LYS A 40 1.08 -11.27 5.02
CA LYS A 40 1.12 -11.18 6.47
C LYS A 40 -0.31 -11.29 7.02
N ASP A 41 -1.29 -11.19 6.11
CA ASP A 41 -2.71 -11.10 6.48
C ASP A 41 -2.93 -9.84 7.33
N LEU A 42 -2.11 -8.83 7.04
CA LEU A 42 -2.08 -7.59 7.82
C LEU A 42 -2.74 -6.45 7.05
N GLU A 43 -3.76 -5.85 7.65
CA GLU A 43 -4.36 -4.63 7.12
C GLU A 43 -3.95 -3.47 8.02
N GLU A 44 -3.07 -2.61 7.54
CA GLU A 44 -2.53 -1.52 8.35
C GLU A 44 -2.48 -0.22 7.55
N LEU A 45 -2.34 0.89 8.25
CA LEU A 45 -2.26 2.21 7.64
C LEU A 45 -0.85 2.47 7.10
N ILE A 46 -0.78 3.04 5.91
CA ILE A 46 0.49 3.44 5.31
C ILE A 46 0.90 4.81 5.87
N VAL A 47 1.56 4.77 7.02
CA VAL A 47 2.02 5.98 7.71
C VAL A 47 3.20 6.59 6.98
N GLU A 48 3.97 5.75 6.32
CA GLU A 48 5.17 6.18 5.61
C GLU A 48 5.12 5.70 4.16
N MET A 49 5.28 6.63 3.23
CA MET A 49 5.15 6.33 1.81
C MET A 49 6.13 7.16 0.98
N GLU A 50 6.65 6.55 -0.07
CA GLU A 50 7.65 7.17 -0.95
C GLU A 50 7.13 8.47 -1.57
N ASN A 51 5.97 8.37 -2.22
CA ASN A 51 5.41 9.49 -2.96
C ASN A 51 4.50 10.33 -2.05
N PRO A 52 4.47 11.67 -2.25
CA PRO A 52 3.58 12.58 -1.51
C PRO A 52 2.13 12.11 -1.55
N ALA A 53 1.73 11.47 -2.64
CA ALA A 53 0.39 10.89 -2.76
C ALA A 53 0.36 9.52 -2.13
N LEU A 54 1.13 8.59 -2.70
CA LEU A 54 1.16 7.21 -2.23
C LEU A 54 2.08 6.36 -3.13
N TRP A 55 1.60 6.09 -4.35
CA TRP A 55 2.30 5.23 -5.29
C TRP A 55 3.55 5.91 -5.83
N GLY A 56 4.71 5.30 -5.62
CA GLY A 56 5.96 5.91 -6.04
C GLY A 56 7.11 4.92 -6.11
N GLY A 57 7.34 4.19 -5.02
CA GLY A 57 8.47 3.28 -4.94
C GLY A 57 8.33 2.29 -3.81
N LYS A 58 8.39 2.79 -2.57
CA LYS A 58 8.24 1.95 -1.39
C LYS A 58 7.28 2.60 -0.39
N VAL A 59 6.78 1.79 0.54
CA VAL A 59 5.91 2.26 1.63
C VAL A 59 6.18 1.43 2.88
N THR A 60 5.62 1.87 4.00
CA THR A 60 5.77 1.16 5.27
C THR A 60 4.47 1.25 6.07
N LEU A 61 3.97 0.10 6.51
CA LEU A 61 2.77 0.04 7.35
C LEU A 61 3.13 0.48 8.78
N ALA A 62 2.13 0.95 9.51
CA ALA A 62 2.32 1.46 10.87
C ALA A 62 2.91 0.41 11.82
N ASN A 63 2.82 -0.86 11.45
CA ASN A 63 3.35 -1.97 12.26
C ASN A 63 4.79 -2.27 11.89
N GLY A 64 5.38 -1.44 11.05
CA GLY A 64 6.79 -1.60 10.69
C GLY A 64 7.00 -2.69 9.65
N TRP A 65 6.02 -2.87 8.77
CA TRP A 65 6.14 -3.82 7.68
C TRP A 65 6.31 -3.04 6.37
N GLN A 66 7.45 -3.21 5.71
CA GLN A 66 7.74 -2.47 4.48
C GLN A 66 7.18 -3.20 3.26
N LEU A 67 6.63 -2.42 2.33
CA LEU A 67 6.06 -2.95 1.11
C LEU A 67 6.49 -2.07 -0.06
N GLU A 68 6.80 -2.69 -1.19
CA GLU A 68 7.13 -1.95 -2.40
C GLU A 68 5.84 -1.51 -3.10
N LEU A 69 5.79 -0.24 -3.50
CA LEU A 69 4.59 0.31 -4.13
C LEU A 69 4.97 1.10 -5.38
N PRO A 70 4.85 0.48 -6.58
CA PRO A 70 5.23 1.11 -7.84
C PRO A 70 4.43 2.38 -8.13
N ALA A 71 5.00 3.27 -8.94
CA ALA A 71 4.32 4.50 -9.33
C ALA A 71 3.25 4.21 -10.38
N MET A 72 2.09 3.76 -9.93
CA MET A 72 0.97 3.44 -10.81
C MET A 72 -0.19 4.40 -10.59
N ALA A 73 -1.31 4.13 -11.26
CA ALA A 73 -2.49 4.99 -11.21
C ALA A 73 -3.08 5.05 -9.79
N ALA A 74 -2.79 6.15 -9.10
CA ALA A 74 -3.35 6.40 -7.77
C ALA A 74 -4.75 6.99 -7.88
N ASP A 75 -5.05 7.52 -9.07
CA ASP A 75 -6.34 8.16 -9.33
C ASP A 75 -7.46 7.14 -9.46
N THR A 76 -7.10 5.85 -9.42
CA THR A 76 -8.07 4.77 -9.53
C THR A 76 -9.15 4.90 -8.44
N PRO A 77 -10.43 4.73 -8.80
CA PRO A 77 -11.55 4.89 -7.87
C PRO A 77 -11.87 3.61 -7.11
N LEU A 78 -10.98 2.64 -7.16
CA LEU A 78 -11.20 1.35 -6.50
C LEU A 78 -9.90 0.83 -5.87
N PRO A 79 -10.01 0.00 -4.82
CA PRO A 79 -8.85 -0.63 -4.18
C PRO A 79 -8.23 -1.70 -5.08
N ILE A 80 -7.10 -1.37 -5.69
CA ILE A 80 -6.45 -2.27 -6.64
C ILE A 80 -5.46 -3.19 -5.92
N THR A 81 -5.43 -4.45 -6.35
CA THR A 81 -4.51 -5.45 -5.82
C THR A 81 -3.26 -5.54 -6.70
N VAL A 82 -2.09 -5.48 -6.07
CA VAL A 82 -0.82 -5.55 -6.78
C VAL A 82 0.08 -6.61 -6.18
N GLU A 83 1.23 -6.85 -6.80
CA GLU A 83 2.19 -7.83 -6.33
C GLU A 83 2.90 -7.32 -5.07
N ALA A 84 2.82 -8.08 -3.98
CA ALA A 84 3.41 -7.68 -2.71
C ALA A 84 4.90 -8.04 -2.67
N ARG A 85 5.75 -7.02 -2.71
CA ARG A 85 7.19 -7.21 -2.51
C ARG A 85 7.57 -6.77 -1.10
N LYS A 86 8.01 -7.72 -0.29
CA LYS A 86 8.46 -7.45 1.07
C LYS A 86 9.88 -6.87 1.04
N LEU A 87 10.05 -5.72 1.67
CA LEU A 87 11.34 -5.04 1.73
C LEU A 87 12.00 -5.32 3.09
N MET A 22 3.55 -12.24 -5.85
CA MET A 22 3.07 -11.81 -4.51
C MET A 22 1.86 -10.90 -4.65
N LYS A 23 0.91 -11.03 -3.73
CA LYS A 23 -0.38 -10.33 -3.84
C LYS A 23 -0.63 -9.42 -2.63
N VAL A 24 -0.98 -8.16 -2.91
CA VAL A 24 -1.36 -7.20 -1.88
C VAL A 24 -2.45 -6.27 -2.39
N MET A 25 -3.40 -5.90 -1.53
CA MET A 25 -4.46 -4.98 -1.89
C MET A 25 -4.31 -3.67 -1.12
N ILE A 26 -4.14 -2.58 -1.85
CA ILE A 26 -4.01 -1.25 -1.24
C ILE A 26 -5.39 -0.63 -1.08
N ARG A 27 -5.79 -0.41 0.17
CA ARG A 27 -7.10 0.15 0.49
C ARG A 27 -7.01 1.65 0.72
N LYS A 28 -8.08 2.38 0.39
CA LYS A 28 -8.12 3.82 0.57
C LYS A 28 -9.43 4.25 1.22
N THR A 29 -9.36 5.34 1.99
CA THR A 29 -10.52 6.00 2.55
C THR A 29 -10.28 7.51 2.51
N ALA A 30 -11.11 8.28 3.20
CA ALA A 30 -10.91 9.73 3.28
C ALA A 30 -9.55 10.04 3.91
N THR A 31 -8.53 10.15 3.06
CA THR A 31 -7.14 10.40 3.47
C THR A 31 -6.49 9.12 4.05
N GLY A 32 -7.24 8.39 4.86
CA GLY A 32 -6.73 7.17 5.45
C GLY A 32 -6.36 6.13 4.42
N HIS A 33 -5.08 5.75 4.39
CA HIS A 33 -4.60 4.72 3.49
C HIS A 33 -4.22 3.48 4.29
N SER A 34 -4.39 2.31 3.69
CA SER A 34 -4.03 1.05 4.35
C SER A 34 -3.62 0.00 3.32
N ALA A 35 -2.92 -1.02 3.77
CA ALA A 35 -2.46 -2.10 2.90
C ALA A 35 -2.83 -3.45 3.50
N TYR A 36 -3.44 -4.31 2.69
CA TYR A 36 -3.90 -5.62 3.14
C TYR A 36 -3.22 -6.73 2.35
N VAL A 37 -2.26 -7.41 2.99
CA VAL A 37 -1.63 -8.59 2.42
C VAL A 37 -2.53 -9.79 2.63
N ALA A 38 -3.40 -10.03 1.65
CA ALA A 38 -4.45 -11.06 1.74
C ALA A 38 -3.92 -12.41 2.18
N LYS A 39 -2.83 -12.86 1.55
CA LYS A 39 -2.29 -14.21 1.82
C LYS A 39 -1.85 -14.37 3.27
N LYS A 40 -1.56 -13.25 3.93
CA LYS A 40 -1.09 -13.27 5.31
C LYS A 40 -2.17 -12.76 6.26
N ASP A 41 -3.17 -12.09 5.71
CA ASP A 41 -4.24 -11.46 6.49
C ASP A 41 -3.68 -10.24 7.25
N LEU A 42 -2.58 -9.71 6.74
CA LEU A 42 -1.93 -8.54 7.34
C LEU A 42 -2.60 -7.28 6.81
N GLU A 43 -3.13 -6.45 7.70
CA GLU A 43 -3.68 -5.15 7.32
C GLU A 43 -3.18 -4.07 8.27
N GLU A 44 -2.43 -3.11 7.74
CA GLU A 44 -1.89 -2.02 8.55
C GLU A 44 -2.12 -0.69 7.84
N LEU A 45 -2.11 0.38 8.62
CA LEU A 45 -2.29 1.73 8.09
C LEU A 45 -1.01 2.21 7.43
N ILE A 46 -1.14 2.90 6.31
CA ILE A 46 -0.02 3.50 5.61
C ILE A 46 0.33 4.85 6.24
N VAL A 47 1.51 4.94 6.84
CA VAL A 47 1.94 6.18 7.52
C VAL A 47 2.93 6.98 6.66
N GLU A 48 3.90 6.30 6.07
CA GLU A 48 4.93 6.96 5.28
C GLU A 48 5.07 6.32 3.91
N MET A 49 4.97 7.13 2.87
CA MET A 49 5.21 6.68 1.50
C MET A 49 6.48 7.33 0.98
N GLU A 50 6.98 6.84 -0.14
CA GLU A 50 8.12 7.47 -0.83
C GLU A 50 7.61 8.60 -1.72
N ASN A 51 6.29 8.65 -1.88
CA ASN A 51 5.62 9.69 -2.66
C ASN A 51 4.53 10.34 -1.81
N PRO A 52 4.33 11.67 -1.93
CA PRO A 52 3.36 12.41 -1.12
C PRO A 52 1.94 11.86 -1.25
N ALA A 53 1.58 11.42 -2.45
CA ALA A 53 0.26 10.88 -2.72
C ALA A 53 0.10 9.48 -2.10
N LEU A 54 0.79 8.51 -2.69
CA LEU A 54 0.72 7.12 -2.23
C LEU A 54 1.59 6.24 -3.12
N TRP A 55 1.18 6.13 -4.38
CA TRP A 55 1.83 5.25 -5.34
C TRP A 55 3.06 5.91 -5.96
N GLY A 56 3.96 5.09 -6.49
CA GLY A 56 5.16 5.58 -7.13
C GLY A 56 6.35 4.71 -6.80
N GLY A 57 6.70 4.67 -5.52
CA GLY A 57 7.79 3.84 -5.06
C GLY A 57 7.42 3.02 -3.83
N LYS A 58 8.22 3.11 -2.79
CA LYS A 58 8.06 2.27 -1.59
C LYS A 58 7.15 2.94 -0.55
N VAL A 59 6.72 2.15 0.43
CA VAL A 59 5.86 2.62 1.50
C VAL A 59 6.17 1.87 2.79
N THR A 60 5.75 2.42 3.92
CA THR A 60 5.98 1.80 5.22
C THR A 60 4.67 1.76 6.03
N LEU A 61 4.31 0.57 6.50
CA LEU A 61 3.13 0.38 7.33
C LEU A 61 3.35 0.98 8.72
N ALA A 62 2.26 1.26 9.41
CA ALA A 62 2.32 1.88 10.73
C ALA A 62 3.13 1.05 11.72
N ASN A 63 3.23 -0.25 11.47
CA ASN A 63 3.93 -1.16 12.39
C ASN A 63 5.29 -1.60 11.81
N GLY A 64 5.82 -0.81 10.87
CA GLY A 64 7.20 -0.99 10.43
C GLY A 64 7.37 -1.73 9.12
N TRP A 65 6.49 -2.69 8.84
CA TRP A 65 6.58 -3.50 7.61
C TRP A 65 6.65 -2.61 6.37
N GLN A 66 7.64 -2.84 5.51
CA GLN A 66 7.81 -2.03 4.31
C GLN A 66 7.34 -2.79 3.07
N LEU A 67 6.65 -2.09 2.18
CA LEU A 67 6.11 -2.66 0.95
C LEU A 67 6.36 -1.68 -0.18
N GLU A 68 6.64 -2.17 -1.38
CA GLU A 68 6.97 -1.29 -2.51
C GLU A 68 5.85 -1.34 -3.56
N LEU A 69 5.40 -0.15 -3.96
CA LEU A 69 4.35 -0.01 -4.96
C LEU A 69 4.93 -0.14 -6.37
N PRO A 70 4.19 -0.73 -7.31
CA PRO A 70 4.62 -0.89 -8.71
C PRO A 70 4.34 0.34 -9.56
N ALA A 71 4.33 1.51 -8.91
CA ALA A 71 4.10 2.80 -9.58
C ALA A 71 2.77 2.83 -10.35
N MET A 72 1.75 3.38 -9.70
CA MET A 72 0.43 3.55 -10.31
C MET A 72 -0.08 4.96 -10.03
N ALA A 73 -1.32 5.23 -10.41
CA ALA A 73 -1.97 6.50 -10.08
C ALA A 73 -2.69 6.38 -8.74
N ALA A 74 -2.70 7.47 -7.97
CA ALA A 74 -3.36 7.49 -6.67
C ALA A 74 -4.89 7.45 -6.84
N ASP A 75 -5.36 7.99 -7.96
CA ASP A 75 -6.79 8.06 -8.25
C ASP A 75 -7.33 6.72 -8.75
N THR A 76 -7.04 5.66 -8.00
CA THR A 76 -7.64 4.35 -8.28
C THR A 76 -9.09 4.36 -7.81
N PRO A 77 -10.05 4.06 -8.71
CA PRO A 77 -11.49 4.13 -8.39
C PRO A 77 -11.91 3.07 -7.37
N LEU A 78 -11.00 2.16 -7.05
CA LEU A 78 -11.28 1.08 -6.11
C LEU A 78 -9.99 0.64 -5.41
N PRO A 79 -10.10 -0.10 -4.30
CA PRO A 79 -8.93 -0.72 -3.64
C PRO A 79 -8.33 -1.80 -4.54
N ILE A 80 -7.27 -1.44 -5.25
CA ILE A 80 -6.71 -2.29 -6.29
C ILE A 80 -5.69 -3.26 -5.72
N THR A 81 -5.68 -4.48 -6.26
CA THR A 81 -4.73 -5.50 -5.88
C THR A 81 -3.54 -5.50 -6.84
N VAL A 82 -2.34 -5.32 -6.32
CA VAL A 82 -1.14 -5.20 -7.14
C VAL A 82 -0.04 -6.14 -6.67
N GLU A 83 1.05 -6.17 -7.45
CA GLU A 83 2.22 -6.96 -7.13
C GLU A 83 2.86 -6.46 -5.84
N ALA A 84 3.07 -7.37 -4.89
CA ALA A 84 3.67 -7.02 -3.61
C ALA A 84 5.18 -7.17 -3.67
N ARG A 85 5.89 -6.06 -3.64
CA ARG A 85 7.35 -6.07 -3.61
C ARG A 85 7.83 -5.79 -2.18
N LYS A 86 8.19 -6.85 -1.48
CA LYS A 86 8.59 -6.76 -0.08
C LYS A 86 10.03 -6.26 0.05
N LEU A 87 10.25 -5.30 0.95
CA LEU A 87 11.58 -4.80 1.23
C LEU A 87 12.22 -5.67 2.31
N MET A 22 2.38 -12.47 -5.34
CA MET A 22 1.57 -12.55 -4.09
C MET A 22 0.65 -11.34 -3.98
N LYS A 23 -0.38 -11.45 -3.15
CA LYS A 23 -1.51 -10.54 -3.19
C LYS A 23 -1.46 -9.51 -2.08
N VAL A 24 -1.58 -8.25 -2.46
CA VAL A 24 -1.76 -7.16 -1.51
C VAL A 24 -2.76 -6.16 -2.08
N MET A 25 -3.77 -5.83 -1.30
CA MET A 25 -4.84 -4.92 -1.75
C MET A 25 -4.73 -3.58 -1.02
N ILE A 26 -4.37 -2.55 -1.78
CA ILE A 26 -4.23 -1.21 -1.23
C ILE A 26 -5.57 -0.50 -1.19
N ARG A 27 -5.90 0.10 -0.05
CA ARG A 27 -7.13 0.88 0.09
C ARG A 27 -6.81 2.36 -0.12
N LYS A 28 -7.47 2.97 -1.09
CA LYS A 28 -7.30 4.39 -1.38
C LYS A 28 -8.35 5.21 -0.63
N THR A 29 -7.87 6.05 0.29
CA THR A 29 -8.74 6.91 1.08
C THR A 29 -7.96 8.17 1.49
N ALA A 30 -8.52 9.34 1.20
CA ALA A 30 -7.83 10.61 1.39
C ALA A 30 -7.70 10.99 2.87
N THR A 31 -8.14 10.12 3.77
CA THR A 31 -8.01 10.35 5.20
C THR A 31 -7.35 9.16 5.91
N GLY A 32 -7.00 8.12 5.15
CA GLY A 32 -6.43 6.94 5.75
C GLY A 32 -6.10 5.87 4.72
N HIS A 33 -4.82 5.77 4.37
CA HIS A 33 -4.35 4.75 3.45
C HIS A 33 -4.17 3.43 4.20
N SER A 34 -4.47 2.31 3.54
CA SER A 34 -4.35 1.00 4.16
C SER A 34 -3.86 -0.01 3.14
N ALA A 35 -3.36 -1.15 3.63
CA ALA A 35 -2.83 -2.20 2.76
C ALA A 35 -3.11 -3.57 3.36
N TYR A 36 -3.79 -4.42 2.60
CA TYR A 36 -4.11 -5.78 3.02
C TYR A 36 -3.18 -6.78 2.35
N VAL A 37 -2.20 -7.26 3.10
CA VAL A 37 -1.28 -8.29 2.63
C VAL A 37 -1.90 -9.67 2.83
N ALA A 38 -2.49 -10.22 1.77
CA ALA A 38 -3.24 -11.47 1.84
C ALA A 38 -2.36 -12.64 2.31
N LYS A 39 -1.12 -12.68 1.81
CA LYS A 39 -0.20 -13.78 2.13
C LYS A 39 0.26 -13.75 3.58
N LYS A 40 -0.13 -12.70 4.30
CA LYS A 40 0.23 -12.54 5.71
C LYS A 40 -1.01 -12.20 6.53
N ASP A 41 -2.19 -12.33 5.87
CA ASP A 41 -3.49 -11.96 6.46
C ASP A 41 -3.40 -10.64 7.24
N LEU A 42 -2.48 -9.78 6.81
CA LEU A 42 -2.18 -8.54 7.50
C LEU A 42 -2.86 -7.36 6.82
N GLU A 43 -3.52 -6.53 7.61
CA GLU A 43 -4.05 -5.26 7.13
C GLU A 43 -3.70 -4.17 8.12
N GLU A 44 -2.84 -3.25 7.70
CA GLU A 44 -2.35 -2.19 8.57
C GLU A 44 -2.50 -0.83 7.89
N LEU A 45 -2.42 0.24 8.67
CA LEU A 45 -2.52 1.59 8.13
C LEU A 45 -1.19 2.02 7.52
N ILE A 46 -1.26 2.57 6.32
CA ILE A 46 -0.11 3.12 5.63
C ILE A 46 0.25 4.48 6.23
N VAL A 47 1.22 4.47 7.14
CA VAL A 47 1.64 5.69 7.82
C VAL A 47 2.74 6.40 7.03
N GLU A 48 3.53 5.63 6.30
CA GLU A 48 4.59 6.19 5.47
C GLU A 48 4.41 5.75 4.04
N MET A 49 4.65 6.66 3.10
CA MET A 49 4.49 6.41 1.69
C MET A 49 5.46 7.25 0.88
N GLU A 50 5.90 6.72 -0.25
CA GLU A 50 6.85 7.41 -1.13
C GLU A 50 6.30 8.79 -1.53
N ASN A 51 5.02 8.82 -1.85
CA ASN A 51 4.34 10.06 -2.24
C ASN A 51 3.03 10.18 -1.47
N PRO A 52 2.63 11.42 -1.10
CA PRO A 52 1.42 11.67 -0.30
C PRO A 52 0.18 10.98 -0.87
N ALA A 53 0.17 10.76 -2.18
CA ALA A 53 -0.91 10.03 -2.83
C ALA A 53 -0.93 8.58 -2.33
N LEU A 54 0.17 7.87 -2.60
CA LEU A 54 0.32 6.45 -2.25
C LEU A 54 1.53 5.87 -2.97
N TRP A 55 1.45 5.87 -4.30
CA TRP A 55 2.43 5.18 -5.15
C TRP A 55 3.62 6.09 -5.48
N GLY A 56 4.74 5.47 -5.83
CA GLY A 56 5.93 6.23 -6.19
C GLY A 56 7.19 5.40 -6.06
N GLY A 57 7.19 4.49 -5.09
CA GLY A 57 8.35 3.64 -4.86
C GLY A 57 8.14 2.66 -3.73
N LYS A 58 8.25 3.12 -2.49
CA LYS A 58 8.08 2.27 -1.33
C LYS A 58 7.11 2.87 -0.32
N VAL A 59 6.62 2.02 0.58
CA VAL A 59 5.64 2.39 1.60
C VAL A 59 5.94 1.61 2.88
N THR A 60 5.52 2.15 4.03
CA THR A 60 5.70 1.46 5.30
C THR A 60 4.40 1.50 6.11
N LEU A 61 3.96 0.33 6.55
CA LEU A 61 2.77 0.21 7.40
C LEU A 61 3.11 0.65 8.83
N ALA A 62 2.06 0.85 9.64
CA ALA A 62 2.24 1.30 11.02
C ALA A 62 3.04 0.30 11.85
N ASN A 63 3.07 -0.95 11.40
CA ASN A 63 3.79 -2.03 12.10
C ASN A 63 5.23 -2.16 11.60
N GLY A 64 5.63 -1.29 10.66
CA GLY A 64 7.00 -1.28 10.18
C GLY A 64 7.22 -2.18 8.97
N TRP A 65 6.14 -2.71 8.41
CA TRP A 65 6.23 -3.54 7.20
C TRP A 65 6.44 -2.65 5.98
N GLN A 66 7.57 -2.84 5.30
CA GLN A 66 7.90 -2.05 4.12
C GLN A 66 7.42 -2.76 2.85
N LEU A 67 6.50 -2.12 2.13
CA LEU A 67 5.90 -2.69 0.92
C LEU A 67 6.29 -1.80 -0.27
N GLU A 68 6.71 -2.42 -1.37
CA GLU A 68 7.13 -1.68 -2.56
C GLU A 68 5.95 -1.46 -3.51
N LEU A 69 5.64 -0.20 -3.78
CA LEU A 69 4.60 0.16 -4.73
C LEU A 69 5.26 0.76 -5.98
N PRO A 70 5.31 0.02 -7.09
CA PRO A 70 6.14 0.36 -8.26
C PRO A 70 5.54 1.47 -9.14
N ALA A 71 5.05 2.53 -8.50
CA ALA A 71 4.52 3.70 -9.20
C ALA A 71 3.49 3.32 -10.26
N MET A 72 2.26 3.10 -9.84
CA MET A 72 1.15 2.78 -10.73
C MET A 72 0.09 3.86 -10.61
N ALA A 73 -1.17 3.53 -10.92
CA ALA A 73 -2.28 4.47 -10.77
C ALA A 73 -2.27 5.10 -9.37
N ALA A 74 -1.90 6.37 -9.31
CA ALA A 74 -1.73 7.07 -8.04
C ALA A 74 -3.04 7.14 -7.25
N ASP A 75 -4.15 7.27 -7.96
CA ASP A 75 -5.46 7.35 -7.33
C ASP A 75 -6.46 6.44 -8.05
N THR A 76 -6.74 5.29 -7.45
CA THR A 76 -7.72 4.37 -7.97
C THR A 76 -9.06 4.56 -7.24
N PRO A 77 -10.19 4.49 -7.96
CA PRO A 77 -11.53 4.65 -7.36
C PRO A 77 -11.99 3.41 -6.61
N LEU A 78 -11.07 2.45 -6.48
CA LEU A 78 -11.36 1.18 -5.82
C LEU A 78 -10.10 0.67 -5.11
N PRO A 79 -10.25 -0.26 -4.14
CA PRO A 79 -9.10 -0.90 -3.51
C PRO A 79 -8.35 -1.78 -4.51
N ILE A 80 -7.17 -1.31 -4.91
CA ILE A 80 -6.42 -1.94 -5.99
C ILE A 80 -5.52 -3.06 -5.47
N THR A 81 -5.49 -4.16 -6.21
CA THR A 81 -4.70 -5.33 -5.84
C THR A 81 -3.45 -5.45 -6.71
N VAL A 82 -2.29 -5.57 -6.09
CA VAL A 82 -1.01 -5.68 -6.79
C VAL A 82 -0.11 -6.72 -6.13
N GLU A 83 1.06 -6.93 -6.72
CA GLU A 83 2.06 -7.85 -6.20
C GLU A 83 2.75 -7.27 -4.96
N ALA A 84 2.71 -8.02 -3.86
CA ALA A 84 3.32 -7.57 -2.61
C ALA A 84 4.83 -7.84 -2.62
N ARG A 85 5.60 -6.77 -2.68
CA ARG A 85 7.05 -6.86 -2.62
C ARG A 85 7.54 -6.27 -1.29
N LYS A 86 8.50 -6.94 -0.67
CA LYS A 86 8.95 -6.59 0.67
C LYS A 86 10.37 -6.05 0.66
N LEU A 87 10.55 -4.84 1.19
CA LEU A 87 11.88 -4.26 1.34
C LEU A 87 12.57 -4.87 2.56
#